data_6XC9
#
_entry.id   6XC9
#
_cell.length_a   65.993
_cell.length_b   114.790
_cell.length_c   153.926
_cell.angle_alpha   90.000
_cell.angle_beta   90.066
_cell.angle_gamma   90.000
#
_symmetry.space_group_name_H-M   'P 1 21 1'
#
loop_
_entity.id
_entity.type
_entity.pdbx_description
1 polymer 'MHC class II HLA-DQ-alpha chain'
2 polymer 'Hybrid Insulin Peptide, MHC class II HLA-DQ-beta chain fusion'
3 polymer 'T-CELL-RECEPTOR, A3.10-alpha chain'
4 polymer 'T-CELL-RECEPTOR, A3.10-beta chain'
5 branched alpha-D-mannopyranose-(1-4)-2-acetamido-2-deoxy-beta-D-glucopyranose-(1-4)-2-acetamido-2-deoxy-beta-D-glucopyranose
6 branched 2-acetamido-2-deoxy-beta-D-glucopyranose-(1-4)-[alpha-L-fucopyranose-(1-6)]2-acetamido-2-deoxy-beta-D-glucopyranose
7 non-polymer 2-acetamido-2-deoxy-beta-D-glucopyranose
8 non-polymer GLYCEROL
9 water water
#
loop_
_entity_poly.entity_id
_entity_poly.type
_entity_poly.pdbx_seq_one_letter_code
_entity_poly.pdbx_strand_id
1 'polypeptide(L)'
;EDIVADHVASYGVNLYQSYGPSGQYSHEFDGDEEFYVDLERKETVWQLPLFRRFRRFDPQFALTNIAVLKHNLNCVIKRS
NSTAATNEVPEVTVFSKSPVTLGQPNTLICLVDNIFPPVVNITWLSNGHSVTEGVSETSFLSKSDHSFFKISYLTFLPSA
DEIYDCKVEHWGLDEPLLKHWEPESTGGDDDDK
;
A,F
2 'polypeptide(L)'
;GQVELGGGNAVEVCKGSGGSIEGRGGSGASRDSPEDFVYQFKGMCYFTNGTERVRLVTRYIYNREEYARFDSDVGVYRAV
TPLGPPAAEYWNSQKEVLERTRAELDTVCRHNYQLELRTTLQRRVEPTVTISPSRTEALNHHNLLVCSVTDFYPAQIKVR
WFRNDQEETTGVVSTPLIRNGDWTFQILVMLEMTPQRGDVYTCHVEHPSLQNPIIVEWRAQSTGGDDDDK
;
C,H
3 'polypeptide(L)'
;MQTVTQSQPEMSVQEAETVTLSCTYDTSESNYYLFWYKQPPSRQMILVIRQEAYKQQNATENRFSVNFQKAAKSFSLKIS
DSQLGDTAMYFCAFFGQGAQKLVFGQGTRLTINPNIQNPDPAVYQLRDSKSSDKSVCLFTDFDSQTNVSQSKDSDVYITD
KCVLDMRSMDFKSNSAVAWSNKSDFACANAFNNSIIPEDTFFPSPESS
;
D,I
4 'polypeptide(L)'
;MGVTQTPRYLIKTRGQQVTLSCSPISGHRSVSWYQQTPGQGLQFLFEYFSETQRNKGNFPGRFSGRQFSNSRSEMNVSTL
ELGDSALYLCASSLSASGGATDTQYFGPGTRLTVLEDLKNVFPPEVAVFEPSEAEISHTQKATLVCLATGFFPDHVELSW
WVNGKEVHSGVCTDPQPLKEQPALNDSRYALSSRLRVSATFWQNPRNHFRCQVQFYGLSENDEWTQDRAKPVTQIVSAEA
WGRAD
;
E,J
#
loop_
_chem_comp.id
_chem_comp.type
_chem_comp.name
_chem_comp.formula
FUC L-saccharide, alpha linking alpha-L-fucopyranose 'C6 H12 O5'
GOL non-polymer GLYCEROL 'C3 H8 O3'
MAN D-saccharide, alpha linking alpha-D-mannopyranose 'C6 H12 O6'
NAG D-saccharide, beta linking 2-acetamido-2-deoxy-beta-D-glucopyranose 'C8 H15 N O6'
#
# COMPACT_ATOMS: atom_id res chain seq x y z
N ASP A 2 -30.58 53.92 -32.27
CA ASP A 2 -30.76 54.06 -30.84
C ASP A 2 -32.02 53.32 -30.39
N ILE A 3 -32.13 53.04 -29.10
CA ILE A 3 -33.28 52.34 -28.54
C ILE A 3 -34.22 53.36 -27.92
N VAL A 4 -35.44 53.45 -28.45
CA VAL A 4 -36.46 54.33 -27.93
C VAL A 4 -37.35 53.53 -26.98
N ALA A 5 -37.58 54.06 -25.79
CA ALA A 5 -38.39 53.34 -24.80
C ALA A 5 -38.96 54.36 -23.83
N ASP A 6 -40.08 53.97 -23.20
CA ASP A 6 -40.71 54.84 -22.21
C ASP A 6 -39.85 54.99 -20.97
N HIS A 7 -39.16 53.92 -20.57
CA HIS A 7 -38.34 53.92 -19.37
C HIS A 7 -37.10 53.07 -19.61
N VAL A 8 -35.98 53.55 -19.10
CA VAL A 8 -34.71 52.84 -19.17
C VAL A 8 -34.18 52.65 -17.76
N ALA A 9 -33.81 51.43 -17.43
CA ALA A 9 -33.24 51.13 -16.13
C ALA A 9 -31.90 50.45 -16.29
N SER A 10 -30.99 50.74 -15.37
CA SER A 10 -29.71 50.04 -15.28
C SER A 10 -29.79 49.21 -14.00
N TYR A 11 -30.31 48.00 -14.14
CA TYR A 11 -30.38 47.07 -13.02
C TYR A 11 -29.02 46.37 -12.98
N GLY A 12 -28.05 47.16 -12.55
CA GLY A 12 -26.66 46.79 -12.58
C GLY A 12 -25.85 47.79 -13.36
N VAL A 13 -25.47 48.89 -12.74
CA VAL A 13 -24.27 49.61 -13.14
C VAL A 13 -23.15 48.98 -12.31
N ASN A 14 -22.30 48.18 -12.96
CA ASN A 14 -21.22 47.45 -12.31
C ASN A 14 -19.90 48.08 -12.75
N LEU A 15 -19.10 48.50 -11.79
CA LEU A 15 -17.84 49.17 -12.09
C LEU A 15 -16.71 48.57 -11.26
N TYR A 16 -15.56 48.34 -11.89
CA TYR A 16 -14.35 47.98 -11.19
C TYR A 16 -13.15 48.51 -11.95
N GLN A 17 -12.17 49.05 -11.23
CA GLN A 17 -10.99 49.62 -11.87
C GLN A 17 -9.75 49.32 -11.05
N SER A 18 -8.61 49.24 -11.75
CA SER A 18 -7.35 48.88 -11.12
C SER A 18 -6.84 49.96 -10.18
N TYR A 19 -7.17 51.22 -10.45
CA TYR A 19 -6.67 52.30 -9.61
C TYR A 19 -7.39 52.28 -8.27
N GLY A 20 -6.66 51.97 -7.19
CA GLY A 20 -7.24 51.86 -5.89
C GLY A 20 -6.82 50.57 -5.20
N PRO A 21 -7.38 49.43 -5.63
CA PRO A 21 -8.45 49.34 -6.62
C PRO A 21 -9.80 49.73 -6.03
N SER A 22 -10.76 50.08 -6.87
CA SER A 22 -12.08 50.48 -6.39
C SER A 22 -13.15 49.98 -7.34
N GLY A 23 -14.37 49.88 -6.81
CA GLY A 23 -15.51 49.43 -7.57
C GLY A 23 -16.76 50.18 -7.16
N GLN A 24 -17.83 49.92 -7.91
CA GLN A 24 -19.12 50.52 -7.60
C GLN A 24 -20.21 49.60 -8.10
N TYR A 25 -21.25 49.42 -7.29
CA TYR A 25 -22.47 48.76 -7.73
C TYR A 25 -23.65 49.67 -7.41
N SER A 26 -24.48 49.95 -8.42
CA SER A 26 -25.63 50.82 -8.23
C SER A 26 -26.71 50.48 -9.25
N HIS A 27 -27.95 50.83 -8.91
CA HIS A 27 -29.09 50.71 -9.83
C HIS A 27 -29.60 52.10 -10.18
N GLU A 28 -30.02 52.26 -11.44
CA GLU A 28 -30.54 53.51 -11.94
C GLU A 28 -31.88 53.28 -12.63
N PHE A 29 -32.75 54.29 -12.57
CA PHE A 29 -34.01 54.26 -13.29
C PHE A 29 -34.26 55.63 -13.89
N ASP A 30 -34.35 55.68 -15.23
CA ASP A 30 -34.54 56.92 -15.97
C ASP A 30 -33.48 57.96 -15.61
N GLY A 31 -32.24 57.48 -15.44
CA GLY A 31 -31.10 58.35 -15.26
C GLY A 31 -30.83 58.81 -13.85
N ASP A 32 -31.56 58.33 -12.86
CA ASP A 32 -31.35 58.71 -11.47
C ASP A 32 -30.95 57.49 -10.67
N GLU A 33 -30.15 57.72 -9.63
CA GLU A 33 -29.58 56.64 -8.84
C GLU A 33 -30.57 56.17 -7.78
N GLU A 34 -30.95 54.90 -7.83
CA GLU A 34 -31.83 54.34 -6.80
C GLU A 34 -31.05 53.97 -5.55
N PHE A 35 -29.88 53.35 -5.71
CA PHE A 35 -29.05 53.00 -4.57
C PHE A 35 -27.66 52.70 -5.07
N TYR A 36 -26.72 52.69 -4.13
CA TYR A 36 -25.41 52.07 -4.33
C TYR A 36 -25.17 51.12 -3.17
N VAL A 37 -24.28 50.16 -3.38
CA VAL A 37 -23.91 49.22 -2.33
C VAL A 37 -22.54 49.61 -1.81
N ASP A 38 -22.47 49.89 -0.50
CA ASP A 38 -21.19 50.12 0.15
C ASP A 38 -20.46 48.79 0.24
N LEU A 39 -19.47 48.61 -0.62
CA LEU A 39 -18.79 47.32 -0.72
C LEU A 39 -17.95 47.02 0.53
N GLU A 40 -17.42 48.05 1.19
CA GLU A 40 -16.64 47.83 2.40
C GLU A 40 -17.51 47.49 3.59
N ARG A 41 -18.63 48.19 3.75
CA ARG A 41 -19.54 47.96 4.87
C ARG A 41 -20.62 46.93 4.58
N LYS A 42 -20.74 46.47 3.33
CA LYS A 42 -21.75 45.48 2.94
C LYS A 42 -23.15 45.97 3.30
N GLU A 43 -23.51 47.13 2.76
CA GLU A 43 -24.78 47.76 3.05
C GLU A 43 -25.35 48.37 1.78
N THR A 44 -26.66 48.21 1.59
CA THR A 44 -27.39 48.86 0.51
C THR A 44 -27.83 50.23 1.00
N VAL A 45 -27.49 51.27 0.24
CA VAL A 45 -27.73 52.66 0.64
C VAL A 45 -28.65 53.27 -0.41
N TRP A 46 -29.96 53.26 -0.14
CA TRP A 46 -30.91 53.85 -1.07
C TRP A 46 -30.84 55.37 -1.03
N GLN A 47 -31.10 55.99 -2.18
CA GLN A 47 -30.93 57.42 -2.35
C GLN A 47 -32.20 58.21 -2.04
N LEU A 48 -33.29 57.54 -1.68
CA LEU A 48 -34.51 58.20 -1.23
C LEU A 48 -35.04 57.45 -0.01
N PRO A 49 -35.52 58.18 1.00
CA PRO A 49 -36.20 57.50 2.12
C PRO A 49 -37.44 56.73 1.69
N LEU A 50 -38.06 57.10 0.57
CA LEU A 50 -39.11 56.28 -0.02
C LEU A 50 -38.60 54.88 -0.31
N PHE A 51 -37.38 54.77 -0.84
CA PHE A 51 -36.89 53.49 -1.31
C PHE A 51 -36.54 52.55 -0.17
N ARG A 52 -35.89 53.05 0.89
CA ARG A 52 -35.49 52.16 1.98
C ARG A 52 -36.69 51.54 2.67
N ARG A 53 -37.79 52.30 2.81
CA ARG A 53 -38.94 51.80 3.53
C ARG A 53 -39.63 50.67 2.77
N PHE A 54 -39.64 50.73 1.44
CA PHE A 54 -40.48 49.86 0.64
C PHE A 54 -39.73 48.89 -0.27
N ARG A 55 -38.41 49.03 -0.40
CA ARG A 55 -37.66 48.22 -1.36
C ARG A 55 -36.50 47.53 -0.65
N ARG A 56 -36.16 46.35 -1.15
CA ARG A 56 -35.08 45.54 -0.61
C ARG A 56 -34.08 45.21 -1.71
N PHE A 57 -32.80 45.26 -1.36
CA PHE A 57 -31.74 44.76 -2.21
C PHE A 57 -30.63 44.23 -1.32
N ASP A 58 -30.23 42.97 -1.54
CA ASP A 58 -29.20 42.39 -0.68
C ASP A 58 -27.83 42.79 -1.19
N PRO A 59 -26.99 43.38 -0.33
CA PRO A 59 -25.65 43.79 -0.79
C PRO A 59 -24.79 42.63 -1.30
N GLN A 60 -25.06 41.39 -0.88
CA GLN A 60 -24.23 40.28 -1.33
C GLN A 60 -24.29 40.11 -2.84
N PHE A 61 -25.41 40.47 -3.46
CA PHE A 61 -25.46 40.39 -4.93
C PHE A 61 -24.39 41.29 -5.53
N ALA A 62 -24.18 42.47 -4.95
CA ALA A 62 -23.17 43.38 -5.47
C ALA A 62 -21.77 42.83 -5.24
N LEU A 63 -21.48 42.34 -4.02
CA LEU A 63 -20.15 41.82 -3.73
C LEU A 63 -19.77 40.68 -4.66
N THR A 64 -20.74 39.80 -4.94
CA THR A 64 -20.49 38.70 -5.86
C THR A 64 -20.19 39.22 -7.26
N ASN A 65 -21.03 40.13 -7.77
CA ASN A 65 -20.86 40.62 -9.13
C ASN A 65 -19.55 41.39 -9.30
N ILE A 66 -19.20 42.22 -8.31
CA ILE A 66 -17.96 42.99 -8.41
C ILE A 66 -16.75 42.05 -8.42
N ALA A 67 -16.81 40.96 -7.66
CA ALA A 67 -15.72 39.99 -7.67
C ALA A 67 -15.54 39.39 -9.06
N VAL A 68 -16.65 39.18 -9.78
CA VAL A 68 -16.56 38.72 -11.16
C VAL A 68 -15.92 39.79 -12.04
N LEU A 69 -16.30 41.05 -11.85
CA LEU A 69 -15.70 42.14 -12.63
C LEU A 69 -14.19 42.15 -12.45
N LYS A 70 -13.71 41.97 -11.22
CA LYS A 70 -12.27 41.90 -10.99
C LYS A 70 -11.65 40.79 -11.83
N HIS A 71 -12.31 39.63 -11.87
CA HIS A 71 -11.82 38.53 -12.70
C HIS A 71 -11.87 38.89 -14.18
N ASN A 72 -12.99 39.47 -14.63
CA ASN A 72 -13.11 39.81 -16.04
C ASN A 72 -12.10 40.87 -16.44
N LEU A 73 -11.85 41.84 -15.57
CA LEU A 73 -10.89 42.90 -15.88
C LEU A 73 -9.51 42.33 -16.13
N ASN A 74 -9.03 41.43 -15.25
CA ASN A 74 -7.73 40.81 -15.45
C ASN A 74 -7.67 40.08 -16.78
N CYS A 75 -8.75 39.40 -17.15
CA CYS A 75 -8.75 38.63 -18.39
C CYS A 75 -8.67 39.56 -19.61
N VAL A 76 -9.40 40.68 -19.58
CA VAL A 76 -9.41 41.57 -20.74
C VAL A 76 -8.18 42.49 -20.77
N ILE A 77 -7.56 42.75 -19.61
CA ILE A 77 -6.28 43.45 -19.62
C ILE A 77 -5.26 42.66 -20.44
N LYS A 78 -5.21 41.35 -20.23
CA LYS A 78 -4.30 40.52 -21.02
C LYS A 78 -4.73 40.48 -22.48
N ARG A 79 -6.03 40.31 -22.73
CA ARG A 79 -6.49 40.17 -24.12
C ARG A 79 -6.25 41.45 -24.91
N SER A 80 -6.31 42.61 -24.27
CA SER A 80 -6.09 43.88 -24.94
C SER A 80 -4.61 44.27 -24.97
N ASN A 81 -3.70 43.38 -24.57
CA ASN A 81 -2.28 43.71 -24.49
C ASN A 81 -2.06 44.92 -23.59
N SER A 82 -2.73 44.92 -22.44
CA SER A 82 -2.60 45.97 -21.43
C SER A 82 -2.90 47.36 -22.00
N THR A 83 -4.09 47.49 -22.57
CA THR A 83 -4.55 48.78 -23.10
C THR A 83 -5.18 49.58 -21.97
N ALA A 84 -4.54 50.69 -21.61
CA ALA A 84 -5.01 51.51 -20.50
C ALA A 84 -6.13 52.44 -20.95
N ALA A 85 -6.88 52.94 -19.98
CA ALA A 85 -7.97 53.85 -20.25
C ALA A 85 -7.44 55.19 -20.76
N THR A 86 -8.24 55.83 -21.60
CA THR A 86 -7.94 57.17 -22.09
C THR A 86 -8.61 58.21 -21.21
N ASN A 87 -7.83 59.17 -20.73
CA ASN A 87 -8.39 60.25 -19.92
C ASN A 87 -9.26 61.16 -20.77
N GLU A 88 -10.46 61.46 -20.28
CA GLU A 88 -11.32 62.45 -20.90
C GLU A 88 -11.26 63.75 -20.11
N VAL A 89 -11.63 64.84 -20.77
CA VAL A 89 -11.67 66.16 -20.15
C VAL A 89 -13.07 66.33 -19.55
N PRO A 90 -13.20 66.44 -18.22
CA PRO A 90 -14.52 66.61 -17.62
C PRO A 90 -15.08 68.00 -17.89
N GLU A 91 -16.41 68.11 -17.75
CA GLU A 91 -17.13 69.35 -17.93
C GLU A 91 -17.89 69.68 -16.65
N VAL A 92 -17.69 70.89 -16.12
CA VAL A 92 -18.20 71.28 -14.81
C VAL A 92 -19.18 72.45 -14.95
N THR A 93 -20.29 72.35 -14.24
CA THR A 93 -21.33 73.38 -14.19
C THR A 93 -21.84 73.51 -12.77
N VAL A 94 -22.03 74.74 -12.32
CA VAL A 94 -22.51 75.03 -10.97
C VAL A 94 -23.78 75.87 -11.07
N PHE A 95 -24.79 75.49 -10.29
CA PHE A 95 -26.07 76.19 -10.28
C PHE A 95 -26.77 75.85 -8.97
N SER A 96 -27.79 76.63 -8.65
CA SER A 96 -28.55 76.45 -7.42
C SER A 96 -29.74 75.54 -7.67
N LYS A 97 -30.20 74.89 -6.60
CA LYS A 97 -31.34 73.99 -6.69
C LYS A 97 -32.64 74.75 -6.92
N SER A 98 -32.80 75.90 -6.26
CA SER A 98 -34.02 76.70 -6.36
C SER A 98 -33.65 78.17 -6.51
N PRO A 99 -34.61 79.05 -6.85
CA PRO A 99 -34.28 80.48 -6.96
C PRO A 99 -33.65 81.02 -5.68
N VAL A 100 -32.62 81.82 -5.85
CA VAL A 100 -31.80 82.27 -4.72
C VAL A 100 -32.48 83.44 -4.04
N THR A 101 -32.62 83.35 -2.71
CA THR A 101 -33.12 84.44 -1.89
C THR A 101 -32.26 84.52 -0.64
N LEU A 102 -31.59 85.65 -0.46
CA LEU A 102 -30.69 85.84 0.68
C LEU A 102 -31.41 85.52 1.98
N GLY A 103 -30.78 84.68 2.80
CA GLY A 103 -31.36 84.27 4.06
C GLY A 103 -32.21 83.03 4.02
N GLN A 104 -32.59 82.56 2.82
CA GLN A 104 -33.44 81.37 2.69
C GLN A 104 -32.59 80.17 2.33
N PRO A 105 -32.61 79.10 3.12
CA PRO A 105 -31.76 77.93 2.82
C PRO A 105 -31.94 77.45 1.39
N ASN A 106 -30.82 77.14 0.74
CA ASN A 106 -30.80 76.70 -0.65
C ASN A 106 -29.72 75.64 -0.78
N THR A 107 -29.45 75.24 -2.02
CA THR A 107 -28.47 74.18 -2.28
C THR A 107 -27.72 74.51 -3.56
N LEU A 108 -26.40 74.49 -3.48
CA LEU A 108 -25.57 74.59 -4.67
C LEU A 108 -25.32 73.21 -5.24
N ILE A 109 -25.37 73.12 -6.57
CA ILE A 109 -25.22 71.86 -7.28
C ILE A 109 -24.03 71.99 -8.21
N CYS A 110 -23.09 71.04 -8.12
CA CYS A 110 -21.93 71.01 -8.99
C CYS A 110 -22.01 69.74 -9.82
N LEU A 111 -22.31 69.88 -11.11
CA LEU A 111 -22.36 68.76 -12.04
C LEU A 111 -21.01 68.61 -12.71
N VAL A 112 -20.35 67.47 -12.48
CA VAL A 112 -19.12 67.11 -13.15
C VAL A 112 -19.47 66.07 -14.20
N ASP A 113 -19.44 66.48 -15.47
CA ASP A 113 -19.90 65.64 -16.56
C ASP A 113 -18.72 65.13 -17.37
N ASN A 114 -18.97 64.08 -18.16
CA ASN A 114 -17.97 63.49 -19.04
C ASN A 114 -16.73 63.06 -18.25
N ILE A 115 -16.96 62.30 -17.19
CA ILE A 115 -15.88 61.82 -16.34
C ILE A 115 -15.41 60.48 -16.87
N PHE A 116 -14.12 60.39 -17.21
CA PHE A 116 -13.49 59.09 -17.45
C PHE A 116 -11.98 59.23 -17.42
N PRO A 117 -11.28 58.38 -16.65
CA PRO A 117 -11.84 57.31 -15.82
C PRO A 117 -12.57 57.82 -14.58
N PRO A 118 -13.40 56.97 -13.96
CA PRO A 118 -14.16 57.41 -12.77
C PRO A 118 -13.29 57.60 -11.55
N VAL A 119 -12.39 58.58 -11.62
CA VAL A 119 -11.55 58.99 -10.49
C VAL A 119 -11.52 60.51 -10.52
N VAL A 120 -12.03 61.15 -9.47
CA VAL A 120 -12.21 62.60 -9.50
C VAL A 120 -12.23 63.14 -8.08
N ASN A 121 -11.80 64.39 -7.92
CA ASN A 121 -11.96 65.14 -6.68
C ASN A 121 -12.93 66.29 -6.92
N ILE A 122 -13.94 66.39 -6.06
CA ILE A 122 -14.88 67.49 -6.08
C ILE A 122 -14.84 68.15 -4.71
N THR A 123 -14.48 69.42 -4.67
CA THR A 123 -14.31 70.16 -3.43
C THR A 123 -15.05 71.47 -3.51
N TRP A 124 -15.83 71.77 -2.48
CA TRP A 124 -16.49 73.06 -2.35
C TRP A 124 -15.59 74.01 -1.59
N LEU A 125 -15.48 75.23 -2.10
CA LEU A 125 -14.77 76.31 -1.43
C LEU A 125 -15.78 77.38 -1.09
N SER A 126 -15.77 77.83 0.17
CA SER A 126 -16.54 79.00 0.59
C SER A 126 -15.55 80.06 1.01
N ASN A 127 -15.53 81.17 0.26
CA ASN A 127 -14.59 82.27 0.51
C ASN A 127 -13.15 81.76 0.59
N GLY A 128 -12.82 80.84 -0.32
CA GLY A 128 -11.45 80.38 -0.50
C GLY A 128 -11.02 79.23 0.38
N HIS A 129 -11.91 78.64 1.16
CA HIS A 129 -11.53 77.57 2.08
C HIS A 129 -12.41 76.35 1.86
N SER A 130 -11.82 75.18 2.07
CA SER A 130 -12.52 73.92 1.86
C SER A 130 -13.68 73.79 2.83
N VAL A 131 -14.83 73.37 2.32
CA VAL A 131 -16.03 73.18 3.12
C VAL A 131 -16.55 71.76 2.91
N THR A 132 -16.69 71.01 4.01
CA THR A 132 -17.30 69.69 3.96
C THR A 132 -18.63 69.62 4.69
N GLU A 133 -18.95 70.62 5.52
CA GLU A 133 -20.21 70.63 6.24
C GLU A 133 -21.36 70.91 5.27
N GLY A 134 -22.40 70.09 5.35
CA GLY A 134 -23.53 70.22 4.45
C GLY A 134 -23.23 69.79 3.03
N VAL A 135 -22.23 68.92 2.86
CA VAL A 135 -21.79 68.46 1.54
C VAL A 135 -22.19 66.99 1.39
N SER A 136 -22.76 66.67 0.24
CA SER A 136 -23.04 65.28 -0.12
C SER A 136 -22.85 65.15 -1.62
N GLU A 137 -22.88 63.92 -2.11
CA GLU A 137 -22.73 63.73 -3.54
C GLU A 137 -23.37 62.41 -3.95
N THR A 138 -23.65 62.32 -5.24
CA THR A 138 -24.11 61.07 -5.82
C THR A 138 -22.92 60.14 -6.05
N SER A 139 -23.23 58.90 -6.40
CA SER A 139 -22.20 57.99 -6.91
C SER A 139 -21.87 58.41 -8.34
N PHE A 140 -21.04 57.63 -9.01
CA PHE A 140 -20.84 57.83 -10.43
C PHE A 140 -22.09 57.37 -11.17
N LEU A 141 -22.69 58.28 -11.94
CA LEU A 141 -23.87 57.99 -12.73
C LEU A 141 -23.44 57.65 -14.15
N SER A 142 -24.03 56.61 -14.72
CA SER A 142 -23.61 56.11 -16.01
C SER A 142 -24.09 57.01 -17.14
N LYS A 143 -23.38 56.96 -18.25
CA LYS A 143 -23.78 57.64 -19.47
C LYS A 143 -23.74 56.64 -20.61
N SER A 144 -24.52 56.91 -21.65
CA SER A 144 -24.67 55.94 -22.73
C SER A 144 -23.36 55.73 -23.49
N ASP A 145 -22.44 56.69 -23.47
CA ASP A 145 -21.13 56.52 -24.07
C ASP A 145 -20.12 55.92 -23.10
N HIS A 146 -20.58 55.38 -21.97
CA HIS A 146 -19.81 54.65 -20.98
C HIS A 146 -18.80 55.53 -20.24
N SER A 147 -18.94 56.85 -20.32
CA SER A 147 -18.31 57.74 -19.35
C SER A 147 -19.29 57.93 -18.19
N PHE A 148 -18.91 58.76 -17.23
CA PHE A 148 -19.72 58.96 -16.04
C PHE A 148 -19.94 60.45 -15.80
N PHE A 149 -20.94 60.76 -14.98
CA PHE A 149 -21.07 62.06 -14.38
C PHE A 149 -21.35 61.89 -12.90
N LYS A 150 -21.04 62.93 -12.13
CA LYS A 150 -21.17 62.91 -10.68
C LYS A 150 -21.60 64.29 -10.23
N ILE A 151 -22.46 64.34 -9.22
CA ILE A 151 -23.03 65.60 -8.76
C ILE A 151 -22.78 65.74 -7.27
N SER A 152 -22.24 66.89 -6.87
CA SER A 152 -22.03 67.21 -5.47
C SER A 152 -22.97 68.34 -5.06
N TYR A 153 -23.36 68.32 -3.78
CA TYR A 153 -24.33 69.28 -3.25
C TYR A 153 -23.75 70.00 -2.04
N LEU A 154 -24.04 71.28 -1.93
CA LEU A 154 -23.66 72.10 -0.79
C LEU A 154 -24.90 72.84 -0.31
N THR A 155 -25.39 72.50 0.88
CA THR A 155 -26.45 73.27 1.50
C THR A 155 -25.85 74.51 2.12
N PHE A 156 -26.48 75.67 1.87
CA PHE A 156 -25.88 76.93 2.29
C PHE A 156 -26.99 77.96 2.53
N LEU A 157 -26.63 78.99 3.29
CA LEU A 157 -27.49 80.15 3.49
C LEU A 157 -27.01 81.27 2.57
N PRO A 158 -27.74 81.61 1.51
CA PRO A 158 -27.30 82.69 0.62
C PRO A 158 -27.11 83.99 1.39
N SER A 159 -25.94 84.60 1.20
CA SER A 159 -25.64 85.88 1.82
C SER A 159 -24.81 86.71 0.86
N ALA A 160 -24.94 88.03 0.99
CA ALA A 160 -24.14 88.94 0.17
C ALA A 160 -22.66 88.88 0.47
N ASP A 161 -22.25 88.23 1.56
CA ASP A 161 -20.84 88.16 1.89
C ASP A 161 -20.31 86.73 1.88
N GLU A 162 -20.67 85.94 0.88
CA GLU A 162 -20.16 84.58 0.78
C GLU A 162 -20.20 84.13 -0.68
N ILE A 163 -19.04 83.79 -1.23
CA ILE A 163 -18.93 83.32 -2.60
C ILE A 163 -18.38 81.89 -2.56
N TYR A 164 -18.64 81.15 -3.64
CA TYR A 164 -18.38 79.73 -3.66
C TYR A 164 -17.66 79.31 -4.92
N ASP A 165 -16.92 78.21 -4.82
CA ASP A 165 -16.28 77.58 -5.96
C ASP A 165 -16.43 76.08 -5.82
N CYS A 166 -16.59 75.40 -6.95
CA CYS A 166 -16.53 73.95 -7.03
C CYS A 166 -15.19 73.59 -7.65
N LYS A 167 -14.31 72.95 -6.87
CA LYS A 167 -12.97 72.60 -7.33
C LYS A 167 -12.96 71.14 -7.78
N VAL A 168 -12.64 70.92 -9.05
CA VAL A 168 -12.65 69.59 -9.64
C VAL A 168 -11.24 69.23 -10.09
N GLU A 169 -10.77 68.06 -9.66
CA GLU A 169 -9.45 67.55 -10.02
C GLU A 169 -9.62 66.23 -10.75
N HIS A 170 -9.09 66.17 -11.98
CA HIS A 170 -9.18 64.97 -12.80
C HIS A 170 -7.94 64.88 -13.68
N TRP A 171 -7.52 63.64 -13.99
CA TRP A 171 -6.30 63.44 -14.78
C TRP A 171 -6.41 64.02 -16.17
N GLY A 172 -7.63 64.21 -16.70
CA GLY A 172 -7.82 64.85 -17.98
C GLY A 172 -7.66 66.36 -17.96
N LEU A 173 -7.40 66.95 -16.80
CA LEU A 173 -7.21 68.38 -16.64
C LEU A 173 -5.75 68.67 -16.32
N ASP A 174 -5.22 69.75 -16.89
CA ASP A 174 -3.85 70.15 -16.59
C ASP A 174 -3.71 70.72 -15.19
N GLU A 175 -4.80 71.21 -14.61
CA GLU A 175 -4.78 71.83 -13.30
C GLU A 175 -6.19 71.78 -12.73
N PRO A 176 -6.35 71.91 -11.41
CA PRO A 176 -7.70 71.91 -10.83
C PRO A 176 -8.59 72.94 -11.49
N LEU A 177 -9.81 72.53 -11.82
CA LEU A 177 -10.78 73.38 -12.47
C LEU A 177 -11.72 73.95 -11.43
N LEU A 178 -11.87 75.27 -11.41
CA LEU A 178 -12.72 75.95 -10.44
C LEU A 178 -13.85 76.67 -11.17
N LYS A 179 -15.09 76.26 -10.89
CA LYS A 179 -16.27 76.96 -11.37
C LYS A 179 -16.85 77.80 -10.25
N HIS A 180 -16.93 79.11 -10.48
CA HIS A 180 -17.30 80.07 -9.44
C HIS A 180 -18.81 80.31 -9.49
N TRP A 181 -19.40 80.57 -8.32
CA TRP A 181 -20.82 80.88 -8.22
C TRP A 181 -21.03 81.96 -7.18
N GLU A 182 -21.95 82.89 -7.46
CA GLU A 182 -22.25 83.99 -6.55
C GLU A 182 -23.74 84.30 -6.57
N PRO A 183 -24.28 84.79 -5.43
CA PRO A 183 -25.70 85.16 -5.37
C PRO A 183 -26.06 86.38 -6.22
N GLU A 184 -27.26 86.93 -5.98
CA GLU A 184 -27.77 88.01 -6.80
C GLU A 184 -26.90 89.25 -6.71
N SER A 185 -26.45 89.61 -5.50
CA SER A 185 -25.59 90.77 -5.32
C SER A 185 -24.39 90.43 -4.42
N GLY B 1 -40.75 45.58 -0.20
CA GLY B 1 -40.96 44.70 -1.34
C GLY B 1 -40.07 43.47 -1.29
N GLN B 2 -40.18 42.61 -2.30
CA GLN B 2 -39.34 41.44 -2.37
C GLN B 2 -37.92 41.85 -2.80
N VAL B 3 -36.94 41.03 -2.42
CA VAL B 3 -35.55 41.35 -2.72
C VAL B 3 -35.38 41.48 -4.22
N GLU B 4 -34.88 42.64 -4.66
CA GLU B 4 -34.64 42.90 -6.07
C GLU B 4 -33.26 42.40 -6.47
N LEU B 5 -33.08 42.17 -7.77
CA LEU B 5 -31.87 41.58 -8.31
C LEU B 5 -31.34 42.44 -9.44
N GLY B 6 -30.07 42.21 -9.77
CA GLY B 6 -29.47 42.77 -10.97
C GLY B 6 -29.15 41.67 -11.96
N GLY B 7 -28.63 42.09 -13.11
CA GLY B 7 -28.15 41.12 -14.08
C GLY B 7 -26.86 40.49 -13.58
N GLY B 8 -26.76 39.16 -13.71
CA GLY B 8 -25.53 38.48 -13.33
C GLY B 8 -24.52 38.56 -14.46
N ASN B 9 -23.32 39.03 -14.16
CA ASN B 9 -22.30 39.19 -15.19
C ASN B 9 -21.65 37.85 -15.50
N ALA B 10 -21.57 37.53 -16.79
CA ALA B 10 -20.93 36.29 -17.22
C ALA B 10 -19.43 36.36 -16.93
N VAL B 11 -18.88 35.20 -16.58
CA VAL B 11 -17.48 35.10 -16.19
C VAL B 11 -16.61 34.98 -17.44
N GLU B 12 -15.59 35.82 -17.53
CA GLU B 12 -14.71 35.78 -18.68
C GLU B 12 -13.93 34.45 -18.74
N VAL B 13 -13.41 34.16 -19.93
CA VAL B 13 -12.95 32.81 -20.26
C VAL B 13 -11.78 32.38 -19.38
N CYS B 14 -10.90 33.30 -19.00
CA CYS B 14 -9.69 32.94 -18.25
C CYS B 14 -10.04 32.15 -17.00
N LYS B 15 -9.20 31.18 -16.68
CA LYS B 15 -9.49 30.26 -15.58
C LYS B 15 -8.92 30.70 -14.25
N GLY B 16 -7.86 31.51 -14.25
CA GLY B 16 -7.23 31.90 -13.01
C GLY B 16 -7.29 33.38 -12.72
N SER B 17 -7.14 33.75 -11.45
CA SER B 17 -7.11 35.15 -11.01
C SER B 17 -8.28 35.96 -11.57
N ARG B 31 2.41 57.03 -17.88
CA ARG B 31 2.99 58.24 -18.43
C ARG B 31 2.94 59.39 -17.43
N ASP B 32 2.39 60.53 -17.84
CA ASP B 32 2.28 61.68 -16.94
C ASP B 32 1.22 61.43 -15.87
N SER B 33 0.10 60.82 -16.23
CA SER B 33 -0.96 60.44 -15.32
C SER B 33 -0.85 58.96 -14.97
N PRO B 34 -1.41 58.54 -13.83
CA PRO B 34 -1.38 57.12 -13.49
C PRO B 34 -2.21 56.30 -14.47
N GLU B 35 -1.80 55.06 -14.67
CA GLU B 35 -2.56 54.14 -15.51
C GLU B 35 -3.79 53.63 -14.79
N ASP B 36 -4.85 53.40 -15.56
CA ASP B 36 -6.09 52.88 -15.00
C ASP B 36 -6.72 51.92 -16.01
N PHE B 37 -7.04 50.72 -15.55
CA PHE B 37 -7.77 49.75 -16.35
C PHE B 37 -9.16 49.60 -15.74
N VAL B 38 -10.18 49.83 -16.56
CA VAL B 38 -11.57 49.94 -16.10
C VAL B 38 -12.41 48.86 -16.76
N TYR B 39 -13.24 48.20 -15.97
CA TYR B 39 -14.21 47.23 -16.47
C TYR B 39 -15.61 47.68 -16.05
N GLN B 40 -16.55 47.59 -16.98
CA GLN B 40 -17.92 47.98 -16.74
C GLN B 40 -18.84 46.86 -17.21
N PHE B 41 -19.87 46.58 -16.43
CA PHE B 41 -20.97 45.70 -16.83
C PHE B 41 -22.28 46.41 -16.53
N LYS B 42 -23.15 46.49 -17.52
CA LYS B 42 -24.43 47.21 -17.41
C LYS B 42 -25.57 46.26 -17.74
N GLY B 43 -26.41 45.97 -16.75
CA GLY B 43 -27.64 45.25 -17.00
C GLY B 43 -28.78 46.20 -17.24
N MET B 44 -29.14 46.39 -18.50
CA MET B 44 -30.06 47.45 -18.88
C MET B 44 -31.40 46.87 -19.32
N CYS B 45 -32.48 47.43 -18.79
CA CYS B 45 -33.84 47.02 -19.12
C CYS B 45 -34.55 48.19 -19.77
N TYR B 46 -35.18 47.94 -20.90
CA TYR B 46 -35.96 48.94 -21.62
C TYR B 46 -37.43 48.56 -21.58
N PHE B 47 -38.26 49.49 -21.10
CA PHE B 47 -39.68 49.25 -20.93
C PHE B 47 -40.46 50.20 -21.82
N THR B 48 -41.46 49.67 -22.51
CA THR B 48 -42.33 50.49 -23.35
C THR B 48 -43.75 49.99 -23.20
N ASN B 49 -44.68 50.92 -22.97
CA ASN B 49 -46.10 50.59 -22.84
C ASN B 49 -46.30 49.59 -21.69
N GLY B 50 -45.95 50.04 -20.49
CA GLY B 50 -45.94 49.15 -19.33
C GLY B 50 -44.85 48.10 -19.49
N THR B 51 -45.20 46.84 -19.24
CA THR B 51 -44.31 45.71 -19.49
C THR B 51 -44.74 44.92 -20.72
N GLU B 52 -45.51 45.54 -21.61
CA GLU B 52 -45.89 44.88 -22.85
C GLU B 52 -44.68 44.65 -23.75
N ARG B 53 -43.76 45.61 -23.79
CA ARG B 53 -42.54 45.51 -24.58
C ARG B 53 -41.37 45.74 -23.63
N VAL B 54 -40.65 44.66 -23.32
CA VAL B 54 -39.49 44.70 -22.44
C VAL B 54 -38.29 44.14 -23.19
N ARG B 55 -37.15 44.79 -23.03
CA ARG B 55 -35.93 44.39 -23.73
C ARG B 55 -34.77 44.46 -22.75
N LEU B 56 -34.03 43.36 -22.64
CA LEU B 56 -32.84 43.28 -21.80
C LEU B 56 -31.59 43.35 -22.66
N VAL B 57 -30.70 44.28 -22.33
CA VAL B 57 -29.42 44.40 -23.00
C VAL B 57 -28.34 44.49 -21.92
N THR B 58 -27.53 43.45 -21.80
CA THR B 58 -26.40 43.44 -20.88
C THR B 58 -25.14 43.76 -21.67
N ARG B 59 -24.39 44.74 -21.18
CA ARG B 59 -23.26 45.31 -21.92
C ARG B 59 -21.97 45.07 -21.15
N TYR B 60 -20.97 44.54 -21.84
CA TYR B 60 -19.66 44.25 -21.28
C TYR B 60 -18.66 45.22 -21.88
N ILE B 61 -18.04 46.04 -21.03
CA ILE B 61 -17.27 47.19 -21.47
C ILE B 61 -15.88 47.12 -20.84
N TYR B 62 -14.85 47.27 -21.66
CA TYR B 62 -13.48 47.41 -21.22
C TYR B 62 -13.06 48.86 -21.42
N ASN B 63 -12.73 49.54 -20.31
CA ASN B 63 -12.59 50.99 -20.30
C ASN B 63 -13.90 51.60 -20.79
N ARG B 64 -13.89 52.17 -22.00
CA ARG B 64 -15.11 52.70 -22.60
C ARG B 64 -15.52 51.93 -23.85
N GLU B 65 -14.93 50.77 -24.09
CA GLU B 65 -15.19 50.00 -25.29
C GLU B 65 -16.17 48.88 -24.93
N GLU B 66 -17.40 49.00 -25.44
CA GLU B 66 -18.38 47.93 -25.33
C GLU B 66 -17.99 46.85 -26.32
N TYR B 67 -17.51 45.71 -25.81
CA TYR B 67 -16.95 44.68 -26.68
C TYR B 67 -17.82 43.46 -26.84
N ALA B 68 -18.79 43.25 -25.95
CA ALA B 68 -19.71 42.13 -26.07
C ALA B 68 -21.01 42.52 -25.39
N ARG B 69 -22.11 41.94 -25.87
CA ARG B 69 -23.39 42.24 -25.26
C ARG B 69 -24.36 41.09 -25.51
N PHE B 70 -25.30 40.92 -24.58
CA PHE B 70 -26.47 40.07 -24.77
C PHE B 70 -27.67 40.98 -25.01
N ASP B 71 -28.46 40.64 -26.03
CA ASP B 71 -29.64 41.41 -26.39
C ASP B 71 -30.83 40.45 -26.46
N SER B 72 -31.83 40.70 -25.62
CA SER B 72 -32.98 39.81 -25.56
C SER B 72 -33.73 39.77 -26.89
N ASP B 73 -33.66 40.84 -27.68
CA ASP B 73 -34.23 40.80 -29.02
C ASP B 73 -33.49 39.85 -29.94
N VAL B 74 -32.26 39.48 -29.60
CA VAL B 74 -31.47 38.54 -30.37
C VAL B 74 -31.46 37.16 -29.73
N GLY B 75 -31.30 37.10 -28.41
CA GLY B 75 -31.40 35.86 -27.67
C GLY B 75 -30.09 35.16 -27.39
N VAL B 76 -28.98 35.66 -27.95
CA VAL B 76 -27.65 35.12 -27.70
C VAL B 76 -26.69 36.28 -27.51
N TYR B 77 -25.52 35.97 -26.97
CA TYR B 77 -24.47 36.97 -26.86
C TYR B 77 -23.84 37.22 -28.23
N ARG B 78 -23.39 38.45 -28.44
CA ARG B 78 -22.75 38.83 -29.69
C ARG B 78 -21.51 39.65 -29.38
N ALA B 79 -20.50 39.50 -30.23
CA ALA B 79 -19.31 40.31 -30.17
C ALA B 79 -19.60 41.66 -30.79
N VAL B 80 -19.08 42.72 -30.17
CA VAL B 80 -19.22 44.06 -30.70
C VAL B 80 -17.94 44.55 -31.37
N THR B 81 -16.80 44.28 -30.76
CA THR B 81 -15.47 44.63 -31.27
C THR B 81 -14.63 43.38 -31.31
N PRO B 82 -13.46 43.43 -31.99
CA PRO B 82 -12.57 42.26 -32.03
C PRO B 82 -12.17 41.72 -30.66
N LEU B 83 -12.41 42.48 -29.59
CA LEU B 83 -12.16 42.01 -28.23
C LEU B 83 -13.23 41.03 -27.73
N GLY B 84 -14.34 40.91 -28.45
CA GLY B 84 -15.49 40.18 -27.98
C GLY B 84 -15.67 38.72 -28.39
N PRO B 85 -15.17 38.29 -29.57
CA PRO B 85 -15.46 36.91 -30.04
C PRO B 85 -15.12 35.85 -29.01
N PRO B 86 -13.96 35.89 -28.34
CA PRO B 86 -13.70 34.83 -27.34
C PRO B 86 -14.74 34.79 -26.23
N ALA B 87 -15.23 35.94 -25.77
CA ALA B 87 -16.21 35.95 -24.69
C ALA B 87 -17.59 35.51 -25.18
N ALA B 88 -18.05 36.09 -26.30
CA ALA B 88 -19.40 35.78 -26.77
C ALA B 88 -19.54 34.32 -27.14
N GLU B 89 -18.53 33.74 -27.80
CA GLU B 89 -18.57 32.33 -28.13
C GLU B 89 -18.60 31.47 -26.88
N TYR B 90 -17.77 31.82 -25.89
CA TYR B 90 -17.74 31.07 -24.64
C TYR B 90 -19.08 31.14 -23.90
N TRP B 91 -19.66 32.33 -23.81
CA TRP B 91 -20.91 32.47 -23.08
C TRP B 91 -22.08 31.82 -23.83
N ASN B 92 -22.06 31.85 -25.16
CA ASN B 92 -23.12 31.21 -25.93
C ASN B 92 -23.04 29.69 -25.91
N SER B 93 -21.88 29.12 -25.56
CA SER B 93 -21.73 27.67 -25.54
C SER B 93 -22.14 27.04 -24.22
N GLN B 94 -22.28 27.83 -23.17
CA GLN B 94 -22.67 27.34 -21.86
C GLN B 94 -24.16 27.56 -21.66
N LYS B 95 -24.92 26.47 -21.51
CA LYS B 95 -26.35 26.61 -21.27
C LYS B 95 -26.63 27.30 -19.95
N GLU B 96 -25.74 27.14 -18.97
CA GLU B 96 -25.94 27.79 -17.67
C GLU B 96 -25.78 29.30 -17.75
N VAL B 97 -25.11 29.82 -18.77
CA VAL B 97 -25.02 31.27 -18.96
C VAL B 97 -26.17 31.80 -19.80
N LEU B 98 -26.44 31.16 -20.94
CA LEU B 98 -27.47 31.65 -21.86
C LEU B 98 -28.85 31.63 -21.22
N GLU B 99 -29.25 30.48 -20.67
CA GLU B 99 -30.60 30.34 -20.14
C GLU B 99 -30.81 31.23 -18.93
N ARG B 100 -29.78 31.38 -18.10
CA ARG B 100 -29.89 32.26 -16.94
C ARG B 100 -30.01 33.71 -17.37
N THR B 101 -29.24 34.13 -18.37
CA THR B 101 -29.34 35.49 -18.87
C THR B 101 -30.68 35.76 -19.53
N ARG B 102 -31.19 34.79 -20.30
CA ARG B 102 -32.49 34.96 -20.93
C ARG B 102 -33.59 35.10 -19.89
N ALA B 103 -33.48 34.34 -18.79
CA ALA B 103 -34.49 34.41 -17.73
C ALA B 103 -34.47 35.75 -17.01
N GLU B 104 -33.38 36.53 -17.10
CA GLU B 104 -33.30 37.80 -16.40
C GLU B 104 -34.29 38.83 -16.93
N LEU B 105 -34.78 38.65 -18.17
CA LEU B 105 -35.86 39.50 -18.66
C LEU B 105 -37.06 39.47 -17.72
N ASP B 106 -37.28 38.34 -17.05
CA ASP B 106 -38.35 38.20 -16.07
C ASP B 106 -37.88 38.43 -14.64
N THR B 107 -36.78 37.78 -14.23
CA THR B 107 -36.37 37.84 -12.84
C THR B 107 -35.76 39.19 -12.47
N VAL B 108 -35.29 39.96 -13.45
CA VAL B 108 -34.69 41.26 -13.17
C VAL B 108 -35.58 42.37 -13.69
N CYS B 109 -35.75 42.45 -15.01
CA CYS B 109 -36.46 43.57 -15.62
C CYS B 109 -37.92 43.62 -15.17
N ARG B 110 -38.68 42.54 -15.42
CA ARG B 110 -40.11 42.57 -15.16
C ARG B 110 -40.41 42.64 -13.67
N HIS B 111 -39.63 41.95 -12.84
CA HIS B 111 -39.92 41.97 -11.41
C HIS B 111 -39.63 43.34 -10.80
N ASN B 112 -38.43 43.88 -11.07
CA ASN B 112 -38.08 45.19 -10.54
C ASN B 112 -39.08 46.26 -10.99
N TYR B 113 -39.62 46.13 -12.21
CA TYR B 113 -40.59 47.10 -12.68
C TYR B 113 -41.82 47.13 -11.79
N GLN B 114 -42.21 45.99 -11.23
CA GLN B 114 -43.34 45.96 -10.31
C GLN B 114 -43.10 46.88 -9.12
N LEU B 115 -41.85 47.00 -8.67
CA LEU B 115 -41.54 47.91 -7.58
C LEU B 115 -41.36 49.34 -8.05
N GLU B 116 -40.98 49.54 -9.32
CA GLU B 116 -41.01 50.88 -9.88
C GLU B 116 -42.44 51.40 -9.98
N LEU B 117 -43.38 50.52 -10.31
CA LEU B 117 -44.78 50.93 -10.40
C LEU B 117 -45.31 51.42 -9.06
N ARG B 118 -44.80 50.89 -7.96
CA ARG B 118 -45.24 51.28 -6.63
C ARG B 118 -44.45 52.44 -6.04
N THR B 119 -43.33 52.83 -6.64
CA THR B 119 -42.49 53.89 -6.08
C THR B 119 -42.16 54.93 -7.14
N THR B 120 -41.15 54.66 -7.97
CA THR B 120 -40.65 55.68 -8.90
C THR B 120 -41.73 56.15 -9.85
N LEU B 121 -42.56 55.24 -10.37
CA LEU B 121 -43.55 55.62 -11.35
C LEU B 121 -44.78 56.29 -10.74
N GLN B 122 -44.91 56.29 -9.41
CA GLN B 122 -45.95 57.07 -8.75
C GLN B 122 -45.42 58.35 -8.13
N ARG B 123 -44.13 58.62 -8.26
CA ARG B 123 -43.54 59.83 -7.69
C ARG B 123 -43.99 61.04 -8.50
N ARG B 124 -44.77 61.92 -7.88
CA ARG B 124 -45.26 63.14 -8.50
C ARG B 124 -44.89 64.30 -7.58
N VAL B 125 -43.92 65.10 -7.99
CA VAL B 125 -43.49 66.27 -7.21
C VAL B 125 -43.95 67.52 -7.97
N GLU B 126 -44.84 68.28 -7.36
CA GLU B 126 -45.38 69.47 -8.01
C GLU B 126 -44.26 70.48 -8.25
N PRO B 127 -44.18 71.08 -9.43
CA PRO B 127 -43.14 72.09 -9.67
C PRO B 127 -43.41 73.37 -8.90
N THR B 128 -42.32 74.00 -8.47
CA THR B 128 -42.37 75.35 -7.93
C THR B 128 -42.13 76.34 -9.05
N VAL B 129 -43.04 77.30 -9.20
CA VAL B 129 -43.01 78.26 -10.30
C VAL B 129 -42.86 79.66 -9.72
N THR B 130 -41.77 80.33 -10.10
CA THR B 130 -41.51 81.70 -9.66
C THR B 130 -41.05 82.53 -10.85
N ILE B 131 -41.39 83.80 -10.83
CA ILE B 131 -40.96 84.75 -11.86
C ILE B 131 -40.01 85.77 -11.23
N SER B 132 -38.93 86.08 -11.94
CA SER B 132 -37.99 87.09 -11.50
C SER B 132 -37.33 87.71 -12.72
N PRO B 133 -37.13 89.02 -12.74
CA PRO B 133 -36.43 89.64 -13.87
C PRO B 133 -34.94 89.30 -13.86
N SER B 134 -34.31 89.49 -15.01
CA SER B 134 -32.89 89.23 -15.16
C SER B 134 -32.15 90.49 -15.61
N LEU B 144 -35.21 90.59 -20.18
CA LEU B 144 -35.48 89.16 -20.07
C LEU B 144 -36.20 88.83 -18.77
N LEU B 145 -37.37 88.20 -18.89
CA LEU B 145 -38.13 87.72 -17.75
C LEU B 145 -37.89 86.23 -17.62
N VAL B 146 -37.60 85.76 -16.40
CA VAL B 146 -37.20 84.38 -16.15
C VAL B 146 -38.28 83.68 -15.33
N CYS B 147 -38.87 82.62 -15.90
CA CYS B 147 -39.79 81.75 -15.19
C CYS B 147 -39.04 80.51 -14.73
N SER B 148 -38.77 80.43 -13.43
CA SER B 148 -38.05 79.31 -12.84
C SER B 148 -39.06 78.24 -12.42
N VAL B 149 -38.91 77.06 -12.98
CA VAL B 149 -39.73 75.90 -12.66
C VAL B 149 -38.81 74.87 -12.02
N THR B 150 -38.87 74.75 -10.69
CA THR B 150 -37.86 74.00 -9.94
C THR B 150 -38.48 72.86 -9.16
N ASP B 151 -37.67 71.81 -8.95
CA ASP B 151 -37.99 70.70 -8.05
C ASP B 151 -39.30 70.01 -8.44
N PHE B 152 -39.31 69.43 -9.63
CA PHE B 152 -40.46 68.64 -10.07
C PHE B 152 -39.98 67.29 -10.58
N TYR B 153 -40.92 66.34 -10.63
CA TYR B 153 -40.68 64.99 -11.08
C TYR B 153 -42.05 64.38 -11.36
N PRO B 154 -42.24 63.66 -12.47
CA PRO B 154 -41.22 63.29 -13.46
C PRO B 154 -40.85 64.43 -14.41
N ALA B 155 -40.12 64.09 -15.48
CA ALA B 155 -39.50 65.10 -16.33
C ALA B 155 -40.48 65.79 -17.27
N GLN B 156 -41.61 65.16 -17.60
CA GLN B 156 -42.54 65.74 -18.55
C GLN B 156 -43.09 67.05 -18.01
N ILE B 157 -42.92 68.13 -18.76
CA ILE B 157 -43.39 69.44 -18.34
C ILE B 157 -43.61 70.30 -19.57
N LYS B 158 -44.58 71.22 -19.46
CA LYS B 158 -44.89 72.16 -20.53
C LYS B 158 -44.98 73.54 -19.93
N VAL B 159 -44.18 74.47 -20.44
CA VAL B 159 -44.14 75.84 -19.95
C VAL B 159 -44.44 76.78 -21.10
N ARG B 160 -45.32 77.74 -20.87
CA ARG B 160 -45.70 78.73 -21.87
C ARG B 160 -45.75 80.11 -21.24
N TRP B 161 -45.30 81.11 -21.99
CA TRP B 161 -45.39 82.51 -21.60
C TRP B 161 -46.62 83.13 -22.24
N PHE B 162 -47.30 84.01 -21.50
CA PHE B 162 -48.49 84.71 -21.99
C PHE B 162 -48.38 86.18 -21.67
N ARG B 163 -48.70 87.03 -22.66
CA ARG B 163 -48.76 88.47 -22.50
C ARG B 163 -50.21 88.91 -22.70
N ASN B 164 -50.92 89.14 -21.59
CA ASN B 164 -52.32 89.56 -21.61
C ASN B 164 -53.19 88.55 -22.37
N ASP B 165 -53.15 87.30 -21.91
CA ASP B 165 -53.93 86.20 -22.48
C ASP B 165 -53.57 85.93 -23.94
N GLN B 166 -52.43 86.43 -24.40
CA GLN B 166 -51.92 86.16 -25.73
C GLN B 166 -50.66 85.32 -25.60
N GLU B 167 -50.67 84.12 -26.17
CA GLU B 167 -49.54 83.23 -26.05
C GLU B 167 -48.34 83.78 -26.81
N GLU B 168 -47.21 83.90 -26.12
CA GLU B 168 -45.98 84.31 -26.78
C GLU B 168 -45.44 83.16 -27.59
N THR B 169 -45.02 83.45 -28.83
CA THR B 169 -44.40 82.45 -29.67
C THR B 169 -42.96 82.76 -30.02
N THR B 170 -42.64 84.03 -30.26
CA THR B 170 -41.27 84.45 -30.46
C THR B 170 -40.73 85.04 -29.16
N GLY B 171 -39.40 85.12 -29.07
CA GLY B 171 -38.76 85.77 -27.95
C GLY B 171 -38.61 84.91 -26.71
N VAL B 172 -38.94 83.63 -26.77
CA VAL B 172 -38.88 82.74 -25.63
C VAL B 172 -37.62 81.89 -25.75
N VAL B 173 -36.78 81.92 -24.72
CA VAL B 173 -35.58 81.09 -24.67
C VAL B 173 -35.63 80.26 -23.39
N SER B 174 -35.53 78.95 -23.54
CA SER B 174 -35.58 78.02 -22.41
C SER B 174 -34.27 77.26 -22.31
N THR B 175 -33.78 77.07 -21.09
CA THR B 175 -32.68 76.18 -20.85
C THR B 175 -33.10 74.74 -21.14
N PRO B 176 -32.16 73.84 -21.38
CA PRO B 176 -32.52 72.42 -21.45
C PRO B 176 -33.05 71.95 -20.10
N LEU B 177 -33.74 70.81 -20.13
CA LEU B 177 -34.15 70.17 -18.90
C LEU B 177 -32.91 69.87 -18.05
N ILE B 178 -32.94 70.30 -16.79
CA ILE B 178 -31.80 70.18 -15.89
C ILE B 178 -32.10 69.08 -14.89
N ARG B 179 -31.23 68.07 -14.86
CA ARG B 179 -31.33 66.96 -13.91
C ARG B 179 -30.51 67.31 -12.68
N ASN B 180 -31.19 67.51 -11.54
CA ASN B 180 -30.49 67.85 -10.30
C ASN B 180 -29.75 66.68 -9.68
N GLY B 181 -30.08 65.44 -10.09
CA GLY B 181 -29.45 64.27 -9.53
C GLY B 181 -30.06 63.77 -8.25
N ASP B 182 -30.99 64.53 -7.64
CA ASP B 182 -31.66 64.13 -6.41
C ASP B 182 -33.11 63.75 -6.66
N TRP B 183 -33.40 63.22 -7.85
CA TRP B 183 -34.74 62.83 -8.28
C TRP B 183 -35.70 64.03 -8.36
N THR B 184 -35.16 65.19 -8.70
CA THR B 184 -35.95 66.33 -9.13
C THR B 184 -35.30 66.92 -10.37
N PHE B 185 -36.11 67.61 -11.15
CA PHE B 185 -35.67 68.36 -12.32
C PHE B 185 -35.96 69.84 -12.11
N GLN B 186 -35.39 70.67 -12.99
CA GLN B 186 -35.75 72.06 -13.08
C GLN B 186 -35.53 72.52 -14.51
N ILE B 187 -36.17 73.65 -14.85
CA ILE B 187 -36.02 74.25 -16.17
C ILE B 187 -36.31 75.74 -16.06
N LEU B 188 -35.51 76.54 -16.75
CA LEU B 188 -35.66 77.99 -16.76
C LEU B 188 -36.13 78.43 -18.14
N VAL B 189 -37.27 79.10 -18.19
CA VAL B 189 -37.86 79.58 -19.43
C VAL B 189 -37.84 81.11 -19.41
N MET B 190 -37.08 81.71 -20.31
CA MET B 190 -36.86 83.14 -20.32
C MET B 190 -37.63 83.79 -21.47
N LEU B 191 -38.10 85.02 -21.23
CA LEU B 191 -38.90 85.77 -22.19
C LEU B 191 -38.30 87.16 -22.38
N GLU B 192 -37.88 87.46 -23.60
CA GLU B 192 -37.42 88.80 -23.96
C GLU B 192 -38.63 89.67 -24.25
N MET B 193 -38.91 90.64 -23.37
CA MET B 193 -40.13 91.42 -23.45
C MET B 193 -39.83 92.89 -23.16
N THR B 194 -40.81 93.74 -23.48
CA THR B 194 -40.73 95.16 -23.19
C THR B 194 -41.90 95.54 -22.30
N PRO B 195 -41.69 95.74 -21.00
CA PRO B 195 -42.81 95.95 -20.08
C PRO B 195 -43.41 97.34 -20.21
N GLN B 196 -44.73 97.40 -20.43
CA GLN B 196 -45.50 98.64 -20.37
C GLN B 196 -46.40 98.63 -19.15
N ARG B 197 -47.08 99.75 -18.92
CA ARG B 197 -47.94 99.88 -17.75
C ARG B 197 -49.19 98.99 -17.81
N GLY B 198 -49.53 98.42 -18.95
CA GLY B 198 -50.70 97.57 -19.05
C GLY B 198 -50.41 96.12 -19.34
N ASP B 199 -49.17 95.80 -19.65
CA ASP B 199 -48.79 94.43 -19.95
C ASP B 199 -48.72 93.59 -18.68
N VAL B 200 -49.44 92.48 -18.65
CA VAL B 200 -49.42 91.53 -17.55
C VAL B 200 -48.93 90.20 -18.10
N TYR B 201 -47.79 89.75 -17.62
CA TYR B 201 -47.17 88.50 -18.08
C TYR B 201 -47.46 87.39 -17.10
N THR B 202 -47.87 86.23 -17.62
CA THR B 202 -48.15 85.06 -16.80
C THR B 202 -47.35 83.88 -17.33
N CYS B 203 -46.86 83.05 -16.41
CA CYS B 203 -46.15 81.83 -16.75
C CYS B 203 -47.06 80.63 -16.46
N HIS B 204 -47.36 79.85 -17.49
CA HIS B 204 -48.23 78.68 -17.38
C HIS B 204 -47.41 77.41 -17.42
N VAL B 205 -47.60 76.55 -16.42
CA VAL B 205 -46.81 75.32 -16.28
C VAL B 205 -47.76 74.14 -16.16
N GLU B 206 -47.56 73.14 -17.01
CA GLU B 206 -48.33 71.89 -16.98
C GLU B 206 -47.40 70.74 -16.63
N HIS B 207 -47.87 69.86 -15.75
CA HIS B 207 -47.07 68.77 -15.21
C HIS B 207 -48.00 67.65 -14.77
N PRO B 208 -47.58 66.39 -14.92
CA PRO B 208 -48.47 65.28 -14.53
C PRO B 208 -48.88 65.28 -13.08
N SER B 209 -48.18 66.00 -12.21
CA SER B 209 -48.63 66.10 -10.82
C SER B 209 -49.77 67.10 -10.65
N LEU B 210 -50.10 67.87 -11.68
CA LEU B 210 -51.10 68.92 -11.59
C LEU B 210 -52.30 68.58 -12.46
N GLN B 211 -53.49 68.64 -11.87
CA GLN B 211 -54.71 68.51 -12.67
C GLN B 211 -54.97 69.76 -13.47
N ASN B 212 -54.67 70.92 -12.91
CA ASN B 212 -54.81 72.20 -13.61
C ASN B 212 -53.47 72.92 -13.65
N PRO B 213 -53.24 73.73 -14.68
CA PRO B 213 -51.94 74.40 -14.82
C PRO B 213 -51.68 75.36 -13.67
N ILE B 214 -50.41 75.49 -13.31
CA ILE B 214 -49.99 76.55 -12.40
C ILE B 214 -49.76 77.82 -13.21
N ILE B 215 -50.37 78.92 -12.77
CA ILE B 215 -50.25 80.21 -13.43
C ILE B 215 -49.71 81.21 -12.42
N VAL B 216 -48.57 81.81 -12.72
CA VAL B 216 -47.96 82.84 -11.89
C VAL B 216 -47.91 84.11 -12.71
N GLU B 217 -48.33 85.23 -12.12
CA GLU B 217 -48.45 86.49 -12.83
C GLU B 217 -47.34 87.44 -12.42
N TRP B 218 -46.92 88.27 -13.38
CA TRP B 218 -45.98 89.35 -13.15
C TRP B 218 -46.52 90.60 -13.85
N ARG B 219 -46.84 91.62 -13.08
CA ARG B 219 -47.42 92.85 -13.61
C ARG B 219 -46.44 94.00 -13.40
N ALA B 220 -46.20 94.76 -14.46
CA ALA B 220 -45.32 95.92 -14.39
C ALA B 220 -45.94 97.03 -13.56
N MET C 1 -33.20 27.35 11.70
CA MET C 1 -34.48 27.01 12.32
C MET C 1 -35.54 28.06 11.98
N GLN C 2 -35.15 29.09 11.24
CA GLN C 2 -36.03 30.18 10.86
C GLN C 2 -36.22 30.32 9.35
N THR C 3 -35.16 30.19 8.56
CA THR C 3 -35.30 30.31 7.11
C THR C 3 -35.84 29.03 6.50
N VAL C 4 -35.36 27.88 6.98
CA VAL C 4 -35.84 26.57 6.53
C VAL C 4 -36.26 25.79 7.76
N THR C 5 -37.48 25.23 7.72
CA THR C 5 -38.05 24.50 8.84
C THR C 5 -38.41 23.09 8.41
N GLN C 6 -37.78 22.10 9.04
CA GLN C 6 -38.16 20.69 8.92
C GLN C 6 -38.67 20.26 10.29
N SER C 7 -39.99 20.21 10.45
CA SER C 7 -40.60 19.92 11.74
C SER C 7 -40.57 18.43 12.11
N GLN C 8 -40.17 17.55 11.20
CA GLN C 8 -40.13 16.13 11.48
C GLN C 8 -38.70 15.70 11.73
N PRO C 9 -38.29 15.43 12.97
CA PRO C 9 -36.91 14.97 13.19
C PRO C 9 -36.68 13.55 12.68
N GLU C 10 -37.64 12.64 12.88
CA GLU C 10 -37.53 11.26 12.44
C GLU C 10 -38.78 10.84 11.69
N MET C 11 -38.59 10.02 10.66
CA MET C 11 -39.68 9.47 9.87
C MET C 11 -39.36 8.04 9.50
N SER C 12 -40.38 7.19 9.47
CA SER C 12 -40.23 5.81 9.04
C SER C 12 -41.27 5.53 7.97
N VAL C 13 -40.98 4.52 7.15
CA VAL C 13 -41.88 4.13 6.06
C VAL C 13 -41.58 2.68 5.72
N GLN C 14 -42.62 1.96 5.29
CA GLN C 14 -42.45 0.60 4.83
C GLN C 14 -41.84 0.60 3.43
N GLU C 15 -40.98 -0.38 3.17
CA GLU C 15 -40.36 -0.51 1.86
C GLU C 15 -41.42 -0.63 0.77
N ALA C 16 -41.17 0.02 -0.36
CA ALA C 16 -42.02 0.12 -1.54
C ALA C 16 -43.22 1.04 -1.34
N GLU C 17 -43.36 1.68 -0.17
CA GLU C 17 -44.44 2.61 0.09
C GLU C 17 -43.95 4.04 -0.08
N THR C 18 -44.88 4.98 0.03
CA THR C 18 -44.65 6.39 -0.24
C THR C 18 -44.59 7.16 1.07
N VAL C 19 -43.62 8.07 1.19
CA VAL C 19 -43.47 8.92 2.36
C VAL C 19 -43.27 10.35 1.87
N THR C 20 -43.82 11.30 2.62
CA THR C 20 -43.69 12.72 2.32
C THR C 20 -42.99 13.40 3.48
N LEU C 21 -41.90 14.12 3.19
CA LEU C 21 -41.12 14.82 4.19
C LEU C 21 -41.45 16.30 4.12
N SER C 22 -41.76 16.89 5.28
CA SER C 22 -42.25 18.25 5.33
C SER C 22 -41.11 19.26 5.29
N CYS C 23 -41.31 20.36 4.57
CA CYS C 23 -40.37 21.48 4.60
C CYS C 23 -41.10 22.77 4.25
N THR C 24 -41.02 23.75 5.13
CA THR C 24 -41.48 25.09 4.85
C THR C 24 -40.31 26.06 4.97
N TYR C 25 -40.45 27.21 4.33
CA TYR C 25 -39.38 28.20 4.34
C TYR C 25 -40.00 29.58 4.50
N ASP C 26 -39.16 30.54 4.89
CA ASP C 26 -39.57 31.93 5.04
C ASP C 26 -38.48 32.81 4.45
N THR C 27 -38.87 33.72 3.56
CA THR C 27 -37.93 34.57 2.86
C THR C 27 -38.66 35.78 2.31
N SER C 28 -37.88 36.79 1.94
CA SER C 28 -38.38 37.92 1.17
C SER C 28 -37.80 37.95 -0.25
N GLU C 29 -36.99 36.95 -0.61
CA GLU C 29 -36.42 36.90 -1.95
C GLU C 29 -37.51 36.72 -2.99
N SER C 30 -37.31 37.33 -4.16
CA SER C 30 -38.23 37.13 -5.28
C SER C 30 -37.81 35.94 -6.14
N ASN C 31 -36.52 35.72 -6.30
CA ASN C 31 -35.99 34.56 -7.03
C ASN C 31 -35.10 33.78 -6.08
N TYR C 32 -35.28 32.46 -6.05
CA TYR C 32 -34.54 31.59 -5.14
C TYR C 32 -34.62 30.17 -5.67
N TYR C 33 -33.89 29.26 -5.00
CA TYR C 33 -33.83 27.85 -5.36
C TYR C 33 -34.04 27.01 -4.12
N LEU C 34 -34.76 25.91 -4.27
CA LEU C 34 -35.04 24.99 -3.18
C LEU C 34 -34.45 23.62 -3.51
N PHE C 35 -33.94 22.94 -2.49
CA PHE C 35 -33.23 21.68 -2.70
C PHE C 35 -33.65 20.66 -1.67
N TRP C 36 -33.43 19.39 -2.01
CA TRP C 36 -33.39 18.32 -1.02
C TRP C 36 -32.07 17.59 -1.19
N TYR C 37 -31.40 17.34 -0.07
CA TYR C 37 -30.16 16.59 -0.04
C TYR C 37 -30.39 15.30 0.74
N LYS C 38 -29.76 14.23 0.29
CA LYS C 38 -29.77 12.95 0.97
C LYS C 38 -28.37 12.69 1.52
N GLN C 39 -28.28 12.46 2.84
CA GLN C 39 -27.02 12.16 3.51
C GLN C 39 -27.12 10.76 4.12
N PRO C 40 -26.68 9.74 3.41
CA PRO C 40 -26.68 8.37 3.96
C PRO C 40 -25.65 8.22 5.07
N PRO C 41 -25.62 7.08 5.76
CA PRO C 41 -24.64 6.89 6.84
C PRO C 41 -23.20 7.11 6.42
N SER C 42 -22.89 7.04 5.13
CA SER C 42 -21.56 7.38 4.64
C SER C 42 -21.21 8.84 4.83
N ARG C 43 -22.18 9.67 5.22
CA ARG C 43 -22.05 11.11 5.43
C ARG C 43 -21.84 11.89 4.14
N GLN C 44 -22.03 11.25 2.98
CA GLN C 44 -21.94 11.96 1.71
C GLN C 44 -23.23 12.73 1.46
N MET C 45 -23.10 14.03 1.21
CA MET C 45 -24.25 14.86 0.87
C MET C 45 -24.57 14.69 -0.61
N ILE C 46 -25.75 14.16 -0.91
CA ILE C 46 -26.16 13.86 -2.27
C ILE C 46 -27.30 14.81 -2.65
N LEU C 47 -27.13 15.52 -3.76
CA LEU C 47 -28.18 16.40 -4.26
C LEU C 47 -29.22 15.57 -4.98
N VAL C 48 -30.48 15.65 -4.51
CA VAL C 48 -31.54 14.79 -5.01
C VAL C 48 -32.49 15.55 -5.92
N ILE C 49 -32.86 16.78 -5.57
CA ILE C 49 -33.86 17.51 -6.33
C ILE C 49 -33.59 19.01 -6.21
N ARG C 50 -33.82 19.71 -7.31
CA ARG C 50 -33.60 21.15 -7.38
C ARG C 50 -34.84 21.80 -7.98
N GLN C 51 -35.28 22.90 -7.37
CA GLN C 51 -36.48 23.62 -7.78
C GLN C 51 -36.16 25.10 -7.91
N GLU C 52 -36.57 25.70 -9.03
CA GLU C 52 -36.40 27.13 -9.24
C GLU C 52 -37.70 27.87 -8.91
N ALA C 53 -37.56 29.02 -8.26
CA ALA C 53 -38.74 29.77 -7.83
C ALA C 53 -39.58 30.21 -9.02
N TYR C 54 -38.95 30.59 -10.12
CA TYR C 54 -39.68 31.09 -11.27
C TYR C 54 -40.23 29.99 -12.17
N LYS C 55 -39.91 28.72 -11.90
CA LYS C 55 -40.50 27.59 -12.60
C LYS C 55 -41.46 26.91 -11.64
N GLN C 56 -42.73 27.26 -11.73
CA GLN C 56 -43.72 26.72 -10.80
C GLN C 56 -44.05 25.25 -11.04
N GLN C 57 -43.55 24.66 -12.12
CA GLN C 57 -43.72 23.24 -12.36
C GLN C 57 -42.94 22.43 -11.32
N ASN C 58 -43.64 21.53 -10.63
CA ASN C 58 -43.03 20.74 -9.57
C ASN C 58 -41.89 19.89 -10.14
N ALA C 59 -40.73 19.97 -9.50
CA ALA C 59 -39.58 19.19 -9.94
C ALA C 59 -39.78 17.70 -9.65
N THR C 60 -39.27 16.87 -10.54
CA THR C 60 -39.33 15.42 -10.38
C THR C 60 -38.02 14.79 -10.83
N GLU C 61 -37.52 13.85 -10.04
CA GLU C 61 -36.35 13.06 -10.42
C GLU C 61 -36.67 11.60 -10.09
N ASN C 62 -37.11 10.85 -11.11
CA ASN C 62 -37.57 9.47 -11.01
C ASN C 62 -38.51 9.26 -9.82
N ARG C 63 -38.09 8.47 -8.82
CA ARG C 63 -38.94 8.18 -7.67
C ARG C 63 -39.13 9.39 -6.76
N PHE C 64 -38.36 10.46 -6.93
CA PHE C 64 -38.41 11.63 -6.08
C PHE C 64 -39.19 12.75 -6.77
N SER C 65 -40.06 13.40 -6.01
CA SER C 65 -40.82 14.54 -6.51
C SER C 65 -41.09 15.47 -5.34
N VAL C 66 -41.38 16.73 -5.67
CA VAL C 66 -41.64 17.73 -4.66
C VAL C 66 -43.03 18.32 -4.91
N ASN C 67 -43.64 18.78 -3.84
CA ASN C 67 -44.87 19.57 -3.92
C ASN C 67 -44.50 21.00 -3.58
N PHE C 68 -44.12 21.77 -4.60
CA PHE C 68 -43.72 23.16 -4.44
C PHE C 68 -44.97 24.04 -4.46
N GLN C 69 -45.33 24.57 -3.28
CA GLN C 69 -46.43 25.52 -3.14
C GLN C 69 -45.81 26.86 -2.81
N LYS C 70 -45.59 27.68 -3.84
CA LYS C 70 -44.85 28.93 -3.66
C LYS C 70 -45.57 29.89 -2.72
N ALA C 71 -46.88 30.03 -2.86
CA ALA C 71 -47.61 30.97 -2.03
C ALA C 71 -47.60 30.54 -0.56
N ALA C 72 -47.72 29.24 -0.30
CA ALA C 72 -47.64 28.73 1.05
C ALA C 72 -46.21 28.58 1.56
N LYS C 73 -45.22 28.81 0.71
CA LYS C 73 -43.81 28.63 1.05
C LYS C 73 -43.58 27.23 1.63
N SER C 74 -44.07 26.23 0.92
CA SER C 74 -43.94 24.83 1.31
C SER C 74 -43.24 24.06 0.20
N PHE C 75 -42.35 23.16 0.60
CA PHE C 75 -41.52 22.42 -0.34
C PHE C 75 -41.33 20.98 0.15
N SER C 76 -42.42 20.23 0.20
CA SER C 76 -42.39 18.87 0.71
C SER C 76 -41.81 17.93 -0.34
N LEU C 77 -41.05 16.94 0.13
CA LEU C 77 -40.45 15.93 -0.72
C LEU C 77 -41.23 14.62 -0.61
N LYS C 78 -41.64 14.07 -1.75
CA LYS C 78 -42.33 12.79 -1.78
C LYS C 78 -41.36 11.74 -2.30
N ILE C 79 -41.17 10.68 -1.52
CA ILE C 79 -40.36 9.55 -1.92
C ILE C 79 -41.32 8.42 -2.24
N SER C 80 -41.39 8.04 -3.50
CA SER C 80 -42.26 6.97 -3.96
C SER C 80 -41.44 5.70 -4.13
N ASP C 81 -42.10 4.56 -3.92
CA ASP C 81 -41.45 3.25 -4.02
C ASP C 81 -40.17 3.22 -3.19
N SER C 82 -40.34 3.48 -1.90
CA SER C 82 -39.21 3.62 -0.99
C SER C 82 -38.32 2.40 -1.03
N GLN C 83 -37.02 2.62 -1.21
CA GLN C 83 -36.02 1.57 -1.24
C GLN C 83 -35.25 1.56 0.07
N LEU C 84 -34.64 0.41 0.38
CA LEU C 84 -33.80 0.32 1.56
C LEU C 84 -32.65 1.31 1.49
N GLY C 85 -32.13 1.57 0.30
CA GLY C 85 -31.08 2.55 0.13
C GLY C 85 -31.51 3.99 0.34
N ASP C 86 -32.81 4.23 0.53
CA ASP C 86 -33.25 5.59 0.85
C ASP C 86 -33.05 5.95 2.31
N THR C 87 -32.63 5.00 3.14
CA THR C 87 -32.38 5.28 4.55
C THR C 87 -31.25 6.29 4.67
N ALA C 88 -31.56 7.46 5.21
CA ALA C 88 -30.61 8.55 5.24
C ALA C 88 -31.18 9.71 6.04
N MET C 89 -30.34 10.72 6.23
CA MET C 89 -30.77 12.01 6.75
C MET C 89 -31.10 12.90 5.55
N TYR C 90 -32.29 13.48 5.56
CA TYR C 90 -32.74 14.31 4.45
C TYR C 90 -32.77 15.77 4.88
N PHE C 91 -32.15 16.62 4.08
CA PHE C 91 -32.03 18.04 4.37
C PHE C 91 -32.73 18.85 3.30
N CYS C 92 -33.59 19.77 3.74
CA CYS C 92 -34.19 20.79 2.88
C CYS C 92 -33.26 21.99 2.83
N ALA C 93 -33.04 22.53 1.63
CA ALA C 93 -32.11 23.63 1.45
C ALA C 93 -32.76 24.77 0.67
N PHE C 94 -32.34 25.98 1.00
CA PHE C 94 -32.82 27.22 0.38
C PHE C 94 -31.63 28.07 -0.02
N PHE C 95 -31.73 28.70 -1.19
CA PHE C 95 -30.69 29.59 -1.69
C PHE C 95 -31.36 30.78 -2.36
N GLY C 96 -31.28 31.95 -1.73
CA GLY C 96 -31.84 33.15 -2.31
C GLY C 96 -30.86 33.80 -3.28
N GLN C 97 -31.39 34.27 -4.41
CA GLN C 97 -30.52 34.86 -5.42
C GLN C 97 -29.85 36.14 -4.92
N GLY C 98 -30.40 36.79 -3.91
CA GLY C 98 -29.80 37.99 -3.36
C GLY C 98 -28.78 37.74 -2.28
N ALA C 99 -29.18 37.04 -1.21
CA ALA C 99 -28.26 36.75 -0.12
C ALA C 99 -27.20 35.74 -0.53
N GLN C 100 -27.55 34.83 -1.45
CA GLN C 100 -26.62 33.85 -2.02
C GLN C 100 -25.95 32.98 -0.96
N LYS C 101 -26.74 32.54 0.02
CA LYS C 101 -26.26 31.62 1.05
C LYS C 101 -27.15 30.38 1.03
N LEU C 102 -26.53 29.22 0.84
CA LEU C 102 -27.24 27.95 0.93
C LEU C 102 -27.54 27.66 2.39
N VAL C 103 -28.81 27.62 2.75
CA VAL C 103 -29.23 27.40 4.13
C VAL C 103 -29.93 26.05 4.23
N PHE C 104 -29.64 25.30 5.28
CA PHE C 104 -30.17 23.96 5.47
C PHE C 104 -31.09 23.91 6.67
N GLY C 105 -32.13 23.09 6.56
CA GLY C 105 -32.99 22.79 7.68
C GLY C 105 -32.30 21.85 8.65
N GLN C 106 -33.00 21.57 9.75
CA GLN C 106 -32.49 20.73 10.81
C GLN C 106 -32.28 19.29 10.38
N GLY C 107 -32.93 18.86 9.31
CA GLY C 107 -32.77 17.49 8.83
C GLY C 107 -33.88 16.58 9.31
N THR C 108 -34.16 15.54 8.51
CA THR C 108 -35.18 14.56 8.83
C THR C 108 -34.59 13.18 8.62
N ARG C 109 -34.53 12.37 9.67
CA ARG C 109 -33.99 11.02 9.58
C ARG C 109 -35.06 10.07 9.08
N LEU C 110 -34.82 9.43 7.94
CA LEU C 110 -35.77 8.52 7.33
C LEU C 110 -35.26 7.10 7.44
N THR C 111 -36.07 6.22 8.02
CA THR C 111 -35.79 4.79 8.10
C THR C 111 -36.83 4.04 7.27
N ILE C 112 -36.35 3.13 6.43
CA ILE C 112 -37.21 2.29 5.59
C ILE C 112 -37.23 0.89 6.17
N ASN C 113 -38.40 0.43 6.57
CA ASN C 113 -38.54 -0.91 7.12
C ASN C 113 -38.72 -1.91 6.00
N PRO C 114 -37.95 -3.00 5.97
CA PRO C 114 -38.04 -3.95 4.86
C PRO C 114 -39.34 -4.75 4.91
N ASN C 115 -39.70 -5.27 3.74
CA ASN C 115 -40.80 -6.22 3.60
C ASN C 115 -40.30 -7.61 3.94
N ILE C 116 -40.84 -8.20 5.01
CA ILE C 116 -40.46 -9.54 5.44
C ILE C 116 -41.62 -10.47 5.11
N GLN C 117 -41.40 -11.37 4.16
CA GLN C 117 -42.48 -12.21 3.64
C GLN C 117 -42.86 -13.33 4.61
N ASN C 118 -41.92 -14.24 4.91
CA ASN C 118 -42.18 -15.40 5.77
C ASN C 118 -41.31 -15.29 7.03
N PRO C 119 -41.75 -14.52 8.02
CA PRO C 119 -40.92 -14.34 9.22
C PRO C 119 -40.73 -15.63 9.99
N ASP C 120 -39.50 -15.83 10.46
CA ASP C 120 -39.11 -17.03 11.19
C ASP C 120 -38.17 -16.62 12.31
N PRO C 121 -38.66 -15.85 13.28
CA PRO C 121 -37.76 -15.29 14.30
C PRO C 121 -37.08 -16.39 15.10
N ALA C 122 -35.78 -16.21 15.34
CA ALA C 122 -34.99 -17.23 16.00
C ALA C 122 -33.76 -16.57 16.62
N VAL C 123 -33.24 -17.22 17.64
CA VAL C 123 -32.02 -16.79 18.31
C VAL C 123 -31.00 -17.93 18.19
N TYR C 124 -29.85 -17.63 17.59
CA TYR C 124 -28.79 -18.61 17.40
C TYR C 124 -27.56 -18.18 18.17
N GLN C 125 -26.73 -19.17 18.51
CA GLN C 125 -25.46 -18.91 19.18
C GLN C 125 -24.33 -19.24 18.21
N LEU C 126 -23.43 -18.29 18.01
CA LEU C 126 -22.35 -18.39 17.04
C LEU C 126 -21.01 -18.38 17.78
N ARG C 127 -20.19 -19.38 17.53
CA ARG C 127 -18.90 -19.52 18.18
C ARG C 127 -17.81 -18.77 17.42
N ASP C 128 -16.88 -18.18 18.16
CA ASP C 128 -15.72 -17.54 17.56
C ASP C 128 -14.90 -18.57 16.78
N SER C 129 -14.48 -18.19 15.57
CA SER C 129 -13.77 -19.13 14.70
C SER C 129 -12.38 -19.47 15.23
N LYS C 130 -11.85 -18.68 16.17
CA LYS C 130 -10.53 -18.94 16.74
C LYS C 130 -10.58 -19.52 18.15
N SER C 131 -11.48 -19.04 18.99
CA SER C 131 -11.64 -19.52 20.36
C SER C 131 -13.06 -20.03 20.54
N SER C 132 -13.21 -21.33 20.75
CA SER C 132 -14.53 -21.91 20.97
C SER C 132 -15.19 -21.44 22.25
N ASP C 133 -14.45 -20.77 23.13
CA ASP C 133 -15.03 -20.27 24.38
C ASP C 133 -15.85 -19.01 24.17
N LYS C 134 -15.50 -18.19 23.18
CA LYS C 134 -16.20 -16.94 22.92
C LYS C 134 -17.34 -17.16 21.94
N SER C 135 -18.42 -16.42 22.13
CA SER C 135 -19.59 -16.55 21.26
C SER C 135 -20.38 -15.25 21.26
N VAL C 136 -21.29 -15.16 20.29
CA VAL C 136 -22.26 -14.06 20.22
C VAL C 136 -23.64 -14.66 20.00
N CYS C 137 -24.66 -13.90 20.35
CA CYS C 137 -26.05 -14.30 20.16
C CYS C 137 -26.65 -13.50 19.01
N LEU C 138 -27.28 -14.21 18.08
CA LEU C 138 -27.84 -13.61 16.87
C LEU C 138 -29.35 -13.78 16.89
N PHE C 139 -30.06 -12.66 16.90
CA PHE C 139 -31.51 -12.63 16.77
C PHE C 139 -31.82 -12.24 15.33
N THR C 140 -32.47 -13.15 14.59
CA THR C 140 -32.62 -12.95 13.16
C THR C 140 -33.98 -13.45 12.67
N ASP C 141 -34.34 -12.98 11.47
CA ASP C 141 -35.52 -13.39 10.71
C ASP C 141 -36.84 -12.95 11.35
N PHE C 142 -36.80 -11.99 12.26
CA PHE C 142 -38.03 -11.44 12.83
C PHE C 142 -38.62 -10.38 11.89
N ASP C 143 -39.90 -10.08 12.09
CA ASP C 143 -40.58 -9.12 11.23
C ASP C 143 -40.13 -7.70 11.55
N SER C 144 -40.41 -6.79 10.61
CA SER C 144 -39.94 -5.40 10.72
C SER C 144 -40.62 -4.63 11.84
N GLN C 145 -41.76 -5.13 12.35
CA GLN C 145 -42.44 -4.46 13.45
C GLN C 145 -41.85 -4.78 14.82
N THR C 146 -40.75 -5.53 14.87
CA THR C 146 -40.10 -5.87 16.12
C THR C 146 -38.97 -4.89 16.40
N ASN C 147 -38.94 -4.36 17.61
CA ASN C 147 -37.93 -3.40 18.05
C ASN C 147 -37.00 -4.07 19.04
N VAL C 148 -35.71 -3.74 18.97
CA VAL C 148 -34.70 -4.32 19.85
C VAL C 148 -34.27 -3.26 20.87
N SER C 149 -34.33 -3.64 22.15
CA SER C 149 -33.92 -2.79 23.25
C SER C 149 -32.45 -3.01 23.56
N GLN C 150 -31.79 -1.97 24.05
CA GLN C 150 -30.38 -2.08 24.41
C GLN C 150 -30.24 -2.57 25.85
N SER C 151 -29.24 -2.07 26.56
CA SER C 151 -28.92 -2.59 27.89
C SER C 151 -30.01 -2.26 28.90
N SER C 154 -27.47 -4.27 31.92
CA SER C 154 -26.22 -3.53 31.82
C SER C 154 -25.04 -4.48 31.69
N ASP C 155 -23.88 -3.94 31.29
CA ASP C 155 -22.67 -4.72 31.01
C ASP C 155 -22.95 -5.81 29.98
N VAL C 156 -24.03 -5.64 29.22
CA VAL C 156 -24.45 -6.53 28.15
C VAL C 156 -24.65 -5.69 26.92
N TYR C 157 -24.04 -6.08 25.81
CA TYR C 157 -24.06 -5.28 24.60
C TYR C 157 -25.05 -5.88 23.61
N ILE C 158 -25.96 -5.04 23.12
CA ILE C 158 -26.94 -5.41 22.11
C ILE C 158 -26.95 -4.32 21.05
N THR C 159 -26.83 -4.72 19.80
CA THR C 159 -26.87 -3.77 18.71
C THR C 159 -28.30 -3.53 18.26
N ASP C 160 -28.48 -2.48 17.46
CA ASP C 160 -29.78 -2.27 16.84
C ASP C 160 -29.97 -3.26 15.70
N LYS C 161 -31.20 -3.37 15.23
CA LYS C 161 -31.48 -4.34 14.18
C LYS C 161 -30.89 -3.87 12.86
N CYS C 162 -30.60 -4.83 12.00
CA CYS C 162 -29.88 -4.62 10.75
C CYS C 162 -30.60 -5.35 9.63
N VAL C 163 -30.65 -4.73 8.45
CA VAL C 163 -31.39 -5.26 7.31
C VAL C 163 -30.38 -5.64 6.23
N LEU C 164 -30.25 -6.93 5.96
CA LEU C 164 -29.38 -7.42 4.90
C LEU C 164 -30.22 -7.92 3.73
N ASP C 165 -29.56 -8.09 2.58
CA ASP C 165 -30.23 -8.45 1.34
C ASP C 165 -29.34 -9.40 0.54
N MET C 166 -29.73 -10.68 0.47
CA MET C 166 -29.06 -11.66 -0.38
C MET C 166 -29.63 -11.53 -1.79
N ARG C 167 -28.94 -10.77 -2.64
CA ARG C 167 -29.49 -10.44 -3.95
C ARG C 167 -29.62 -11.65 -4.87
N SER C 168 -28.85 -12.73 -4.64
CA SER C 168 -28.97 -13.93 -5.47
C SER C 168 -30.32 -14.63 -5.29
N MET C 169 -30.99 -14.40 -4.18
CA MET C 169 -32.32 -14.94 -3.94
C MET C 169 -33.34 -13.87 -3.52
N ASP C 170 -32.92 -12.61 -3.46
CA ASP C 170 -33.72 -11.50 -2.93
C ASP C 170 -34.40 -11.88 -1.61
N PHE C 171 -33.55 -12.26 -0.66
CA PHE C 171 -33.99 -12.65 0.67
C PHE C 171 -33.50 -11.60 1.66
N LYS C 172 -34.38 -10.68 2.01
CA LYS C 172 -34.10 -9.68 3.02
C LYS C 172 -34.44 -10.24 4.39
N SER C 173 -33.65 -9.84 5.39
CA SER C 173 -33.88 -10.34 6.74
C SER C 173 -33.32 -9.33 7.74
N ASN C 174 -33.97 -9.29 8.90
CA ASN C 174 -33.56 -8.45 10.02
C ASN C 174 -32.68 -9.26 10.96
N SER C 175 -31.77 -8.59 11.64
CA SER C 175 -30.92 -9.27 12.60
C SER C 175 -30.40 -8.27 13.62
N ALA C 176 -30.20 -8.77 14.84
CA ALA C 176 -29.53 -8.02 15.90
C ALA C 176 -28.55 -8.95 16.60
N VAL C 177 -27.51 -8.37 17.17
CA VAL C 177 -26.42 -9.13 17.76
C VAL C 177 -26.28 -8.75 19.22
N ALA C 178 -26.01 -9.74 20.07
CA ALA C 178 -25.76 -9.51 21.48
C ALA C 178 -24.59 -10.36 21.92
N TRP C 179 -23.82 -9.85 22.88
CA TRP C 179 -22.70 -10.60 23.41
C TRP C 179 -22.39 -10.09 24.81
N SER C 180 -21.68 -10.92 25.57
CA SER C 180 -21.31 -10.55 26.93
C SER C 180 -20.14 -11.41 27.38
N ASN C 181 -19.30 -10.83 28.23
CA ASN C 181 -18.13 -11.52 28.79
C ASN C 181 -18.45 -12.30 30.06
N LYS C 182 -19.54 -11.96 30.75
CA LYS C 182 -19.83 -12.59 32.03
C LYS C 182 -20.30 -14.03 31.85
N SER C 183 -20.01 -14.86 32.85
CA SER C 183 -20.22 -16.29 32.75
C SER C 183 -21.66 -16.70 33.04
N ASP C 184 -22.55 -15.74 33.31
CA ASP C 184 -23.96 -16.07 33.40
C ASP C 184 -24.73 -15.38 32.29
N PHE C 185 -24.22 -15.50 31.06
CA PHE C 185 -24.89 -15.01 29.87
C PHE C 185 -25.59 -16.19 29.22
N ALA C 186 -26.58 -15.89 28.38
CA ALA C 186 -27.34 -16.95 27.73
C ALA C 186 -28.14 -16.35 26.58
N CYS C 187 -28.00 -16.93 25.39
CA CYS C 187 -28.68 -16.40 24.22
C CYS C 187 -30.18 -16.35 24.44
N ALA C 188 -30.74 -17.29 25.20
CA ALA C 188 -32.18 -17.25 25.48
C ALA C 188 -32.51 -16.05 26.37
N ASN C 189 -31.64 -15.75 27.33
CA ASN C 189 -31.79 -14.60 28.22
C ASN C 189 -31.35 -13.29 27.58
N ALA C 190 -30.65 -13.34 26.45
CA ALA C 190 -29.98 -12.16 25.90
C ALA C 190 -30.95 -11.08 25.44
N PHE C 191 -32.13 -11.46 24.94
CA PHE C 191 -33.08 -10.49 24.41
C PHE C 191 -34.35 -10.40 25.24
N ASN C 192 -34.21 -10.55 26.56
CA ASN C 192 -35.36 -10.51 27.46
C ASN C 192 -36.01 -9.13 27.45
N ASN C 193 -35.20 -8.07 27.41
CA ASN C 193 -35.73 -6.71 27.52
C ASN C 193 -36.50 -6.30 26.28
N SER C 194 -36.17 -6.87 25.12
CA SER C 194 -36.85 -6.55 23.88
C SER C 194 -37.99 -7.54 23.67
N ILE C 195 -39.01 -7.11 22.92
CA ILE C 195 -40.17 -7.99 22.76
C ILE C 195 -39.76 -9.11 21.81
N ILE C 196 -39.59 -10.31 22.36
CA ILE C 196 -39.38 -11.52 21.57
C ILE C 196 -40.76 -12.12 21.27
N PRO C 197 -41.13 -12.28 20.00
CA PRO C 197 -42.45 -12.84 19.69
C PRO C 197 -42.59 -14.25 20.23
N GLU C 198 -43.83 -14.66 20.47
CA GLU C 198 -44.09 -15.95 21.11
C GLU C 198 -43.64 -17.11 20.24
N ASP C 199 -43.43 -16.89 18.95
CA ASP C 199 -43.11 -17.92 17.97
C ASP C 199 -41.61 -17.99 17.68
N THR C 200 -40.77 -17.46 18.56
CA THR C 200 -39.35 -17.37 18.28
C THR C 200 -38.65 -18.67 18.62
N PHE C 201 -37.79 -19.12 17.71
CA PHE C 201 -37.12 -20.41 17.80
C PHE C 201 -35.85 -20.30 18.63
N PHE C 202 -35.81 -21.04 19.74
CA PHE C 202 -34.66 -21.12 20.64
C PHE C 202 -34.12 -22.54 20.60
N PRO C 203 -33.25 -22.87 19.65
CA PRO C 203 -32.76 -24.25 19.52
C PRO C 203 -31.90 -24.67 20.70
N SER C 204 -31.78 -25.98 20.85
CA SER C 204 -30.95 -26.55 21.90
C SER C 204 -29.49 -26.58 21.46
N PRO C 205 -28.55 -26.18 22.32
CA PRO C 205 -27.12 -26.17 22.00
C PRO C 205 -26.54 -27.56 21.71
N GLY D 2 -15.57 14.59 -9.78
CA GLY D 2 -16.36 15.08 -8.67
C GLY D 2 -15.52 15.84 -7.66
N VAL D 3 -16.12 16.20 -6.53
CA VAL D 3 -15.41 16.94 -5.50
C VAL D 3 -14.60 15.97 -4.65
N THR D 4 -13.31 16.21 -4.53
CA THR D 4 -12.43 15.35 -3.76
C THR D 4 -11.84 16.12 -2.59
N GLN D 5 -11.64 15.42 -1.46
CA GLN D 5 -11.11 16.02 -0.25
C GLN D 5 -10.07 15.11 0.37
N THR D 6 -9.13 15.71 1.10
CA THR D 6 -8.15 14.98 1.89
C THR D 6 -7.73 15.91 3.01
N PRO D 7 -7.49 15.39 4.22
CA PRO D 7 -7.64 13.98 4.59
C PRO D 7 -9.10 13.59 4.90
N ARG D 8 -9.44 12.31 4.65
CA ARG D 8 -10.78 11.83 4.97
C ARG D 8 -10.99 11.74 6.48
N TYR D 9 -9.97 11.28 7.20
CA TYR D 9 -10.03 11.14 8.65
C TYR D 9 -8.83 11.85 9.26
N LEU D 10 -9.03 12.40 10.44
CA LEU D 10 -7.96 13.17 11.07
C LEU D 10 -8.22 13.25 12.56
N ILE D 11 -7.18 12.99 13.35
CA ILE D 11 -7.20 13.17 14.79
C ILE D 11 -6.22 14.27 15.14
N LYS D 12 -6.64 15.19 16.00
CA LYS D 12 -5.79 16.28 16.46
C LYS D 12 -6.01 16.47 17.95
N THR D 13 -5.06 17.14 18.59
CA THR D 13 -5.16 17.49 19.99
C THR D 13 -5.42 18.98 20.13
N ARG D 14 -5.96 19.36 21.29
CA ARG D 14 -6.35 20.75 21.51
C ARG D 14 -5.14 21.68 21.39
N GLY D 15 -5.29 22.71 20.57
CA GLY D 15 -4.25 23.70 20.36
C GLY D 15 -3.51 23.57 19.03
N GLN D 16 -3.54 22.39 18.42
N GLN D 16 -3.54 22.39 18.42
CA GLN D 16 -2.87 22.21 17.14
CA GLN D 16 -2.88 22.18 17.14
C GLN D 16 -3.67 22.90 16.03
C GLN D 16 -3.70 22.83 16.02
N GLN D 17 -3.10 22.88 14.83
CA GLN D 17 -3.75 23.46 13.66
C GLN D 17 -3.95 22.37 12.62
N VAL D 18 -4.87 22.63 11.69
CA VAL D 18 -5.21 21.68 10.64
C VAL D 18 -5.37 22.43 9.32
N THR D 19 -4.90 21.80 8.24
CA THR D 19 -5.09 22.31 6.88
C THR D 19 -5.81 21.23 6.07
N LEU D 20 -6.95 21.59 5.50
CA LEU D 20 -7.77 20.67 4.71
C LEU D 20 -7.69 21.05 3.24
N SER D 21 -7.68 20.04 2.37
CA SER D 21 -7.56 20.25 0.94
C SER D 21 -8.86 19.85 0.24
N CYS D 22 -9.17 20.56 -0.85
CA CYS D 22 -10.36 20.26 -1.63
C CYS D 22 -10.09 20.57 -3.10
N SER D 23 -10.49 19.66 -3.98
CA SER D 23 -10.42 19.89 -5.41
C SER D 23 -11.84 19.85 -5.95
N PRO D 24 -12.34 20.93 -6.53
CA PRO D 24 -13.73 20.99 -7.00
C PRO D 24 -13.91 20.19 -8.28
N ILE D 25 -15.17 20.09 -8.71
CA ILE D 25 -15.48 19.48 -9.99
C ILE D 25 -14.76 20.24 -11.11
N SER D 26 -14.21 19.48 -12.05
CA SER D 26 -13.48 20.05 -13.19
C SER D 26 -14.30 21.14 -13.87
N GLY D 27 -13.74 22.34 -13.96
CA GLY D 27 -14.40 23.48 -14.56
C GLY D 27 -15.16 24.36 -13.60
N HIS D 28 -15.47 23.87 -12.41
CA HIS D 28 -16.16 24.70 -11.42
C HIS D 28 -15.22 25.78 -10.89
N ARG D 29 -15.76 27.00 -10.75
CA ARG D 29 -14.98 28.12 -10.29
C ARG D 29 -15.20 28.45 -8.81
N SER D 30 -16.27 27.94 -8.21
CA SER D 30 -16.64 28.30 -6.85
C SER D 30 -16.46 27.11 -5.91
N VAL D 31 -15.86 27.37 -4.75
CA VAL D 31 -15.74 26.36 -3.71
C VAL D 31 -16.28 26.95 -2.42
N SER D 32 -17.19 26.22 -1.78
CA SER D 32 -17.80 26.60 -0.52
C SER D 32 -17.39 25.60 0.54
N TRP D 33 -17.17 26.07 1.77
CA TRP D 33 -16.83 25.24 2.91
C TRP D 33 -17.92 25.30 3.96
N TYR D 34 -18.25 24.15 4.55
CA TYR D 34 -19.26 24.04 5.59
C TYR D 34 -18.72 23.17 6.71
N GLN D 35 -19.27 23.39 7.91
CA GLN D 35 -19.00 22.56 9.08
C GLN D 35 -20.29 21.91 9.54
N GLN D 36 -20.28 20.58 9.69
CA GLN D 36 -21.44 19.84 10.16
C GLN D 36 -21.15 19.25 11.54
N THR D 37 -21.92 19.68 12.53
CA THR D 37 -21.89 19.17 13.89
C THR D 37 -23.29 18.68 14.25
N PRO D 38 -23.41 17.79 15.23
CA PRO D 38 -24.75 17.42 15.71
C PRO D 38 -25.43 18.51 16.52
N GLY D 39 -24.67 19.46 17.07
CA GLY D 39 -25.26 20.51 17.88
C GLY D 39 -25.68 21.73 17.10
N GLN D 40 -24.99 22.00 16.00
CA GLN D 40 -25.29 23.16 15.16
C GLN D 40 -25.73 22.81 13.74
N GLY D 41 -25.64 21.54 13.33
CA GLY D 41 -26.02 21.21 11.97
C GLY D 41 -25.00 21.70 10.97
N LEU D 42 -25.48 22.05 9.78
CA LEU D 42 -24.62 22.57 8.72
C LEU D 42 -24.43 24.07 8.89
N GLN D 43 -23.19 24.49 9.09
CA GLN D 43 -22.84 25.90 9.27
C GLN D 43 -21.90 26.34 8.16
N PHE D 44 -22.26 27.43 7.48
CA PHE D 44 -21.47 27.96 6.38
C PHE D 44 -20.20 28.64 6.90
N LEU D 45 -19.06 28.31 6.28
CA LEU D 45 -17.80 28.94 6.63
C LEU D 45 -17.48 30.11 5.71
N PHE D 46 -17.23 29.82 4.43
CA PHE D 46 -16.89 30.85 3.46
C PHE D 46 -16.93 30.23 2.06
N GLU D 47 -16.98 31.10 1.05
CA GLU D 47 -17.02 30.70 -0.35
C GLU D 47 -15.93 31.43 -1.11
N TYR D 48 -15.23 30.71 -1.99
CA TYR D 48 -14.10 31.26 -2.73
C TYR D 48 -14.37 31.18 -4.23
N PHE D 49 -13.94 32.22 -4.94
CA PHE D 49 -14.08 32.33 -6.39
C PHE D 49 -12.92 33.15 -6.90
N SER D 50 -12.29 32.69 -7.98
CA SER D 50 -11.20 33.43 -8.63
C SER D 50 -10.13 33.84 -7.62
N GLU D 51 -9.81 32.92 -6.70
CA GLU D 51 -8.76 33.05 -5.69
C GLU D 51 -9.09 34.07 -4.60
N THR D 52 -10.33 34.52 -4.48
CA THR D 52 -10.70 35.48 -3.45
C THR D 52 -11.97 35.02 -2.75
N GLN D 53 -12.08 35.40 -1.48
CA GLN D 53 -13.25 35.10 -0.68
C GLN D 53 -14.39 36.04 -1.06
N ARG D 54 -15.50 35.49 -1.53
CA ARG D 54 -16.66 36.30 -1.93
C ARG D 54 -17.74 36.36 -0.87
N ASN D 55 -17.90 35.28 -0.10
CA ASN D 55 -18.99 35.16 0.85
C ASN D 55 -18.42 34.55 2.13
N LYS D 56 -18.90 35.03 3.27
CA LYS D 56 -18.35 34.64 4.56
C LYS D 56 -19.48 34.25 5.51
N GLY D 57 -19.18 33.31 6.40
CA GLY D 57 -20.08 32.97 7.48
C GLY D 57 -19.75 33.78 8.73
N ASN D 58 -20.07 33.21 9.88
CA ASN D 58 -19.91 33.88 11.17
C ASN D 58 -18.90 33.15 12.06
N PHE D 59 -17.92 32.49 11.46
CA PHE D 59 -16.92 31.80 12.26
C PHE D 59 -15.79 32.75 12.65
N PRO D 60 -15.12 32.50 13.77
CA PRO D 60 -14.03 33.40 14.19
C PRO D 60 -12.85 33.33 13.24
N GLY D 61 -11.91 34.26 13.44
CA GLY D 61 -10.79 34.43 12.53
C GLY D 61 -9.84 33.24 12.45
N ARG D 62 -9.79 32.40 13.49
CA ARG D 62 -8.94 31.20 13.42
C ARG D 62 -9.40 30.21 12.36
N PHE D 63 -10.63 30.36 11.86
CA PHE D 63 -11.10 29.64 10.69
C PHE D 63 -10.80 30.50 9.46
N SER D 64 -9.94 29.99 8.58
CA SER D 64 -9.57 30.74 7.39
C SER D 64 -9.48 29.77 6.21
N GLY D 65 -9.45 30.34 5.00
CA GLY D 65 -9.36 29.54 3.81
C GLY D 65 -8.66 30.32 2.71
N ARG D 66 -8.46 29.64 1.58
CA ARG D 66 -7.89 30.28 0.40
C ARG D 66 -8.17 29.40 -0.81
N GLN D 67 -7.93 29.96 -1.99
CA GLN D 67 -8.17 29.29 -3.25
C GLN D 67 -7.05 29.65 -4.22
N PHE D 68 -6.60 28.66 -4.98
CA PHE D 68 -5.45 28.82 -5.86
C PHE D 68 -5.90 29.01 -7.30
N SER D 69 -4.93 29.17 -8.20
CA SER D 69 -5.24 29.61 -9.56
C SER D 69 -6.07 28.58 -10.32
N ASN D 70 -5.94 27.29 -10.00
CA ASN D 70 -6.75 26.27 -10.65
C ASN D 70 -8.05 25.98 -9.91
N SER D 71 -8.42 26.85 -8.97
CA SER D 71 -9.67 26.84 -8.18
C SER D 71 -9.65 25.80 -7.07
N ARG D 72 -8.57 25.04 -6.88
CA ARG D 72 -8.49 24.20 -5.71
C ARG D 72 -8.44 25.08 -4.46
N SER D 73 -8.92 24.54 -3.35
CA SER D 73 -9.10 25.32 -2.14
C SER D 73 -8.55 24.59 -0.93
N GLU D 74 -8.11 25.37 0.04
CA GLU D 74 -7.73 24.87 1.35
C GLU D 74 -8.43 25.70 2.41
N MET D 75 -8.71 25.08 3.54
CA MET D 75 -9.17 25.81 4.72
C MET D 75 -8.31 25.39 5.91
N ASN D 76 -8.24 26.27 6.90
CA ASN D 76 -7.35 26.06 8.04
C ASN D 76 -8.06 26.45 9.32
N VAL D 77 -7.85 25.66 10.37
CA VAL D 77 -8.33 25.97 11.70
C VAL D 77 -7.12 25.96 12.63
N SER D 78 -6.82 27.11 13.20
CA SER D 78 -5.71 27.24 14.15
C SER D 78 -6.25 27.22 15.57
N THR D 79 -5.40 26.78 16.50
CA THR D 79 -5.76 26.63 17.91
C THR D 79 -7.05 25.84 18.06
N LEU D 80 -6.94 24.55 17.71
CA LEU D 80 -8.11 23.69 17.67
C LEU D 80 -8.73 23.51 19.05
N GLU D 81 -10.05 23.60 19.11
CA GLU D 81 -10.81 23.36 20.32
C GLU D 81 -11.54 22.03 20.19
N LEU D 82 -11.93 21.47 21.34
CA LEU D 82 -12.68 20.22 21.33
C LEU D 82 -13.98 20.38 20.58
N GLY D 83 -14.63 21.54 20.69
CA GLY D 83 -15.85 21.80 19.95
C GLY D 83 -15.67 21.90 18.46
N ASP D 84 -14.42 21.99 17.98
CA ASP D 84 -14.16 22.00 16.54
C ASP D 84 -14.26 20.63 15.92
N SER D 85 -14.39 19.57 16.72
CA SER D 85 -14.61 18.23 16.19
C SER D 85 -15.88 18.23 15.34
N ALA D 86 -15.74 17.85 14.07
CA ALA D 86 -16.84 17.98 13.14
C ALA D 86 -16.48 17.31 11.82
N LEU D 87 -17.47 17.26 10.94
CA LEU D 87 -17.29 16.92 9.54
C LEU D 87 -17.15 18.22 8.77
N TYR D 88 -16.03 18.39 8.09
CA TYR D 88 -15.76 19.61 7.33
C TYR D 88 -15.98 19.32 5.85
N LEU D 89 -16.96 20.01 5.27
CA LEU D 89 -17.47 19.70 3.94
C LEU D 89 -17.01 20.75 2.94
N CYS D 90 -16.70 20.29 1.73
CA CYS D 90 -16.36 21.13 0.60
C CYS D 90 -17.43 20.94 -0.47
N ALA D 91 -17.91 22.04 -1.04
CA ALA D 91 -18.90 21.99 -2.11
C ALA D 91 -18.50 22.92 -3.25
N SER D 92 -18.74 22.47 -4.49
CA SER D 92 -18.32 23.21 -5.67
C SER D 92 -19.53 23.59 -6.52
N SER D 93 -19.43 24.73 -7.20
CA SER D 93 -20.45 25.22 -8.11
C SER D 93 -19.79 25.73 -9.37
N LEU D 94 -20.50 25.61 -10.50
CA LEU D 94 -19.95 26.06 -11.77
C LEU D 94 -19.63 27.55 -11.72
N SER D 95 -20.59 28.36 -11.28
CA SER D 95 -20.39 29.81 -11.08
C SER D 95 -19.88 30.47 -12.35
N ALA D 96 -20.51 30.16 -13.48
CA ALA D 96 -20.17 30.75 -14.77
C ALA D 96 -20.72 32.16 -14.93
N SER D 97 -21.48 32.65 -13.97
CA SER D 97 -21.95 34.03 -14.00
C SER D 97 -22.18 34.49 -12.57
N GLY D 98 -22.19 35.80 -12.38
CA GLY D 98 -22.37 36.36 -11.07
C GLY D 98 -23.69 35.92 -10.44
N GLY D 99 -23.62 35.26 -9.29
CA GLY D 99 -24.78 34.79 -8.56
C GLY D 99 -25.08 33.32 -8.71
N ALA D 100 -24.49 32.65 -9.70
CA ALA D 100 -24.81 31.26 -10.00
C ALA D 100 -23.97 30.29 -9.17
N THR D 101 -24.15 30.37 -7.85
CA THR D 101 -23.59 29.38 -6.93
C THR D 101 -24.71 28.67 -6.18
N ASP D 102 -25.92 28.65 -6.74
CA ASP D 102 -27.05 28.05 -6.04
C ASP D 102 -26.92 26.53 -5.93
N THR D 103 -26.40 25.88 -6.97
CA THR D 103 -26.30 24.43 -7.01
C THR D 103 -24.90 24.00 -6.60
N GLN D 104 -24.79 23.44 -5.40
CA GLN D 104 -23.51 23.08 -4.82
C GLN D 104 -23.44 21.57 -4.62
N TYR D 105 -22.36 20.96 -5.14
CA TYR D 105 -22.11 19.53 -5.05
C TYR D 105 -21.02 19.27 -4.02
N PHE D 106 -21.32 18.42 -3.04
CA PHE D 106 -20.44 18.26 -1.89
C PHE D 106 -19.42 17.14 -2.11
N GLY D 107 -18.27 17.32 -1.48
CA GLY D 107 -17.25 16.29 -1.43
C GLY D 107 -17.54 15.33 -0.28
N PRO D 108 -16.64 14.37 -0.06
CA PRO D 108 -16.88 13.39 1.01
C PRO D 108 -16.77 13.96 2.40
N GLY D 109 -15.99 15.03 2.57
CA GLY D 109 -15.84 15.63 3.88
C GLY D 109 -14.63 15.09 4.64
N THR D 110 -14.23 15.85 5.66
CA THR D 110 -13.12 15.49 6.51
C THR D 110 -13.65 15.27 7.92
N ARG D 111 -13.48 14.06 8.43
CA ARG D 111 -13.84 13.74 9.81
C ARG D 111 -12.69 14.16 10.72
N LEU D 112 -12.87 15.25 11.44
CA LEU D 112 -11.85 15.76 12.36
C LEU D 112 -12.32 15.50 13.79
N THR D 113 -11.52 14.76 14.54
CA THR D 113 -11.75 14.53 15.96
C THR D 113 -10.68 15.25 16.74
N VAL D 114 -11.10 16.14 17.65
CA VAL D 114 -10.18 16.90 18.49
C VAL D 114 -10.25 16.34 19.89
N LEU D 115 -9.10 15.91 20.41
CA LEU D 115 -9.01 15.29 21.73
C LEU D 115 -8.11 16.12 22.64
N GLU D 116 -8.26 15.89 23.95
CA GLU D 116 -7.34 16.51 24.89
C GLU D 116 -5.95 15.90 24.78
N ASP D 117 -5.87 14.59 24.61
CA ASP D 117 -4.60 13.90 24.41
C ASP D 117 -4.87 12.64 23.61
N LEU D 118 -3.80 11.90 23.31
CA LEU D 118 -3.90 10.69 22.51
C LEU D 118 -3.89 9.42 23.35
N LYS D 119 -4.06 9.53 24.68
CA LYS D 119 -3.92 8.38 25.54
C LYS D 119 -5.06 7.37 25.40
N ASN D 120 -6.23 7.80 24.94
CA ASN D 120 -7.39 6.92 24.85
C ASN D 120 -7.63 6.42 23.42
N VAL D 121 -6.64 6.57 22.53
CA VAL D 121 -6.77 6.13 21.15
C VAL D 121 -6.39 4.65 21.07
N PHE D 122 -7.34 3.82 20.63
CA PHE D 122 -7.12 2.38 20.54
C PHE D 122 -7.58 1.84 19.19
N PRO D 123 -6.80 0.97 18.57
CA PRO D 123 -7.29 0.26 17.39
C PRO D 123 -8.31 -0.78 17.79
N PRO D 124 -9.06 -1.35 16.84
CA PRO D 124 -10.06 -2.36 17.18
C PRO D 124 -9.48 -3.76 17.26
N GLU D 125 -10.13 -4.58 18.09
CA GLU D 125 -9.97 -6.03 18.04
C GLU D 125 -11.11 -6.60 17.22
N VAL D 126 -10.79 -7.51 16.30
CA VAL D 126 -11.76 -8.02 15.34
C VAL D 126 -11.88 -9.53 15.48
N ALA D 127 -13.11 -10.03 15.53
CA ALA D 127 -13.36 -11.46 15.60
C ALA D 127 -14.51 -11.82 14.66
N VAL D 128 -14.44 -13.03 14.11
CA VAL D 128 -15.46 -13.57 13.23
C VAL D 128 -16.11 -14.76 13.92
N PHE D 129 -17.44 -14.82 13.88
CA PHE D 129 -18.20 -15.89 14.52
C PHE D 129 -18.91 -16.71 13.45
N GLU D 130 -18.69 -18.02 13.49
CA GLU D 130 -19.19 -18.90 12.45
C GLU D 130 -20.70 -19.14 12.61
N PRO D 131 -21.40 -19.43 11.52
CA PRO D 131 -22.85 -19.65 11.62
C PRO D 131 -23.18 -20.91 12.44
N SER D 132 -24.29 -20.85 13.15
CA SER D 132 -24.71 -21.97 13.96
C SER D 132 -25.22 -23.11 13.07
N GLU D 133 -25.02 -24.33 13.56
CA GLU D 133 -25.59 -25.49 12.87
C GLU D 133 -27.11 -25.43 12.88
N ALA D 134 -27.70 -24.84 13.93
CA ALA D 134 -29.16 -24.77 14.01
C ALA D 134 -29.73 -23.85 12.93
N GLU D 135 -29.07 -22.73 12.66
CA GLU D 135 -29.56 -21.85 11.58
C GLU D 135 -29.51 -22.56 10.24
N ILE D 136 -28.43 -23.31 9.99
CA ILE D 136 -28.30 -24.03 8.72
C ILE D 136 -29.38 -25.10 8.59
N SER D 137 -29.65 -25.84 9.66
CA SER D 137 -30.71 -26.83 9.58
C SER D 137 -32.08 -26.18 9.43
N HIS D 138 -32.31 -25.08 10.14
CA HIS D 138 -33.63 -24.46 10.18
C HIS D 138 -33.94 -23.66 8.93
N THR D 139 -32.94 -23.04 8.30
CA THR D 139 -33.17 -22.12 7.20
C THR D 139 -32.40 -22.45 5.93
N GLN D 140 -31.42 -23.36 5.99
CA GLN D 140 -30.49 -23.58 4.87
C GLN D 140 -29.75 -22.29 4.49
N LYS D 141 -29.62 -21.37 5.45
CA LYS D 141 -28.81 -20.17 5.31
C LYS D 141 -27.80 -20.13 6.44
N ALA D 142 -26.73 -19.36 6.23
CA ALA D 142 -25.61 -19.33 7.16
C ALA D 142 -25.17 -17.89 7.37
N THR D 143 -25.31 -17.40 8.60
CA THR D 143 -24.95 -16.02 8.93
C THR D 143 -23.62 -16.02 9.68
N LEU D 144 -22.64 -15.33 9.11
CA LEU D 144 -21.40 -15.01 9.81
C LEU D 144 -21.51 -13.64 10.45
N VAL D 145 -20.93 -13.51 11.64
CA VAL D 145 -20.95 -12.25 12.38
C VAL D 145 -19.51 -11.78 12.60
N CYS D 146 -19.26 -10.50 12.36
CA CYS D 146 -17.99 -9.88 12.65
C CYS D 146 -18.16 -8.87 13.77
N LEU D 147 -17.23 -8.85 14.71
CA LEU D 147 -17.29 -7.97 15.87
C LEU D 147 -15.98 -7.20 15.97
N ALA D 148 -16.08 -5.87 15.97
CA ALA D 148 -14.95 -4.99 16.21
C ALA D 148 -15.19 -4.25 17.52
N THR D 149 -14.24 -4.38 18.45
CA THR D 149 -14.44 -3.87 19.80
C THR D 149 -13.22 -3.08 20.28
N GLY D 150 -13.46 -2.16 21.19
CA GLY D 150 -12.39 -1.44 21.88
C GLY D 150 -11.65 -0.42 21.05
N PHE D 151 -12.27 0.15 20.03
CA PHE D 151 -11.60 1.14 19.21
C PHE D 151 -12.06 2.54 19.57
N PHE D 152 -11.13 3.50 19.45
CA PHE D 152 -11.40 4.91 19.67
C PHE D 152 -10.39 5.76 18.91
N PRO D 153 -10.83 6.77 18.14
CA PRO D 153 -12.24 7.11 17.91
C PRO D 153 -12.88 6.21 16.88
N ASP D 154 -14.11 6.52 16.48
CA ASP D 154 -14.85 5.66 15.55
C ASP D 154 -14.51 5.99 14.09
N HIS D 155 -13.22 6.02 13.78
CA HIS D 155 -12.75 6.20 12.40
C HIS D 155 -12.41 4.84 11.82
N VAL D 156 -13.47 4.08 11.53
CA VAL D 156 -13.33 2.71 11.07
C VAL D 156 -14.18 2.48 9.84
N GLU D 157 -13.72 1.56 8.98
CA GLU D 157 -14.48 1.10 7.82
C GLU D 157 -14.40 -0.41 7.79
N LEU D 158 -15.55 -1.06 7.81
CA LEU D 158 -15.64 -2.51 7.83
C LEU D 158 -16.02 -3.03 6.45
N SER D 159 -15.36 -4.11 6.01
CA SER D 159 -15.71 -4.75 4.76
C SER D 159 -15.57 -6.25 4.89
N TRP D 160 -16.30 -6.98 4.05
CA TRP D 160 -16.25 -8.42 4.00
C TRP D 160 -15.55 -8.86 2.71
N TRP D 161 -14.72 -9.90 2.83
CA TRP D 161 -13.98 -10.44 1.70
C TRP D 161 -14.19 -11.95 1.65
N VAL D 162 -14.56 -12.44 0.47
CA VAL D 162 -14.81 -13.85 0.25
C VAL D 162 -13.92 -14.30 -0.90
N ASN D 163 -12.99 -15.20 -0.61
CA ASN D 163 -12.04 -15.71 -1.59
C ASN D 163 -11.31 -14.57 -2.28
N GLY D 164 -10.85 -13.61 -1.48
CA GLY D 164 -10.06 -12.52 -2.01
C GLY D 164 -10.82 -11.48 -2.80
N LYS D 165 -12.15 -11.43 -2.68
CA LYS D 165 -12.97 -10.46 -3.38
C LYS D 165 -13.94 -9.83 -2.41
N GLU D 166 -14.00 -8.50 -2.40
CA GLU D 166 -14.92 -7.81 -1.50
C GLU D 166 -16.35 -8.06 -1.95
N VAL D 167 -17.22 -8.35 -0.98
CA VAL D 167 -18.61 -8.66 -1.27
C VAL D 167 -19.50 -7.62 -0.60
N HIS D 168 -20.65 -7.38 -1.21
CA HIS D 168 -21.64 -6.49 -0.63
C HIS D 168 -22.99 -7.15 -0.46
N SER D 169 -23.38 -8.01 -1.40
CA SER D 169 -24.64 -8.73 -1.29
C SER D 169 -24.62 -9.63 -0.06
N GLY D 170 -25.65 -9.51 0.77
CA GLY D 170 -25.76 -10.27 1.98
C GLY D 170 -25.06 -9.69 3.19
N VAL D 171 -24.58 -8.44 3.12
CA VAL D 171 -23.85 -7.79 4.20
C VAL D 171 -24.75 -6.74 4.85
N CYS D 172 -24.74 -6.69 6.18
CA CYS D 172 -25.37 -5.61 6.94
C CYS D 172 -24.45 -5.23 8.09
N THR D 173 -24.08 -3.95 8.15
CA THR D 173 -23.23 -3.40 9.18
C THR D 173 -23.99 -2.34 9.95
N ASP D 174 -23.78 -2.30 11.27
CA ASP D 174 -24.43 -1.30 12.12
C ASP D 174 -24.19 0.10 11.54
N PRO D 175 -25.23 0.94 11.46
CA PRO D 175 -25.03 2.28 10.89
C PRO D 175 -24.14 3.17 11.74
N GLN D 176 -24.13 2.98 13.05
CA GLN D 176 -23.30 3.76 13.96
C GLN D 176 -22.71 2.85 15.02
N PRO D 177 -21.47 3.12 15.46
CA PRO D 177 -20.85 2.27 16.47
C PRO D 177 -21.60 2.32 17.79
N LEU D 178 -21.42 1.26 18.57
CA LEU D 178 -22.04 1.13 19.88
C LEU D 178 -21.04 1.57 20.95
N LYS D 179 -21.51 2.37 21.90
CA LYS D 179 -20.67 2.84 22.99
C LYS D 179 -20.53 1.73 24.03
N GLU D 180 -19.29 1.29 24.28
CA GLU D 180 -19.06 0.24 25.26
C GLU D 180 -19.31 0.73 26.67
N GLN D 181 -18.99 2.00 26.95
CA GLN D 181 -19.22 2.63 28.26
C GLN D 181 -20.11 3.85 28.03
N PRO D 182 -21.43 3.65 27.94
CA PRO D 182 -22.31 4.77 27.58
C PRO D 182 -22.20 5.98 28.50
N ALA D 183 -21.82 5.77 29.76
CA ALA D 183 -21.69 6.91 30.67
C ALA D 183 -20.44 7.72 30.36
N LEU D 184 -19.34 7.05 30.07
CA LEU D 184 -18.07 7.74 29.84
C LEU D 184 -18.11 8.43 28.48
N ASN D 185 -17.81 9.72 28.49
CA ASN D 185 -17.81 10.52 27.26
C ASN D 185 -16.59 10.26 26.38
N ASP D 186 -15.64 9.45 26.85
CA ASP D 186 -14.49 9.02 26.06
C ASP D 186 -14.49 7.52 25.86
N SER D 187 -15.68 6.92 25.85
CA SER D 187 -15.79 5.46 25.79
C SER D 187 -15.29 4.93 24.46
N ARG D 188 -14.66 3.76 24.51
CA ARG D 188 -14.32 3.04 23.30
C ARG D 188 -15.58 2.45 22.67
N TYR D 189 -15.49 2.17 21.37
CA TYR D 189 -16.67 1.80 20.60
C TYR D 189 -16.61 0.34 20.19
N ALA D 190 -17.79 -0.19 19.88
CA ALA D 190 -17.93 -1.53 19.33
C ALA D 190 -18.80 -1.46 18.08
N LEU D 191 -18.50 -2.33 17.12
CA LEU D 191 -19.22 -2.36 15.85
C LEU D 191 -19.37 -3.80 15.40
N SER D 192 -20.57 -4.14 14.92
CA SER D 192 -20.86 -5.48 14.45
C SER D 192 -21.34 -5.44 13.01
N SER D 193 -21.20 -6.58 12.33
CA SER D 193 -21.62 -6.72 10.95
C SER D 193 -22.04 -8.15 10.70
N ARG D 194 -22.84 -8.35 9.66
CA ARG D 194 -23.36 -9.65 9.29
C ARG D 194 -23.06 -9.93 7.84
N LEU D 195 -22.75 -11.19 7.54
CA LEU D 195 -22.68 -11.71 6.19
C LEU D 195 -23.47 -13.01 6.17
N ARG D 196 -24.50 -13.08 5.33
CA ARG D 196 -25.35 -14.25 5.26
C ARG D 196 -25.26 -14.86 3.87
N VAL D 197 -24.94 -16.15 3.82
CA VAL D 197 -24.83 -16.90 2.57
C VAL D 197 -25.69 -18.15 2.68
N SER D 198 -25.85 -18.83 1.55
CA SER D 198 -26.60 -20.07 1.54
C SER D 198 -25.81 -21.18 2.24
N ALA D 199 -26.53 -22.24 2.61
CA ALA D 199 -25.87 -23.36 3.28
C ALA D 199 -24.82 -24.00 2.38
N THR D 200 -25.11 -24.11 1.08
CA THR D 200 -24.16 -24.72 0.15
C THR D 200 -22.85 -23.94 0.10
N PHE D 201 -22.93 -22.61 0.18
CA PHE D 201 -21.70 -21.81 0.12
C PHE D 201 -20.87 -21.97 1.39
N TRP D 202 -21.52 -22.03 2.55
CA TRP D 202 -20.76 -22.21 3.78
C TRP D 202 -20.20 -23.62 3.90
N GLN D 203 -20.89 -24.61 3.34
CA GLN D 203 -20.49 -26.01 3.46
C GLN D 203 -19.41 -26.41 2.46
N ASN D 204 -18.82 -25.45 1.77
CA ASN D 204 -17.68 -25.72 0.90
C ASN D 204 -16.41 -25.31 1.63
N PRO D 205 -15.58 -26.25 2.09
CA PRO D 205 -14.40 -25.89 2.86
C PRO D 205 -13.37 -25.09 2.07
N ARG D 206 -13.53 -24.94 0.77
CA ARG D 206 -12.63 -24.13 -0.04
C ARG D 206 -12.97 -22.65 0.02
N ASN D 207 -14.11 -22.28 0.61
CA ASN D 207 -14.52 -20.88 0.66
C ASN D 207 -13.92 -20.20 1.88
N HIS D 208 -13.27 -19.06 1.64
CA HIS D 208 -12.54 -18.32 2.68
C HIS D 208 -13.27 -17.01 2.94
N PHE D 209 -13.68 -16.78 4.18
CA PHE D 209 -14.41 -15.60 4.58
C PHE D 209 -13.53 -14.72 5.45
N ARG D 210 -13.59 -13.41 5.22
CA ARG D 210 -12.72 -12.49 5.94
C ARG D 210 -13.48 -11.21 6.26
N CYS D 211 -13.42 -10.81 7.53
CA CYS D 211 -13.89 -9.51 7.95
C CYS D 211 -12.70 -8.59 8.16
N GLN D 212 -12.71 -7.44 7.49
CA GLN D 212 -11.61 -6.50 7.48
C GLN D 212 -12.08 -5.15 7.98
N VAL D 213 -11.40 -4.61 9.00
CA VAL D 213 -11.73 -3.33 9.59
C VAL D 213 -10.53 -2.41 9.42
N GLN D 214 -10.70 -1.36 8.62
CA GLN D 214 -9.68 -0.32 8.45
C GLN D 214 -9.83 0.71 9.56
N PHE D 215 -8.76 0.93 10.31
CA PHE D 215 -8.75 1.88 11.41
C PHE D 215 -7.86 3.06 11.05
N TYR D 216 -8.36 4.27 11.29
CA TYR D 216 -7.63 5.50 11.04
C TYR D 216 -7.25 6.08 12.39
N GLY D 217 -5.96 6.00 12.73
CA GLY D 217 -5.47 6.52 13.98
C GLY D 217 -4.31 7.47 13.77
N LEU D 218 -3.24 7.26 14.52
CA LEU D 218 -2.06 8.13 14.44
C LEU D 218 -1.20 7.74 13.25
N SER D 219 -0.40 8.69 12.78
CA SER D 219 0.54 8.41 11.70
C SER D 219 1.82 7.79 12.27
N GLU D 220 2.61 7.18 11.39
CA GLU D 220 3.90 6.66 11.81
C GLU D 220 4.80 7.76 12.35
N ASN D 221 4.68 8.97 11.80
CA ASN D 221 5.43 10.13 12.30
C ASN D 221 4.58 10.94 13.27
N ASP D 222 4.11 10.28 14.32
CA ASP D 222 3.34 10.89 15.38
C ASP D 222 4.00 10.61 16.73
N GLU D 223 3.99 11.60 17.61
CA GLU D 223 4.59 11.45 18.93
C GLU D 223 3.75 10.50 19.78
N TRP D 224 4.42 9.56 20.45
CA TRP D 224 3.73 8.58 21.28
C TRP D 224 4.62 8.22 22.46
N THR D 225 4.18 8.54 23.67
CA THR D 225 4.93 8.27 24.89
C THR D 225 4.06 7.50 25.89
N GLN D 226 3.66 6.30 25.49
CA GLN D 226 2.83 5.44 26.34
C GLN D 226 3.41 4.03 26.37
N ASP D 227 2.95 3.24 27.34
CA ASP D 227 3.49 1.91 27.59
C ASP D 227 2.90 0.85 26.67
N ARG D 228 2.07 1.22 25.70
CA ARG D 228 1.48 0.28 24.77
C ARG D 228 1.90 0.64 23.34
N ALA D 229 1.50 -0.21 22.39
CA ALA D 229 1.83 0.03 20.99
C ALA D 229 1.14 1.28 20.48
N LYS D 230 1.85 2.05 19.67
CA LYS D 230 1.31 3.29 19.11
C LYS D 230 0.12 2.99 18.21
N PRO D 231 -1.08 3.51 18.50
CA PRO D 231 -2.27 3.15 17.71
C PRO D 231 -2.27 3.75 16.32
N VAL D 232 -1.40 3.22 15.45
CA VAL D 232 -1.27 3.78 14.10
C VAL D 232 -2.45 3.34 13.24
N THR D 233 -2.63 4.05 12.14
CA THR D 233 -3.57 3.63 11.11
C THR D 233 -3.20 2.24 10.63
N GLN D 234 -4.16 1.32 10.65
CA GLN D 234 -3.87 -0.08 10.41
C GLN D 234 -5.15 -0.80 10.02
N ILE D 235 -4.98 -1.99 9.46
CA ILE D 235 -6.09 -2.86 9.09
C ILE D 235 -6.07 -4.06 10.04
N VAL D 236 -7.16 -4.24 10.78
CA VAL D 236 -7.31 -5.38 11.68
C VAL D 236 -8.37 -6.30 11.07
N SER D 237 -8.01 -7.57 10.92
CA SER D 237 -8.85 -8.49 10.18
C SER D 237 -9.05 -9.79 10.97
N ALA D 238 -10.14 -10.48 10.65
CA ALA D 238 -10.45 -11.78 11.21
C ALA D 238 -11.08 -12.64 10.14
N GLU D 239 -10.93 -13.96 10.27
CA GLU D 239 -11.25 -14.86 9.18
C GLU D 239 -12.09 -16.05 9.67
N ALA D 240 -12.61 -16.79 8.69
CA ALA D 240 -13.27 -18.06 8.92
C ALA D 240 -13.27 -18.83 7.60
N TRP D 241 -13.25 -20.15 7.72
CA TRP D 241 -13.29 -21.04 6.57
C TRP D 241 -14.55 -21.87 6.59
N GLY D 242 -15.05 -22.19 5.39
CA GLY D 242 -16.21 -23.05 5.30
C GLY D 242 -15.92 -24.43 5.88
N ARG D 243 -16.99 -25.06 6.36
CA ARG D 243 -16.92 -26.34 7.05
C ARG D 243 -17.95 -27.29 6.44
N ALA D 244 -17.53 -28.51 6.16
CA ALA D 244 -18.46 -29.55 5.70
C ALA D 244 -18.92 -30.45 6.84
N ASP D 245 -18.01 -30.84 7.74
CA ASP D 245 -18.34 -31.63 8.92
C ASP D 245 -19.15 -32.89 8.58
N ASP E 2 31.77 -56.00 30.17
CA ASP E 2 31.48 -55.93 28.74
C ASP E 2 29.97 -55.87 28.51
N ILE E 3 29.58 -55.47 27.31
CA ILE E 3 28.18 -55.35 26.92
C ILE E 3 27.79 -56.60 26.14
N VAL E 4 26.79 -57.32 26.65
CA VAL E 4 26.30 -58.54 26.01
C VAL E 4 25.12 -58.18 25.12
N ALA E 5 25.13 -58.70 23.90
CA ALA E 5 24.07 -58.44 22.94
C ALA E 5 24.07 -59.56 21.90
N ASP E 6 22.92 -59.71 21.23
CA ASP E 6 22.83 -60.70 20.17
C ASP E 6 23.72 -60.32 18.99
N HIS E 7 23.81 -59.03 18.69
CA HIS E 7 24.58 -58.56 17.56
C HIS E 7 25.24 -57.24 17.90
N VAL E 8 26.48 -57.08 17.46
CA VAL E 8 27.24 -55.86 17.65
C VAL E 8 27.68 -55.38 16.27
N ALA E 9 27.41 -54.11 16.00
CA ALA E 9 27.81 -53.49 14.74
C ALA E 9 28.64 -52.25 15.04
N SER E 10 29.60 -51.99 14.17
CA SER E 10 30.36 -50.75 14.18
C SER E 10 29.93 -49.98 12.94
N TYR E 11 28.88 -49.18 13.11
CA TYR E 11 28.41 -48.31 12.04
C TYR E 11 29.26 -47.05 12.13
N GLY E 12 30.51 -47.24 11.73
CA GLY E 12 31.54 -46.26 11.91
C GLY E 12 32.71 -46.82 12.68
N VAL E 13 33.60 -47.53 12.01
CA VAL E 13 35.00 -47.60 12.44
C VAL E 13 35.68 -46.44 11.73
N ASN E 14 36.04 -45.41 12.47
CA ASN E 14 36.66 -44.21 11.93
C ASN E 14 38.10 -44.15 12.41
N LEU E 15 39.04 -44.09 11.48
CA LEU E 15 40.46 -44.12 11.80
C LEU E 15 41.19 -43.01 11.07
N TYR E 16 42.08 -42.32 11.79
CA TYR E 16 42.97 -41.35 11.17
C TYR E 16 44.26 -41.31 11.97
N GLN E 17 45.39 -41.23 11.26
CA GLN E 17 46.69 -41.23 11.93
C GLN E 17 47.65 -40.30 11.21
N SER E 18 48.58 -39.73 11.98
CA SER E 18 49.51 -38.76 11.43
C SER E 18 50.50 -39.40 10.46
N TYR E 19 50.81 -40.67 10.63
CA TYR E 19 51.79 -41.32 9.76
C TYR E 19 51.16 -41.52 8.38
N GLY E 20 51.66 -40.79 7.39
CA GLY E 20 51.12 -40.81 6.05
C GLY E 20 50.88 -39.41 5.52
N PRO E 21 49.83 -38.74 6.02
CA PRO E 21 48.82 -39.28 6.93
C PRO E 21 47.86 -40.21 6.21
N SER E 22 47.14 -41.05 6.94
CA SER E 22 46.23 -42.01 6.33
C SER E 22 44.99 -42.18 7.20
N GLY E 23 43.92 -42.67 6.58
CA GLY E 23 42.68 -42.90 7.28
C GLY E 23 41.96 -44.13 6.77
N GLN E 24 40.89 -44.48 7.47
CA GLN E 24 40.05 -45.60 7.08
C GLN E 24 38.64 -45.34 7.60
N TYR E 25 37.65 -45.58 6.75
CA TYR E 25 36.26 -45.61 7.17
C TYR E 25 35.66 -46.94 6.74
N SER E 26 35.06 -47.65 7.68
CA SER E 26 34.48 -48.95 7.38
C SER E 26 33.35 -49.24 8.35
N HIS E 27 32.45 -50.11 7.93
CA HIS E 27 31.38 -50.62 8.78
C HIS E 27 31.60 -52.10 9.04
N GLU E 28 31.26 -52.52 10.25
CA GLU E 28 31.39 -53.92 10.65
C GLU E 28 30.09 -54.40 11.27
N PHE E 29 29.81 -55.69 11.08
CA PHE E 29 28.67 -56.33 11.73
C PHE E 29 29.13 -57.69 12.22
N ASP E 30 29.00 -57.92 13.53
CA ASP E 30 29.41 -59.17 14.17
C ASP E 30 30.85 -59.54 13.83
N GLY E 31 31.72 -58.53 13.81
CA GLY E 31 33.14 -58.74 13.66
C GLY E 31 33.66 -58.88 12.25
N ASP E 32 32.82 -58.73 11.23
CA ASP E 32 33.23 -58.82 9.84
C ASP E 32 33.00 -57.50 9.11
N GLU E 33 33.83 -57.24 8.10
CA GLU E 33 33.81 -55.96 7.41
C GLU E 33 32.76 -55.95 6.32
N GLU E 34 31.80 -55.03 6.41
CA GLU E 34 30.79 -54.90 5.37
C GLU E 34 31.33 -54.13 4.18
N PHE E 35 32.04 -53.03 4.43
CA PHE E 35 32.62 -52.23 3.38
C PHE E 35 33.68 -51.33 3.98
N TYR E 36 34.52 -50.79 3.10
CA TYR E 36 35.34 -49.63 3.41
C TYR E 36 35.11 -48.59 2.32
N VAL E 37 35.41 -47.35 2.63
CA VAL E 37 35.30 -46.26 1.67
C VAL E 37 36.71 -45.90 1.22
N ASP E 38 36.95 -45.98 -0.08
CA ASP E 38 38.22 -45.54 -0.64
C ASP E 38 38.23 -44.02 -0.57
N LEU E 39 38.99 -43.47 0.39
CA LEU E 39 38.98 -42.04 0.63
C LEU E 39 39.62 -41.28 -0.52
N GLU E 40 40.59 -41.87 -1.21
CA GLU E 40 41.24 -41.21 -2.34
C GLU E 40 40.34 -41.21 -3.57
N ARG E 41 39.72 -42.34 -3.88
CA ARG E 41 38.87 -42.45 -5.06
C ARG E 41 37.41 -42.08 -4.80
N LYS E 42 37.04 -41.84 -3.54
CA LYS E 42 35.66 -41.49 -3.16
C LYS E 42 34.67 -42.56 -3.62
N GLU E 43 34.93 -43.80 -3.18
CA GLU E 43 34.13 -44.94 -3.59
C GLU E 43 33.89 -45.86 -2.41
N THR E 44 32.66 -46.36 -2.31
CA THR E 44 32.30 -47.38 -1.33
C THR E 44 32.58 -48.76 -1.93
N VAL E 45 33.38 -49.56 -1.21
CA VAL E 45 33.82 -50.86 -1.71
C VAL E 45 33.30 -51.92 -0.75
N TRP E 46 32.16 -52.51 -1.08
CA TRP E 46 31.58 -53.56 -0.26
C TRP E 46 32.39 -54.85 -0.38
N GLN E 47 32.42 -55.61 0.71
CA GLN E 47 33.26 -56.80 0.80
C GLN E 47 32.55 -58.08 0.37
N LEU E 48 31.27 -58.01 0.00
CA LEU E 48 30.57 -59.14 -0.57
C LEU E 48 29.74 -58.68 -1.77
N PRO E 49 29.69 -59.47 -2.84
CA PRO E 49 28.75 -59.16 -3.92
C PRO E 49 27.30 -59.16 -3.45
N LEU E 50 27.00 -59.87 -2.36
CA LEU E 50 25.68 -59.74 -1.73
C LEU E 50 25.41 -58.30 -1.33
N PHE E 51 26.38 -57.63 -0.74
CA PHE E 51 26.19 -56.29 -0.21
C PHE E 51 26.14 -55.25 -1.32
N ARG E 52 27.03 -55.37 -2.31
CA ARG E 52 27.15 -54.37 -3.37
C ARG E 52 25.86 -54.28 -4.18
N ARG E 53 25.20 -55.42 -4.40
CA ARG E 53 24.01 -55.45 -5.22
C ARG E 53 22.82 -54.77 -4.54
N PHE E 54 22.72 -54.85 -3.22
CA PHE E 54 21.49 -54.49 -2.52
C PHE E 54 21.61 -53.33 -1.55
N ARG E 55 22.81 -52.84 -1.23
CA ARG E 55 22.99 -51.88 -0.16
C ARG E 55 23.72 -50.64 -0.66
N ARG E 56 23.39 -49.50 -0.06
CA ARG E 56 23.93 -48.20 -0.44
C ARG E 56 24.59 -47.53 0.75
N PHE E 57 25.75 -46.93 0.49
CA PHE E 57 26.41 -46.04 1.44
C PHE E 57 27.14 -44.98 0.65
N ASP E 58 26.88 -43.71 0.94
CA ASP E 58 27.48 -42.62 0.18
C ASP E 58 28.88 -42.32 0.69
N PRO E 59 29.90 -42.31 -0.17
CA PRO E 59 31.27 -42.06 0.30
C PRO E 59 31.45 -40.73 0.99
N GLN E 60 30.62 -39.73 0.69
CA GLN E 60 30.79 -38.42 1.30
C GLN E 60 30.62 -38.47 2.82
N PHE E 61 29.80 -39.39 3.33
CA PHE E 61 29.69 -39.51 4.78
C PHE E 61 31.03 -39.87 5.40
N ALA E 62 31.80 -40.73 4.73
CA ALA E 62 33.12 -41.09 5.23
C ALA E 62 34.08 -39.91 5.15
N LEU E 63 34.11 -39.23 3.99
CA LEU E 63 35.04 -38.12 3.82
C LEU E 63 34.78 -37.02 4.85
N THR E 64 33.50 -36.72 5.11
CA THR E 64 33.17 -35.72 6.12
C THR E 64 33.62 -36.17 7.50
N ASN E 65 33.34 -37.42 7.86
CA ASN E 65 33.68 -37.89 9.20
C ASN E 65 35.19 -37.92 9.40
N ILE E 66 35.94 -38.34 8.39
CA ILE E 66 37.39 -38.41 8.52
C ILE E 66 37.99 -37.02 8.69
N ALA E 67 37.42 -36.01 8.02
CA ALA E 67 37.91 -34.65 8.20
C ALA E 67 37.75 -34.20 9.64
N VAL E 68 36.67 -34.64 10.31
CA VAL E 68 36.51 -34.34 11.72
C VAL E 68 37.59 -35.06 12.54
N LEU E 69 37.89 -36.31 12.17
CA LEU E 69 38.95 -37.05 12.85
C LEU E 69 40.27 -36.31 12.77
N LYS E 70 40.61 -35.79 11.58
CA LYS E 70 41.83 -35.01 11.44
C LYS E 70 41.83 -33.82 12.39
N HIS E 71 40.70 -33.12 12.47
CA HIS E 71 40.58 -31.99 13.39
C HIS E 71 40.69 -32.45 14.85
N ASN E 72 39.97 -33.51 15.20
CA ASN E 72 39.99 -33.99 16.59
C ASN E 72 41.36 -34.47 17.01
N LEU E 73 42.08 -35.14 16.10
CA LEU E 73 43.41 -35.64 16.43
C LEU E 73 44.35 -34.50 16.79
N ASN E 74 44.32 -33.43 15.99
CA ASN E 74 45.15 -32.26 16.30
C ASN E 74 44.82 -31.72 17.68
N CYS E 75 43.53 -31.66 18.03
CA CYS E 75 43.13 -31.10 19.31
C CYS E 75 43.62 -31.95 20.47
N VAL E 76 43.54 -33.28 20.34
CA VAL E 76 43.98 -34.15 21.43
C VAL E 76 45.49 -34.34 21.44
N ILE E 77 46.17 -34.18 20.31
CA ILE E 77 47.63 -34.18 20.32
C ILE E 77 48.15 -33.08 21.24
N LYS E 78 47.57 -31.89 21.16
CA LYS E 78 47.98 -30.82 22.06
C LYS E 78 47.59 -31.14 23.50
N ARG E 79 46.37 -31.64 23.71
CA ARG E 79 45.89 -31.89 25.07
C ARG E 79 46.70 -32.96 25.78
N SER E 80 47.20 -33.96 25.04
CA SER E 80 48.00 -35.03 25.62
C SER E 80 49.49 -34.70 25.69
N ASN E 81 49.88 -33.45 25.39
CA ASN E 81 51.28 -33.04 25.35
C ASN E 81 52.07 -33.92 24.37
N SER E 82 51.48 -34.19 23.20
CA SER E 82 52.10 -34.97 22.13
C SER E 82 52.52 -36.36 22.60
N THR E 83 51.56 -37.10 23.14
CA THR E 83 51.80 -38.49 23.55
C THR E 83 51.62 -39.39 22.35
N ALA E 84 52.72 -39.98 21.87
CA ALA E 84 52.67 -40.82 20.68
C ALA E 84 52.19 -42.22 21.04
N ALA E 85 51.74 -42.95 20.01
CA ALA E 85 51.24 -44.29 20.18
C ALA E 85 52.34 -45.26 20.60
N THR E 86 51.95 -46.27 21.38
CA THR E 86 52.87 -47.33 21.78
C THR E 86 52.79 -48.47 20.78
N ASN E 87 53.93 -48.88 20.24
CA ASN E 87 53.96 -50.00 19.32
C ASN E 87 53.62 -51.29 20.07
N GLU E 88 52.71 -52.07 19.50
CA GLU E 88 52.41 -53.40 19.99
C GLU E 88 53.14 -54.44 19.15
N VAL E 89 53.31 -55.62 19.73
CA VAL E 89 53.90 -56.76 19.02
C VAL E 89 52.77 -57.51 18.34
N PRO E 90 52.71 -57.56 17.01
CA PRO E 90 51.63 -58.30 16.34
C PRO E 90 51.82 -59.79 16.48
N GLU E 91 50.72 -60.51 16.31
CA GLU E 91 50.69 -61.97 16.38
C GLU E 91 50.17 -62.49 15.05
N VAL E 92 50.93 -63.41 14.45
CA VAL E 92 50.67 -63.87 13.09
C VAL E 92 50.35 -65.36 13.09
N THR E 93 49.30 -65.73 12.34
CA THR E 93 48.87 -67.11 12.20
C THR E 93 48.51 -67.34 10.74
N VAL E 94 48.94 -68.48 10.20
CA VAL E 94 48.70 -68.83 8.80
C VAL E 94 47.97 -70.16 8.73
N PHE E 95 46.95 -70.23 7.88
CA PHE E 95 46.15 -71.45 7.72
C PHE E 95 45.45 -71.40 6.38
N SER E 96 44.95 -72.56 5.95
CA SER E 96 44.26 -72.64 4.68
C SER E 96 42.77 -72.45 4.87
N LYS E 97 42.09 -71.96 3.81
CA LYS E 97 40.65 -71.75 3.89
C LYS E 97 39.90 -73.07 3.95
N SER E 98 40.36 -74.06 3.19
CA SER E 98 39.72 -75.37 3.13
C SER E 98 40.78 -76.47 3.21
N PRO E 99 40.38 -77.73 3.42
CA PRO E 99 41.38 -78.81 3.41
C PRO E 99 42.17 -78.84 2.12
N VAL E 100 43.47 -79.08 2.24
CA VAL E 100 44.38 -78.97 1.11
C VAL E 100 44.26 -80.21 0.25
N THR E 101 44.04 -80.02 -1.05
CA THR E 101 44.00 -81.11 -2.01
C THR E 101 44.78 -80.68 -3.25
N LEU E 102 45.86 -81.40 -3.55
CA LEU E 102 46.72 -81.04 -4.67
C LEU E 102 45.92 -80.91 -5.96
N GLY E 103 46.13 -79.79 -6.65
CA GLY E 103 45.46 -79.52 -7.90
C GLY E 103 44.14 -78.77 -7.77
N GLN E 104 43.57 -78.70 -6.57
CA GLN E 104 42.28 -78.05 -6.38
C GLN E 104 42.46 -76.67 -5.80
N PRO E 105 41.96 -75.62 -6.46
CA PRO E 105 42.18 -74.25 -5.96
C PRO E 105 41.82 -74.11 -4.49
N ASN E 106 42.68 -73.40 -3.77
CA ASN E 106 42.49 -73.18 -2.34
C ASN E 106 42.96 -71.77 -2.03
N THR E 107 43.02 -71.43 -0.75
CA THR E 107 43.39 -70.09 -0.34
C THR E 107 44.18 -70.16 0.95
N LEU E 108 45.35 -69.53 0.97
CA LEU E 108 46.11 -69.35 2.18
C LEU E 108 45.65 -68.08 2.88
N ILE E 109 45.52 -68.15 4.19
CA ILE E 109 45.01 -67.05 4.99
C ILE E 109 46.07 -66.69 6.03
N CYS E 110 46.44 -65.42 6.08
CA CYS E 110 47.41 -64.92 7.05
C CYS E 110 46.71 -63.92 7.96
N LEU E 111 46.49 -64.31 9.21
CA LEU E 111 45.90 -63.43 10.20
C LEU E 111 47.01 -62.70 10.95
N VAL E 112 47.07 -61.39 10.80
CA VAL E 112 47.97 -60.54 11.58
C VAL E 112 47.11 -59.86 12.64
N ASP E 113 47.29 -60.28 13.89
CA ASP E 113 46.45 -59.84 15.01
C ASP E 113 47.23 -58.91 15.92
N ASN E 114 46.47 -58.17 16.74
CA ASN E 114 47.02 -57.25 17.73
C ASN E 114 47.93 -56.21 17.06
N ILE E 115 47.42 -55.58 16.02
CA ILE E 115 48.17 -54.58 15.27
C ILE E 115 47.91 -53.22 15.90
N PHE E 116 48.99 -52.57 16.33
CA PHE E 116 48.92 -51.16 16.70
C PHE E 116 50.33 -50.57 16.74
N PRO E 117 50.56 -49.42 16.08
CA PRO E 117 49.55 -48.66 15.32
C PRO E 117 49.19 -49.35 14.00
N PRO E 118 48.04 -48.97 13.41
CA PRO E 118 47.60 -49.62 12.16
C PRO E 118 48.46 -49.28 10.96
N VAL E 119 49.72 -49.71 11.00
CA VAL E 119 50.65 -49.58 9.89
C VAL E 119 51.41 -50.89 9.80
N VAL E 120 51.27 -51.61 8.68
CA VAL E 120 51.83 -52.95 8.58
C VAL E 120 52.09 -53.29 7.12
N ASN E 121 53.09 -54.13 6.89
CA ASN E 121 53.34 -54.77 5.61
C ASN E 121 53.07 -56.26 5.74
N ILE E 122 52.28 -56.80 4.83
CA ILE E 122 52.01 -58.23 4.76
C ILE E 122 52.39 -58.72 3.37
N THR E 123 53.32 -59.65 3.31
CA THR E 123 53.87 -60.16 2.05
C THR E 123 53.86 -61.67 2.07
N TRP E 124 53.38 -62.27 0.98
CA TRP E 124 53.43 -63.71 0.79
C TRP E 124 54.69 -64.10 0.04
N LEU E 125 55.36 -65.14 0.53
CA LEU E 125 56.53 -65.70 -0.12
C LEU E 125 56.23 -67.12 -0.59
N SER E 126 56.58 -67.41 -1.84
CA SER E 126 56.58 -68.76 -2.40
C SER E 126 58.02 -69.10 -2.75
N ASN E 127 58.57 -70.09 -2.05
CA ASN E 127 59.97 -70.49 -2.23
C ASN E 127 60.91 -69.29 -2.10
N GLY E 128 60.61 -68.42 -1.14
CA GLY E 128 61.49 -67.31 -0.79
C GLY E 128 61.34 -66.06 -1.62
N HIS E 129 60.37 -65.99 -2.51
CA HIS E 129 60.20 -64.83 -3.39
C HIS E 129 58.79 -64.26 -3.25
N SER E 130 58.72 -62.94 -3.39
CA SER E 130 57.48 -62.23 -3.24
C SER E 130 56.45 -62.68 -4.27
N VAL E 131 55.21 -62.88 -3.81
CA VAL E 131 54.10 -63.27 -4.67
C VAL E 131 53.03 -62.21 -4.51
N THR E 132 52.64 -61.60 -5.63
CA THR E 132 51.57 -60.62 -5.66
C THR E 132 50.36 -61.08 -6.46
N GLU E 133 50.50 -62.12 -7.28
CA GLU E 133 49.38 -62.63 -8.06
C GLU E 133 48.41 -63.37 -7.15
N GLY E 134 47.12 -63.05 -7.28
CA GLY E 134 46.11 -63.70 -6.48
C GLY E 134 46.10 -63.31 -5.01
N VAL E 135 46.57 -62.11 -4.69
CA VAL E 135 46.68 -61.65 -3.31
C VAL E 135 45.64 -60.56 -3.08
N SER E 136 44.93 -60.68 -1.95
CA SER E 136 44.02 -59.64 -1.49
C SER E 136 44.07 -59.62 0.02
N GLU E 137 43.42 -58.62 0.60
CA GLU E 137 43.41 -58.49 2.06
C GLU E 137 42.19 -57.71 2.49
N THR E 138 41.88 -57.83 3.79
CA THR E 138 40.86 -57.02 4.41
C THR E 138 41.41 -55.64 4.75
N SER E 139 40.53 -54.75 5.17
CA SER E 139 40.94 -53.50 5.79
C SER E 139 41.45 -53.81 7.19
N PHE E 140 41.77 -52.77 7.95
CA PHE E 140 42.03 -52.97 9.37
C PHE E 140 40.70 -53.24 10.07
N LEU E 141 40.60 -54.38 10.74
CA LEU E 141 39.40 -54.75 11.48
C LEU E 141 39.58 -54.41 12.94
N SER E 142 38.55 -53.80 13.54
CA SER E 142 38.66 -53.26 14.88
C SER E 142 38.62 -54.37 15.93
N LYS E 143 39.18 -54.08 17.10
CA LYS E 143 39.15 -54.95 18.26
C LYS E 143 38.69 -54.15 19.47
N SER E 144 38.15 -54.84 20.47
CA SER E 144 37.55 -54.17 21.61
C SER E 144 38.60 -53.41 22.44
N ASP E 145 39.86 -53.82 22.41
CA ASP E 145 40.92 -53.08 23.08
C ASP E 145 41.52 -52.00 22.19
N HIS E 146 40.87 -51.67 21.08
CA HIS E 146 41.22 -50.58 20.19
C HIS E 146 42.52 -50.79 19.44
N SER E 147 43.04 -52.02 19.43
CA SER E 147 44.02 -52.43 18.44
C SER E 147 43.28 -53.00 17.23
N PHE E 148 44.03 -53.46 16.24
CA PHE E 148 43.43 -53.93 15.01
C PHE E 148 43.96 -55.32 14.64
N PHE E 149 43.23 -55.99 13.76
CA PHE E 149 43.76 -57.13 13.04
C PHE E 149 43.45 -56.98 11.56
N LYS E 150 44.23 -57.67 10.75
CA LYS E 150 44.13 -57.61 9.31
C LYS E 150 44.43 -58.98 8.75
N ILE E 151 43.74 -59.35 7.68
CA ILE E 151 43.85 -60.68 7.10
C ILE E 151 44.19 -60.55 5.63
N SER E 152 45.21 -61.29 5.19
CA SER E 152 45.63 -61.35 3.80
C SER E 152 45.34 -62.73 3.24
N TYR E 153 45.03 -62.78 1.94
CA TYR E 153 44.66 -64.01 1.26
C TYR E 153 45.54 -64.24 0.04
N LEU E 154 45.89 -65.50 -0.19
CA LEU E 154 46.63 -65.91 -1.37
C LEU E 154 45.90 -67.08 -2.01
N THR E 155 45.36 -66.86 -3.21
CA THR E 155 44.78 -67.95 -3.99
C THR E 155 45.90 -68.71 -4.67
N PHE E 156 45.85 -70.04 -4.59
CA PHE E 156 46.93 -70.86 -5.10
C PHE E 156 46.39 -72.23 -5.47
N LEU E 157 47.14 -72.92 -6.33
CA LEU E 157 46.88 -74.32 -6.63
C LEU E 157 47.83 -75.16 -5.80
N PRO E 158 47.35 -75.85 -4.76
CA PRO E 158 48.24 -76.68 -3.95
C PRO E 158 48.95 -77.71 -4.81
N SER E 159 50.27 -77.78 -4.66
CA SER E 159 51.09 -78.73 -5.36
C SER E 159 52.19 -79.21 -4.42
N ALA E 160 52.66 -80.43 -4.65
CA ALA E 160 53.75 -80.95 -3.84
C ALA E 160 55.01 -80.13 -4.09
N ASP E 161 55.88 -80.10 -3.07
CA ASP E 161 57.17 -79.42 -3.18
C ASP E 161 57.00 -77.92 -3.39
N GLU E 162 56.18 -77.31 -2.54
CA GLU E 162 55.97 -75.87 -2.58
C GLU E 162 55.64 -75.42 -1.17
N ILE E 163 56.46 -74.53 -0.63
CA ILE E 163 56.26 -74.00 0.71
C ILE E 163 56.00 -72.51 0.64
N TYR E 164 55.31 -72.01 1.66
CA TYR E 164 54.83 -70.63 1.68
C TYR E 164 55.12 -69.97 3.02
N ASP E 165 55.27 -68.65 2.98
CA ASP E 165 55.51 -67.85 4.16
C ASP E 165 54.67 -66.58 4.09
N CYS E 166 54.19 -66.15 5.25
CA CYS E 166 53.55 -64.84 5.40
C CYS E 166 54.57 -63.92 6.08
N LYS E 167 55.04 -62.91 5.35
CA LYS E 167 56.06 -61.99 5.83
C LYS E 167 55.39 -60.71 6.34
N VAL E 168 55.53 -60.44 7.63
CA VAL E 168 54.88 -59.31 8.27
C VAL E 168 55.95 -58.36 8.81
N GLU E 169 55.83 -57.08 8.45
CA GLU E 169 56.75 -56.04 8.91
C GLU E 169 55.96 -55.03 9.72
N HIS E 170 56.37 -54.81 10.97
CA HIS E 170 55.69 -53.90 11.87
C HIS E 170 56.70 -53.28 12.82
N TRP E 171 56.44 -52.03 13.22
CA TRP E 171 57.36 -51.32 14.11
C TRP E 171 57.49 -52.00 15.46
N GLY E 172 56.50 -52.79 15.88
CA GLY E 172 56.59 -53.56 17.10
C GLY E 172 57.46 -54.80 17.01
N LEU E 173 58.02 -55.09 15.84
CA LEU E 173 58.90 -56.23 15.63
C LEU E 173 60.32 -55.75 15.43
N ASP E 174 61.29 -56.48 15.99
CA ASP E 174 62.70 -56.15 15.80
C ASP E 174 63.17 -56.47 14.39
N GLU E 175 62.48 -57.35 13.68
CA GLU E 175 62.87 -57.77 12.34
C GLU E 175 61.64 -58.32 11.64
N PRO E 176 61.66 -58.39 10.31
CA PRO E 176 60.51 -58.96 9.60
C PRO E 176 60.18 -60.35 10.12
N LEU E 177 58.89 -60.57 10.36
CA LEU E 177 58.40 -61.83 10.91
C LEU E 177 57.89 -62.71 9.78
N LEU E 178 58.41 -63.92 9.69
CA LEU E 178 58.00 -64.87 8.67
C LEU E 178 57.33 -66.05 9.34
N LYS E 179 56.04 -66.23 9.08
CA LYS E 179 55.29 -67.36 9.58
C LYS E 179 55.14 -68.37 8.45
N HIS E 180 55.62 -69.59 8.69
CA HIS E 180 55.70 -70.63 7.69
C HIS E 180 54.44 -71.48 7.68
N TRP E 181 54.09 -71.96 6.49
CA TRP E 181 52.97 -72.87 6.30
C TRP E 181 53.34 -73.94 5.30
N GLU E 182 52.91 -75.17 5.58
CA GLU E 182 53.18 -76.31 4.75
C GLU E 182 51.98 -77.24 4.76
N PRO E 183 51.73 -77.98 3.66
CA PRO E 183 50.62 -78.94 3.60
C PRO E 183 50.81 -80.11 4.55
N GLY F 1 18.65 -50.83 -1.46
CA GLY F 1 18.11 -50.28 -0.23
C GLY F 1 18.39 -48.80 -0.07
N GLN F 2 17.91 -48.22 1.03
CA GLN F 2 18.15 -46.81 1.28
C GLN F 2 19.57 -46.56 1.75
N VAL F 3 20.05 -45.35 1.51
CA VAL F 3 21.42 -44.99 1.88
C VAL F 3 21.60 -45.17 3.38
N GLU F 4 22.59 -45.96 3.76
CA GLU F 4 22.89 -46.19 5.17
C GLU F 4 23.81 -45.12 5.70
N LEU F 5 23.79 -44.95 7.02
CA LEU F 5 24.56 -43.90 7.68
C LEU F 5 25.36 -44.47 8.83
N GLY F 6 26.37 -43.71 9.24
CA GLY F 6 27.13 -44.00 10.44
C GLY F 6 26.88 -42.95 11.51
N GLY F 7 27.48 -43.18 12.66
CA GLY F 7 27.43 -42.18 13.72
C GLY F 7 28.31 -41.00 13.34
N GLY F 8 27.79 -39.80 13.55
CA GLY F 8 28.57 -38.59 13.30
C GLY F 8 29.47 -38.28 14.49
N ASN F 9 30.75 -38.06 14.21
CA ASN F 9 31.69 -37.78 15.29
C ASN F 9 31.60 -36.33 15.74
N ALA F 10 31.49 -36.13 17.04
CA ALA F 10 31.44 -34.79 17.59
C ALA F 10 32.79 -34.09 17.38
N VAL F 11 32.74 -32.79 17.11
CA VAL F 11 33.92 -31.99 16.79
C VAL F 11 34.58 -31.53 18.08
N GLU F 12 35.89 -31.73 18.21
CA GLU F 12 36.61 -31.34 19.40
C GLU F 12 36.63 -29.82 19.57
N VAL F 13 36.94 -29.39 20.79
CA VAL F 13 36.72 -28.01 21.22
C VAL F 13 37.59 -27.03 20.44
N CYS F 14 38.80 -27.43 20.05
CA CYS F 14 39.73 -26.53 19.39
C CYS F 14 39.09 -25.84 18.19
N LYS F 15 39.49 -24.59 17.94
CA LYS F 15 38.82 -23.73 16.98
C LYS F 15 39.35 -23.84 15.56
N GLY F 16 40.58 -24.30 15.37
CA GLY F 16 41.13 -24.28 14.02
C GLY F 16 41.34 -25.65 13.41
N SER F 17 42.58 -26.04 13.21
CA SER F 17 42.91 -27.35 12.67
C SER F 17 43.00 -28.40 13.78
N SER F 33 61.59 -46.34 15.56
CA SER F 33 60.42 -46.31 14.68
C SER F 33 59.88 -44.89 14.53
N PRO F 34 59.17 -44.62 13.44
CA PRO F 34 58.54 -43.30 13.28
C PRO F 34 57.46 -43.10 14.33
N GLU F 35 57.27 -41.84 14.72
CA GLU F 35 56.20 -41.51 15.64
C GLU F 35 54.86 -41.53 14.92
N ASP F 36 53.82 -41.93 15.64
CA ASP F 36 52.47 -42.00 15.08
C ASP F 36 51.46 -41.58 16.14
N PHE F 37 50.59 -40.65 15.76
CA PHE F 37 49.47 -40.22 16.60
C PHE F 37 48.19 -40.72 15.94
N VAL F 38 47.39 -41.48 16.67
CA VAL F 38 46.25 -42.21 16.13
C VAL F 38 44.98 -41.73 16.81
N TYR F 39 43.94 -41.49 16.02
CA TYR F 39 42.63 -41.16 16.52
C TYR F 39 41.62 -42.16 15.98
N GLN F 40 40.72 -42.61 16.84
CA GLN F 40 39.68 -43.57 16.48
C GLN F 40 38.34 -43.04 16.97
N PHE F 41 37.32 -43.20 16.13
CA PHE F 41 35.94 -42.97 16.53
C PHE F 41 35.13 -44.17 16.10
N LYS F 42 34.37 -44.75 17.03
CA LYS F 42 33.61 -45.96 16.78
C LYS F 42 32.14 -45.71 17.10
N GLY F 43 31.29 -45.80 16.08
CA GLY F 43 29.86 -45.77 16.28
C GLY F 43 29.33 -47.19 16.41
N MET F 44 29.06 -47.62 17.64
CA MET F 44 28.76 -49.01 17.93
C MET F 44 27.30 -49.18 18.34
N CYS F 45 26.63 -50.15 17.72
CA CYS F 45 25.24 -50.48 18.00
C CYS F 45 25.17 -51.90 18.54
N TYR F 46 24.47 -52.07 19.66
CA TYR F 46 24.25 -53.36 20.28
C TYR F 46 22.78 -53.72 20.18
N PHE F 47 22.48 -54.90 19.64
CA PHE F 47 21.11 -55.35 19.39
C PHE F 47 20.82 -56.63 20.16
N THR F 48 19.62 -56.69 20.75
CA THR F 48 19.14 -57.90 21.40
C THR F 48 17.66 -58.05 21.05
N ASN F 49 17.29 -59.25 20.61
CA ASN F 49 15.92 -59.60 20.17
C ASN F 49 15.44 -58.66 19.06
N GLY F 50 16.12 -58.75 17.92
CA GLY F 50 15.84 -57.81 16.86
C GLY F 50 16.23 -56.43 17.33
N THR F 51 15.31 -55.49 17.15
CA THR F 51 15.50 -54.12 17.63
C THR F 51 14.68 -53.84 18.88
N GLU F 52 14.32 -54.87 19.64
CA GLU F 52 13.60 -54.67 20.88
C GLU F 52 14.47 -53.96 21.92
N ARG F 53 15.75 -54.32 21.99
CA ARG F 53 16.71 -53.68 22.87
C ARG F 53 17.88 -53.22 22.02
N VAL F 54 17.98 -51.91 21.82
CA VAL F 54 19.03 -51.31 21.00
C VAL F 54 19.81 -50.34 21.87
N ARG F 55 21.13 -50.37 21.74
CA ARG F 55 22.00 -49.53 22.55
C ARG F 55 23.09 -48.94 21.66
N LEU F 56 23.22 -47.61 21.70
CA LEU F 56 24.24 -46.90 20.94
C LEU F 56 25.34 -46.47 21.90
N VAL F 57 26.58 -46.79 21.55
CA VAL F 57 27.76 -46.36 22.31
C VAL F 57 28.78 -45.84 21.30
N THR F 58 29.04 -44.54 21.31
CA THR F 58 30.06 -43.93 20.46
C THR F 58 31.31 -43.71 21.30
N ARG F 59 32.46 -44.13 20.77
CA ARG F 59 33.70 -44.13 21.52
C ARG F 59 34.71 -43.22 20.84
N TYR F 60 35.32 -42.35 21.62
CA TYR F 60 36.34 -41.41 21.15
C TYR F 60 37.68 -41.84 21.74
N ILE F 61 38.61 -42.22 20.87
CA ILE F 61 39.83 -42.90 21.27
C ILE F 61 41.04 -42.13 20.76
N TYR F 62 41.97 -41.83 21.65
CA TYR F 62 43.26 -41.26 21.29
C TYR F 62 44.30 -42.37 21.44
N ASN F 63 44.95 -42.72 20.34
CA ASN F 63 45.77 -43.92 20.24
C ASN F 63 44.91 -45.12 20.59
N ARG F 64 45.13 -45.73 21.76
CA ARG F 64 44.30 -46.83 22.22
C ARG F 64 43.52 -46.47 23.49
N GLU F 65 43.48 -45.19 23.86
CA GLU F 65 42.83 -44.75 25.09
C GLU F 65 41.46 -44.17 24.74
N GLU F 66 40.40 -44.85 25.17
CA GLU F 66 39.05 -44.31 25.06
C GLU F 66 38.87 -43.22 26.11
N TYR F 67 38.78 -41.96 25.69
CA TYR F 67 38.75 -40.86 26.63
C TYR F 67 37.37 -40.22 26.78
N ALA F 68 36.45 -40.47 25.86
CA ALA F 68 35.09 -39.95 25.97
C ALA F 68 34.15 -40.90 25.26
N ARG F 69 32.91 -40.96 25.74
CA ARG F 69 31.94 -41.82 25.08
C ARG F 69 30.53 -41.31 25.34
N PHE F 70 29.67 -41.56 24.36
CA PHE F 70 28.23 -41.38 24.51
C PHE F 70 27.59 -42.76 24.66
N ASP F 71 26.69 -42.88 25.62
CA ASP F 71 25.97 -44.12 25.87
C ASP F 71 24.48 -43.82 25.87
N SER F 72 23.73 -44.42 24.94
CA SER F 72 22.31 -44.14 24.82
C SER F 72 21.55 -44.55 26.08
N ASP F 73 22.08 -45.51 26.85
CA ASP F 73 21.46 -45.84 28.13
C ASP F 73 21.58 -44.71 29.13
N VAL F 74 22.52 -43.78 28.92
CA VAL F 74 22.68 -42.62 29.78
C VAL F 74 22.11 -41.36 29.12
N GLY F 75 22.40 -41.15 27.83
CA GLY F 75 21.84 -40.04 27.10
C GLY F 75 22.71 -38.81 26.98
N VAL F 76 23.88 -38.79 27.62
CA VAL F 76 24.82 -37.68 27.53
C VAL F 76 26.23 -38.25 27.37
N TYR F 77 27.15 -37.39 26.93
CA TYR F 77 28.55 -37.75 26.85
C TYR F 77 29.18 -37.78 28.24
N ARG F 78 30.16 -38.67 28.40
CA ARG F 78 30.88 -38.74 29.66
C ARG F 78 32.37 -38.88 29.39
N ALA F 79 33.17 -38.32 30.29
CA ALA F 79 34.62 -38.50 30.21
C ALA F 79 35.00 -39.85 30.79
N VAL F 80 35.90 -40.54 30.10
CA VAL F 80 36.37 -41.85 30.53
C VAL F 80 37.72 -41.75 31.22
N THR F 81 38.60 -40.91 30.70
CA THR F 81 39.93 -40.64 31.25
C THR F 81 40.06 -39.15 31.46
N PRO F 82 41.10 -38.71 32.19
CA PRO F 82 41.30 -37.25 32.36
C PRO F 82 41.45 -36.50 31.05
N LEU F 83 41.67 -37.18 29.93
CA LEU F 83 41.74 -36.55 28.63
C LEU F 83 40.38 -36.10 28.12
N GLY F 84 39.30 -36.54 28.76
CA GLY F 84 37.95 -36.38 28.25
C GLY F 84 37.08 -35.22 28.73
N PRO F 85 37.27 -34.73 29.96
CA PRO F 85 36.34 -33.69 30.49
C PRO F 85 36.15 -32.53 29.53
N PRO F 86 37.22 -31.95 28.93
CA PRO F 86 36.97 -30.84 28.01
C PRO F 86 36.06 -31.21 26.85
N ALA F 87 36.16 -32.44 26.34
CA ALA F 87 35.34 -32.86 25.22
C ALA F 87 33.90 -33.15 25.66
N ALA F 88 33.73 -33.93 26.72
CA ALA F 88 32.40 -34.33 27.17
C ALA F 88 31.58 -33.13 27.63
N GLU F 89 32.21 -32.21 28.37
CA GLU F 89 31.50 -31.01 28.80
C GLU F 89 31.09 -30.15 27.61
N TYR F 90 31.99 -29.99 26.64
CA TYR F 90 31.69 -29.19 25.46
C TYR F 90 30.54 -29.80 24.67
N TRP F 91 30.59 -31.12 24.44
CA TRP F 91 29.55 -31.76 23.66
C TRP F 91 28.22 -31.82 24.42
N ASN F 92 28.27 -31.96 25.75
CA ASN F 92 27.02 -31.97 26.52
C ASN F 92 26.39 -30.59 26.61
N SER F 93 27.13 -29.53 26.33
CA SER F 93 26.60 -28.18 26.40
C SER F 93 25.95 -27.73 25.10
N GLN F 94 26.17 -28.45 23.99
CA GLN F 94 25.60 -28.11 22.71
C GLN F 94 24.37 -28.99 22.44
N LYS F 95 23.20 -28.35 22.33
CA LYS F 95 22.00 -29.11 22.04
C LYS F 95 22.05 -29.75 20.66
N GLU F 96 22.72 -29.12 19.70
CA GLU F 96 22.82 -29.69 18.35
C GLU F 96 23.66 -30.96 18.32
N VAL F 97 24.51 -31.17 19.31
CA VAL F 97 25.29 -32.41 19.39
C VAL F 97 24.51 -33.50 20.12
N LEU F 98 23.93 -33.15 21.27
CA LEU F 98 23.22 -34.13 22.09
C LEU F 98 22.03 -34.72 21.34
N GLU F 99 21.18 -33.86 20.80
CA GLU F 99 19.95 -34.33 20.16
C GLU F 99 20.27 -35.12 18.90
N ARG F 100 21.28 -34.68 18.14
CA ARG F 100 21.64 -35.39 16.92
C ARG F 100 22.23 -36.75 17.24
N THR F 101 23.06 -36.84 18.30
CA THR F 101 23.61 -38.12 18.69
C THR F 101 22.52 -39.06 19.22
N ARG F 102 21.57 -38.52 19.99
CA ARG F 102 20.48 -39.32 20.51
C ARG F 102 19.62 -39.88 19.39
N ALA F 103 19.41 -39.09 18.34
CA ALA F 103 18.59 -39.53 17.22
C ALA F 103 19.23 -40.67 16.44
N GLU F 104 20.56 -40.84 16.54
CA GLU F 104 21.24 -41.88 15.80
C GLU F 104 20.84 -43.29 16.24
N LEU F 105 20.30 -43.44 17.44
CA LEU F 105 19.77 -44.74 17.84
C LEU F 105 18.74 -45.24 16.84
N ASP F 106 18.01 -44.32 16.21
CA ASP F 106 17.04 -44.65 15.16
C ASP F 106 17.63 -44.52 13.76
N THR F 107 18.28 -43.39 13.47
CA THR F 107 18.74 -43.14 12.11
C THR F 107 19.93 -44.00 11.70
N VAL F 108 20.68 -44.53 12.67
CA VAL F 108 21.85 -45.35 12.36
C VAL F 108 21.60 -46.80 12.76
N CYS F 109 21.45 -47.05 14.06
CA CYS F 109 21.34 -48.42 14.56
C CYS F 109 20.10 -49.11 14.02
N ARG F 110 18.92 -48.55 14.27
CA ARG F 110 17.68 -49.25 13.91
C ARG F 110 17.50 -49.33 12.40
N HIS F 111 17.86 -48.27 11.67
CA HIS F 111 17.66 -48.29 10.23
C HIS F 111 18.62 -49.27 9.54
N ASN F 112 19.92 -49.21 9.88
CA ASN F 112 20.87 -50.14 9.30
C ASN F 112 20.48 -51.58 9.61
N TYR F 113 19.94 -51.83 10.80
CA TYR F 113 19.53 -53.19 11.16
C TYR F 113 18.49 -53.74 10.21
N GLN F 114 17.62 -52.87 9.67
CA GLN F 114 16.62 -53.33 8.71
C GLN F 114 17.27 -53.92 7.47
N LEU F 115 18.41 -53.38 7.06
CA LEU F 115 19.11 -53.93 5.91
C LEU F 115 19.98 -55.13 6.29
N GLU F 116 20.40 -55.22 7.54
CA GLU F 116 21.03 -56.46 8.00
C GLU F 116 20.02 -57.61 7.97
N LEU F 117 18.76 -57.30 8.28
CA LEU F 117 17.72 -58.33 8.27
C LEU F 117 17.54 -58.91 6.87
N ARG F 118 17.78 -58.12 5.83
CA ARG F 118 17.61 -58.63 4.47
C ARG F 118 18.88 -59.27 3.92
N THR F 119 20.01 -59.11 4.60
CA THR F 119 21.29 -59.60 4.08
C THR F 119 22.03 -60.42 5.13
N THR F 120 22.73 -59.73 6.03
CA THR F 120 23.64 -60.40 6.94
C THR F 120 22.91 -61.44 7.80
N LEU F 121 21.74 -61.07 8.32
CA LEU F 121 21.01 -61.95 9.22
C LEU F 121 20.27 -63.08 8.50
N GLN F 122 20.20 -63.05 7.17
CA GLN F 122 19.69 -64.17 6.39
C GLN F 122 20.80 -65.01 5.77
N ARG F 123 22.05 -64.64 6.00
CA ARG F 123 23.18 -65.34 5.39
C ARG F 123 23.35 -66.69 6.08
N ARG F 124 23.09 -67.76 5.34
CA ARG F 124 23.23 -69.13 5.83
C ARG F 124 24.12 -69.85 4.84
N VAL F 125 25.36 -70.09 5.24
CA VAL F 125 26.32 -70.81 4.40
C VAL F 125 26.51 -72.18 5.04
N GLU F 126 26.08 -73.22 4.34
CA GLU F 126 26.17 -74.57 4.88
C GLU F 126 27.63 -74.98 5.01
N PRO F 127 28.03 -75.57 6.13
CA PRO F 127 29.43 -75.99 6.28
C PRO F 127 29.77 -77.16 5.38
N THR F 128 31.00 -77.17 4.88
CA THR F 128 31.57 -78.33 4.21
C THR F 128 32.28 -79.18 5.24
N VAL F 129 31.95 -80.46 5.30
CA VAL F 129 32.46 -81.36 6.33
C VAL F 129 33.25 -82.48 5.67
N THR F 130 34.54 -82.57 6.00
CA THR F 130 35.41 -83.60 5.46
C THR F 130 36.26 -84.19 6.58
N ILE F 131 36.59 -85.47 6.45
CA ILE F 131 37.44 -86.18 7.39
C ILE F 131 38.76 -86.50 6.69
N SER F 132 39.87 -86.33 7.42
CA SER F 132 41.19 -86.62 6.87
C SER F 132 42.07 -87.13 8.00
N PRO F 133 42.89 -88.16 7.76
CA PRO F 133 43.85 -88.65 8.76
C PRO F 133 45.02 -87.68 8.96
N ASN F 143 45.60 -93.13 14.24
CA ASN F 143 46.35 -92.09 14.92
C ASN F 143 45.47 -90.88 15.20
N LEU F 144 45.36 -89.99 14.20
CA LEU F 144 44.66 -88.73 14.35
C LEU F 144 43.71 -88.53 13.17
N LEU F 145 42.43 -88.36 13.46
CA LEU F 145 41.43 -88.00 12.46
C LEU F 145 41.06 -86.53 12.59
N VAL F 146 41.01 -85.82 11.47
CA VAL F 146 40.71 -84.40 11.46
C VAL F 146 39.37 -84.22 10.76
N CYS F 147 38.38 -83.69 11.48
CA CYS F 147 37.11 -83.30 10.89
C CYS F 147 37.17 -81.81 10.62
N SER F 148 37.31 -81.45 9.35
CA SER F 148 37.36 -80.06 8.94
C SER F 148 35.95 -79.58 8.62
N VAL F 149 35.50 -78.56 9.33
CA VAL F 149 34.20 -77.96 9.12
C VAL F 149 34.48 -76.55 8.60
N THR F 150 34.36 -76.36 7.28
CA THR F 150 34.86 -75.16 6.65
C THR F 150 33.77 -74.39 5.93
N ASP F 151 33.96 -73.06 5.87
CA ASP F 151 33.15 -72.15 5.07
C ASP F 151 31.67 -72.21 5.46
N PHE F 152 31.40 -71.79 6.69
CA PHE F 152 30.03 -71.70 7.16
C PHE F 152 29.77 -70.33 7.79
N TYR F 153 28.49 -70.00 7.90
CA TYR F 153 28.03 -68.75 8.48
C TYR F 153 26.56 -68.93 8.79
N PRO F 154 26.07 -68.47 9.96
CA PRO F 154 26.79 -67.74 11.02
C PRO F 154 27.68 -68.63 11.89
N ALA F 155 28.13 -68.08 13.03
CA ALA F 155 29.19 -68.72 13.81
C ALA F 155 28.71 -69.93 14.60
N GLN F 156 27.43 -70.04 14.92
CA GLN F 156 26.92 -71.13 15.75
C GLN F 156 27.12 -72.46 15.06
N ILE F 157 27.83 -73.37 15.72
CA ILE F 157 28.10 -74.68 15.14
C ILE F 157 28.34 -75.67 16.28
N LYS F 158 27.95 -76.91 16.03
CA LYS F 158 28.13 -78.01 16.98
C LYS F 158 28.76 -79.17 16.24
N VAL F 159 29.92 -79.62 16.71
CA VAL F 159 30.67 -80.70 16.10
C VAL F 159 30.88 -81.78 17.16
N ARG F 160 30.46 -83.01 16.85
CA ARG F 160 30.64 -84.13 17.75
CA ARG F 160 30.63 -84.14 17.74
C ARG F 160 31.28 -85.29 17.00
N TRP F 161 32.12 -86.05 17.70
CA TRP F 161 32.74 -87.26 17.17
C TRP F 161 32.09 -88.48 17.79
N PHE F 162 31.88 -89.52 16.99
CA PHE F 162 31.28 -90.76 17.45
C PHE F 162 32.13 -91.94 16.96
N ARG F 163 32.38 -92.89 17.86
CA ARG F 163 33.04 -94.14 17.53
C ARG F 163 32.01 -95.24 17.75
N ASN F 164 31.40 -95.70 16.66
CA ASN F 164 30.37 -96.74 16.70
C ASN F 164 29.23 -96.32 17.63
N ASP F 165 28.64 -95.16 17.31
CA ASP F 165 27.50 -94.58 18.03
C ASP F 165 27.83 -94.26 19.49
N GLN F 166 29.11 -94.21 19.86
CA GLN F 166 29.55 -93.76 21.17
C GLN F 166 30.35 -92.48 21.00
N GLU F 167 29.88 -91.40 21.62
CA GLU F 167 30.55 -90.11 21.48
C GLU F 167 31.91 -90.14 22.18
N GLU F 168 32.97 -89.86 21.43
CA GLU F 168 34.30 -89.69 22.00
C GLU F 168 34.47 -88.27 22.53
N THR F 169 35.01 -88.13 23.74
CA THR F 169 35.31 -86.79 24.25
C THR F 169 36.76 -86.58 24.67
N THR F 170 37.45 -87.59 25.20
CA THR F 170 38.77 -87.33 25.74
C THR F 170 39.87 -87.36 24.69
N GLY F 171 39.66 -88.05 23.58
CA GLY F 171 40.59 -87.98 22.48
C GLY F 171 40.30 -86.84 21.52
N VAL F 172 39.38 -85.94 21.86
CA VAL F 172 38.92 -84.90 20.96
C VAL F 172 39.64 -83.60 21.29
N VAL F 173 40.28 -83.02 20.28
CA VAL F 173 40.93 -81.72 20.36
C VAL F 173 40.34 -80.82 19.29
N SER F 174 39.84 -79.66 19.70
CA SER F 174 39.20 -78.72 18.80
C SER F 174 39.99 -77.42 18.75
N THR F 175 40.16 -76.88 17.55
CA THR F 175 40.64 -75.52 17.43
C THR F 175 39.56 -74.57 17.93
N PRO F 176 39.92 -73.33 18.27
CA PRO F 176 38.89 -72.32 18.48
C PRO F 176 38.14 -72.09 17.19
N LEU F 177 36.98 -71.43 17.30
CA LEU F 177 36.29 -70.95 16.11
C LEU F 177 37.23 -70.03 15.35
N ILE F 178 37.38 -70.29 14.04
CA ILE F 178 38.33 -69.55 13.22
C ILE F 178 37.55 -68.61 12.29
N ARG F 179 37.84 -67.32 12.40
CA ARG F 179 37.21 -66.31 11.55
C ARG F 179 38.10 -66.08 10.34
N ASN F 180 37.62 -66.46 9.16
CA ASN F 180 38.42 -66.32 7.93
C ASN F 180 38.48 -64.87 7.46
N GLY F 181 37.59 -64.00 7.92
CA GLY F 181 37.56 -62.62 7.48
C GLY F 181 36.81 -62.36 6.20
N ASP F 182 36.39 -63.40 5.48
CA ASP F 182 35.63 -63.23 4.24
C ASP F 182 34.16 -63.61 4.44
N TRP F 183 33.65 -63.41 5.66
CA TRP F 183 32.27 -63.76 6.03
C TRP F 183 32.02 -65.26 6.01
N THR F 184 33.05 -66.05 6.31
CA THR F 184 32.89 -67.47 6.61
C THR F 184 33.72 -67.81 7.84
N PHE F 185 33.33 -68.88 8.51
CA PHE F 185 34.08 -69.44 9.63
C PHE F 185 34.53 -70.85 9.28
N GLN F 186 35.44 -71.37 10.10
CA GLN F 186 35.80 -72.77 10.05
C GLN F 186 36.22 -73.22 11.44
N ILE F 187 36.23 -74.54 11.63
CA ILE F 187 36.69 -75.13 12.87
C ILE F 187 37.17 -76.54 12.55
N LEU F 188 38.31 -76.92 13.13
CA LEU F 188 38.90 -78.24 12.93
C LEU F 188 38.77 -79.00 14.23
N VAL F 189 38.08 -80.14 14.19
CA VAL F 189 37.87 -80.98 15.36
C VAL F 189 38.58 -82.30 15.14
N MET F 190 39.60 -82.56 15.96
CA MET F 190 40.48 -83.71 15.78
C MET F 190 40.16 -84.78 16.81
N LEU F 191 40.38 -86.03 16.41
CA LEU F 191 40.11 -87.17 17.28
C LEU F 191 41.35 -88.03 17.35
N GLU F 192 41.91 -88.18 18.55
CA GLU F 192 43.00 -89.11 18.81
C GLU F 192 42.39 -90.47 19.06
N MET F 193 42.60 -91.41 18.14
CA MET F 193 41.93 -92.69 18.22
C MET F 193 42.88 -93.81 17.83
N THR F 194 42.48 -95.03 18.18
CA THR F 194 43.20 -96.25 17.80
C THR F 194 42.24 -97.13 17.03
N PRO F 195 42.37 -97.21 15.71
CA PRO F 195 41.39 -97.96 14.91
C PRO F 195 41.57 -99.46 15.04
N GLN F 196 40.49 -100.14 15.39
CA GLN F 196 40.42 -101.59 15.34
C GLN F 196 39.53 -102.02 14.18
N ARG F 197 39.49 -103.34 13.96
CA ARG F 197 38.69 -103.88 12.87
C ARG F 197 37.21 -103.70 13.15
N GLY F 198 36.50 -103.08 12.19
CA GLY F 198 35.08 -102.85 12.33
C GLY F 198 34.69 -101.48 12.89
N ASP F 199 35.66 -100.67 13.32
CA ASP F 199 35.33 -99.38 13.90
C ASP F 199 34.89 -98.40 12.82
N VAL F 200 33.75 -97.76 13.05
CA VAL F 200 33.21 -96.74 12.16
C VAL F 200 33.13 -95.43 12.94
N TYR F 201 33.90 -94.43 12.49
CA TYR F 201 33.93 -93.13 13.12
C TYR F 201 33.10 -92.15 12.31
N THR F 202 32.27 -91.36 12.99
CA THR F 202 31.43 -90.36 12.33
C THR F 202 31.63 -88.99 12.97
N CYS F 203 31.62 -87.97 12.12
CA CYS F 203 31.66 -86.58 12.54
C CYS F 203 30.27 -85.99 12.32
N HIS F 204 29.64 -85.50 13.38
CA HIS F 204 28.30 -84.93 13.33
C HIS F 204 28.38 -83.41 13.46
N VAL F 205 27.76 -82.71 12.52
CA VAL F 205 27.85 -81.25 12.48
C VAL F 205 26.44 -80.67 12.44
N GLU F 206 26.16 -79.76 13.38
CA GLU F 206 24.89 -79.04 13.46
C GLU F 206 25.15 -77.55 13.25
N HIS F 207 24.30 -76.91 12.46
CA HIS F 207 24.48 -75.53 12.04
C HIS F 207 23.11 -74.95 11.71
N PRO F 208 22.88 -73.65 11.96
CA PRO F 208 21.56 -73.07 11.69
C PRO F 208 21.12 -73.17 10.24
N SER F 209 22.04 -73.38 9.31
CA SER F 209 21.66 -73.57 7.92
C SER F 209 21.16 -74.98 7.63
N LEU F 210 21.25 -75.89 8.60
CA LEU F 210 20.91 -77.30 8.40
C LEU F 210 19.71 -77.66 9.25
N GLN F 211 18.69 -78.26 8.62
CA GLN F 211 17.57 -78.79 9.38
C GLN F 211 17.97 -80.07 10.11
N ASN F 212 18.79 -80.90 9.48
CA ASN F 212 19.30 -82.14 10.05
C ASN F 212 20.83 -82.12 10.05
N PRO F 213 21.46 -82.84 10.98
CA PRO F 213 22.91 -82.79 11.07
C PRO F 213 23.58 -83.38 9.83
N ILE F 214 24.74 -82.84 9.50
CA ILE F 214 25.61 -83.47 8.51
C ILE F 214 26.43 -84.52 9.21
N ILE F 215 26.44 -85.73 8.66
CA ILE F 215 27.17 -86.86 9.23
C ILE F 215 28.10 -87.41 8.16
N VAL F 216 29.40 -87.41 8.43
CA VAL F 216 30.40 -87.97 7.54
C VAL F 216 31.12 -89.08 8.29
N GLU F 217 31.26 -90.24 7.65
CA GLU F 217 31.82 -91.41 8.29
C GLU F 217 33.21 -91.73 7.74
N TRP F 218 34.04 -92.27 8.62
CA TRP F 218 35.36 -92.80 8.25
C TRP F 218 35.52 -94.16 8.91
N ARG F 219 35.62 -95.21 8.10
CA ARG F 219 35.72 -96.57 8.60
C ARG F 219 37.07 -97.16 8.21
N ALA F 220 37.73 -97.80 9.17
CA ALA F 220 39.00 -98.46 8.91
C ALA F 220 38.81 -99.66 7.99
N GLN G 2 16.99 -35.54 -11.57
CA GLN G 2 16.45 -34.35 -10.95
C GLN G 2 16.01 -34.67 -9.51
N THR G 3 16.75 -34.14 -8.53
CA THR G 3 16.50 -34.44 -7.13
C THR G 3 15.32 -33.65 -6.56
N VAL G 4 15.20 -32.38 -6.91
CA VAL G 4 14.10 -31.53 -6.45
C VAL G 4 13.40 -30.95 -7.67
N THR G 5 12.06 -31.07 -7.70
CA THR G 5 11.26 -30.57 -8.81
C THR G 5 10.21 -29.59 -8.27
N GLN G 6 10.28 -28.37 -8.74
CA GLN G 6 9.23 -27.37 -8.51
C GLN G 6 8.57 -27.13 -9.86
N SER G 7 7.43 -27.78 -10.08
CA SER G 7 6.76 -27.76 -11.37
C SER G 7 6.03 -26.45 -11.66
N GLN G 8 5.91 -25.56 -10.67
CA GLN G 8 5.24 -24.28 -10.91
C GLN G 8 6.29 -23.19 -11.03
N PRO G 9 6.61 -22.71 -12.23
CA PRO G 9 7.59 -21.62 -12.32
C PRO G 9 7.05 -20.30 -11.80
N GLU G 10 5.78 -20.00 -12.03
CA GLU G 10 5.16 -18.76 -11.58
C GLU G 10 3.87 -19.09 -10.84
N MET G 11 3.61 -18.36 -9.75
CA MET G 11 2.39 -18.50 -8.97
C MET G 11 1.96 -17.13 -8.47
N SER G 12 0.65 -16.90 -8.46
CA SER G 12 0.10 -15.67 -7.93
C SER G 12 -0.99 -16.01 -6.91
N VAL G 13 -1.24 -15.05 -6.02
CA VAL G 13 -2.24 -15.23 -4.98
C VAL G 13 -2.70 -13.85 -4.54
N GLN G 14 -3.96 -13.76 -4.12
CA GLN G 14 -4.49 -12.53 -3.59
C GLN G 14 -4.01 -12.31 -2.15
N GLU G 15 -3.77 -11.05 -1.81
CA GLU G 15 -3.35 -10.70 -0.46
C GLU G 15 -4.36 -11.20 0.56
N ALA G 16 -3.83 -11.69 1.69
CA ALA G 16 -4.57 -12.27 2.81
C ALA G 16 -5.16 -13.64 2.49
N GLU G 17 -4.93 -14.17 1.29
CA GLU G 17 -5.41 -15.48 0.91
C GLU G 17 -4.28 -16.50 1.03
N THR G 18 -4.65 -17.76 0.80
CA THR G 18 -3.74 -18.89 0.98
C THR G 18 -3.31 -19.44 -0.37
N VAL G 19 -2.02 -19.74 -0.48
CA VAL G 19 -1.45 -20.32 -1.68
C VAL G 19 -0.54 -21.48 -1.26
N THR G 20 -0.50 -22.51 -2.09
CA THR G 20 0.34 -23.69 -1.87
C THR G 20 1.29 -23.85 -3.04
N LEU G 21 2.58 -23.94 -2.72
CA LEU G 21 3.64 -24.09 -3.72
C LEU G 21 4.10 -25.54 -3.76
N SER G 22 4.17 -26.10 -4.95
CA SER G 22 4.43 -27.52 -5.12
C SER G 22 5.93 -27.83 -5.06
N CYS G 23 6.26 -28.94 -4.41
CA CYS G 23 7.63 -29.46 -4.42
C CYS G 23 7.60 -30.97 -4.19
N THR G 24 8.19 -31.71 -5.14
CA THR G 24 8.44 -33.12 -4.97
C THR G 24 9.94 -33.38 -5.10
N TYR G 25 10.39 -34.50 -4.54
CA TYR G 25 11.78 -34.86 -4.56
C TYR G 25 11.93 -36.35 -4.85
N ASP G 26 13.13 -36.73 -5.26
CA ASP G 26 13.47 -38.12 -5.53
C ASP G 26 14.84 -38.42 -4.95
N THR G 27 14.92 -39.46 -4.13
CA THR G 27 16.15 -39.77 -3.41
C THR G 27 16.09 -41.22 -2.95
N SER G 28 17.26 -41.74 -2.58
CA SER G 28 17.38 -43.02 -1.89
C SER G 28 17.83 -42.86 -0.45
N GLU G 29 18.01 -41.62 0.02
CA GLU G 29 18.44 -41.41 1.38
C GLU G 29 17.37 -41.87 2.36
N SER G 30 17.82 -42.42 3.50
CA SER G 30 16.91 -42.79 4.57
C SER G 30 16.66 -41.64 5.53
N ASN G 31 17.68 -40.84 5.79
CA ASN G 31 17.57 -39.66 6.63
C ASN G 31 17.97 -38.45 5.80
N TYR G 32 17.16 -37.40 5.85
CA TYR G 32 17.41 -36.22 5.05
C TYR G 32 16.64 -35.05 5.66
N TYR G 33 16.86 -33.87 5.08
CA TYR G 33 16.23 -32.64 5.53
C TYR G 33 15.68 -31.92 4.32
N LEU G 34 14.50 -31.32 4.50
CA LEU G 34 13.83 -30.58 3.45
C LEU G 34 13.66 -29.13 3.90
N PHE G 35 13.74 -28.20 2.95
CA PHE G 35 13.75 -26.78 3.27
C PHE G 35 12.89 -26.02 2.26
N TRP G 36 12.47 -24.83 2.69
CA TRP G 36 11.99 -23.80 1.77
C TRP G 36 12.81 -22.54 2.03
N TYR G 37 13.29 -21.93 0.96
CA TYR G 37 14.01 -20.67 1.03
C TYR G 37 13.20 -19.60 0.31
N LYS G 38 13.24 -18.39 0.84
CA LYS G 38 12.62 -17.21 0.25
C LYS G 38 13.73 -16.28 -0.23
N GLN G 39 13.70 -15.94 -1.51
CA GLN G 39 14.68 -15.00 -2.10
C GLN G 39 13.94 -13.81 -2.68
N PRO G 40 13.80 -12.73 -1.90
CA PRO G 40 13.15 -11.51 -2.42
C PRO G 40 14.05 -10.81 -3.43
N PRO G 41 13.56 -9.72 -4.08
CA PRO G 41 14.39 -9.03 -5.09
C PRO G 41 15.76 -8.59 -4.61
N SER G 42 15.96 -8.48 -3.29
CA SER G 42 17.28 -8.19 -2.76
C SER G 42 18.27 -9.32 -3.00
N ARG G 43 17.79 -10.48 -3.44
CA ARG G 43 18.55 -11.69 -3.68
C ARG G 43 19.10 -12.33 -2.40
N GLN G 44 18.65 -11.88 -1.23
CA GLN G 44 19.02 -12.52 0.01
C GLN G 44 18.27 -13.84 0.17
N MET G 45 19.00 -14.92 0.39
CA MET G 45 18.39 -16.23 0.63
C MET G 45 17.97 -16.34 2.09
N ILE G 46 16.67 -16.47 2.33
CA ILE G 46 16.11 -16.52 3.67
C ILE G 46 15.51 -17.91 3.90
N LEU G 47 15.96 -18.56 4.97
CA LEU G 47 15.40 -19.85 5.36
C LEU G 47 14.08 -19.62 6.11
N VAL G 48 12.99 -20.21 5.63
CA VAL G 48 11.69 -20.01 6.21
C VAL G 48 11.23 -21.25 7.00
N ILE G 49 11.52 -22.44 6.51
CA ILE G 49 11.00 -23.65 7.14
C ILE G 49 11.99 -24.80 6.93
N ARG G 50 12.14 -25.65 7.95
CA ARG G 50 13.03 -26.80 7.91
C ARG G 50 12.27 -28.03 8.40
N GLN G 51 12.44 -29.14 7.68
CA GLN G 51 11.76 -30.39 7.99
C GLN G 51 12.77 -31.53 8.02
N GLU G 52 12.69 -32.36 9.06
CA GLU G 52 13.54 -33.54 9.22
C GLU G 52 12.78 -34.78 8.77
N ALA G 53 13.49 -35.68 8.08
CA ALA G 53 12.84 -36.86 7.52
C ALA G 53 12.25 -37.75 8.62
N TYR G 54 12.95 -37.90 9.74
CA TYR G 54 12.48 -38.82 10.78
C TYR G 54 11.44 -38.21 11.70
N LYS G 55 11.13 -36.92 11.56
CA LYS G 55 10.03 -36.30 12.29
C LYS G 55 8.94 -35.97 11.26
N GLN G 56 7.98 -36.88 11.12
CA GLN G 56 6.93 -36.73 10.13
C GLN G 56 5.92 -35.65 10.51
N GLN G 57 6.04 -35.07 11.71
CA GLN G 57 5.20 -33.94 12.09
C GLN G 57 5.47 -32.75 11.19
N ASN G 58 4.41 -32.23 10.58
CA ASN G 58 4.55 -31.13 9.63
C ASN G 58 5.12 -29.90 10.32
N ALA G 59 6.18 -29.35 9.74
CA ALA G 59 6.78 -28.14 10.29
C ALA G 59 5.85 -26.95 10.05
N THR G 60 5.82 -26.03 11.02
CA THR G 60 5.04 -24.80 10.90
C THR G 60 5.88 -23.66 11.47
N GLU G 61 5.88 -22.53 10.76
CA GLU G 61 6.56 -21.31 11.21
C GLU G 61 5.60 -20.16 10.95
N ASN G 62 4.89 -19.73 12.00
CA ASN G 62 3.85 -18.70 11.96
C ASN G 62 2.91 -18.92 10.77
N ARG G 63 2.90 -17.98 9.82
CA ARG G 63 2.02 -18.13 8.66
C ARG G 63 2.48 -19.21 7.69
N PHE G 64 3.69 -19.74 7.85
CA PHE G 64 4.24 -20.73 6.94
C PHE G 64 4.10 -22.13 7.53
N SER G 65 3.69 -23.07 6.69
CA SER G 65 3.57 -24.47 7.07
C SER G 65 3.82 -25.32 5.85
N VAL G 66 4.18 -26.57 6.09
CA VAL G 66 4.46 -27.52 5.02
C VAL G 66 3.53 -28.72 5.16
N ASN G 67 3.23 -29.34 4.04
CA ASN G 67 2.52 -30.61 3.99
C ASN G 67 3.55 -31.66 3.59
N PHE G 68 4.20 -32.25 4.59
CA PHE G 68 5.24 -33.25 4.37
C PHE G 68 4.57 -34.62 4.22
N GLN G 69 4.58 -35.15 3.01
CA GLN G 69 4.09 -36.50 2.72
C GLN G 69 5.31 -37.34 2.36
N LYS G 70 5.86 -38.02 3.37
CA LYS G 70 7.13 -38.72 3.19
C LYS G 70 7.00 -39.83 2.15
N ALA G 71 5.91 -40.60 2.19
CA ALA G 71 5.76 -41.72 1.27
C ALA G 71 5.62 -41.25 -0.17
N ALA G 72 4.88 -40.16 -0.39
CA ALA G 72 4.75 -39.62 -1.74
C ALA G 72 5.94 -38.76 -2.16
N LYS G 73 6.88 -38.50 -1.24
CA LYS G 73 8.03 -37.62 -1.51
C LYS G 73 7.56 -36.25 -2.00
N SER G 74 6.61 -35.67 -1.27
CA SER G 74 6.06 -34.36 -1.59
C SER G 74 6.27 -33.41 -0.42
N PHE G 75 6.64 -32.16 -0.71
CA PHE G 75 7.00 -31.18 0.31
C PHE G 75 6.46 -29.81 -0.09
N SER G 76 5.13 -29.70 -0.13
CA SER G 76 4.50 -28.45 -0.54
C SER G 76 4.52 -27.43 0.58
N LEU G 77 4.69 -26.17 0.21
CA LEU G 77 4.68 -25.06 1.16
C LEU G 77 3.33 -24.35 1.10
N LYS G 78 2.70 -24.17 2.25
CA LYS G 78 1.45 -23.43 2.34
C LYS G 78 1.74 -22.08 2.99
N ILE G 79 1.38 -21.01 2.29
CA ILE G 79 1.52 -19.65 2.79
C ILE G 79 0.12 -19.15 3.10
N SER G 80 -0.16 -18.92 4.39
CA SER G 80 -1.45 -18.44 4.84
C SER G 80 -1.39 -16.95 5.14
N ASP G 81 -2.53 -16.29 4.96
CA ASP G 81 -2.65 -14.84 5.16
C ASP G 81 -1.53 -14.12 4.41
N SER G 82 -1.51 -14.34 3.11
CA SER G 82 -0.43 -13.83 2.26
C SER G 82 -0.28 -12.33 2.39
N GLN G 83 0.95 -11.88 2.60
CA GLN G 83 1.30 -10.47 2.69
C GLN G 83 2.04 -10.02 1.43
N LEU G 84 1.97 -8.72 1.14
CA LEU G 84 2.73 -8.18 0.02
C LEU G 84 4.22 -8.44 0.16
N GLY G 85 4.72 -8.45 1.40
CA GLY G 85 6.11 -8.78 1.64
C GLY G 85 6.49 -10.22 1.37
N ASP G 86 5.53 -11.09 1.09
CA ASP G 86 5.85 -12.47 0.72
C ASP G 86 6.25 -12.62 -0.73
N THR G 87 6.15 -11.54 -1.53
CA THR G 87 6.55 -11.59 -2.93
C THR G 87 8.04 -11.86 -3.05
N ALA G 88 8.40 -12.99 -3.64
CA ALA G 88 9.78 -13.43 -3.68
C ALA G 88 9.86 -14.67 -4.57
N MET G 89 11.09 -15.11 -4.80
CA MET G 89 11.35 -16.40 -5.42
C MET G 89 11.50 -17.44 -4.32
N TYR G 90 10.72 -18.51 -4.39
CA TYR G 90 10.71 -19.54 -3.36
C TYR G 90 11.38 -20.80 -3.89
N PHE G 91 12.33 -21.32 -3.11
CA PHE G 91 13.12 -22.49 -3.49
C PHE G 91 12.86 -23.61 -2.49
N CYS G 92 12.58 -24.79 -3.03
CA CYS G 92 12.56 -26.02 -2.25
C CYS G 92 13.98 -26.60 -2.26
N ALA G 93 14.45 -27.05 -1.10
CA ALA G 93 15.81 -27.56 -0.96
C ALA G 93 15.81 -28.90 -0.25
N PHE G 94 16.77 -29.75 -0.63
CA PHE G 94 16.93 -31.10 -0.10
C PHE G 94 18.37 -31.31 0.33
N PHE G 95 18.55 -32.01 1.46
CA PHE G 95 19.88 -32.31 1.99
C PHE G 95 19.87 -33.75 2.50
N GLY G 96 20.56 -34.64 1.81
CA GLY G 96 20.66 -36.02 2.25
C GLY G 96 21.80 -36.18 3.27
N GLN G 97 21.52 -36.95 4.32
CA GLN G 97 22.52 -37.14 5.37
C GLN G 97 23.75 -37.90 4.87
N GLY G 98 23.62 -38.66 3.78
CA GLY G 98 24.74 -39.38 3.21
C GLY G 98 25.54 -38.55 2.23
N ALA G 99 24.86 -38.03 1.20
CA ALA G 99 25.55 -37.22 0.18
C ALA G 99 25.96 -35.87 0.72
N GLN G 100 25.20 -35.32 1.65
CA GLN G 100 25.52 -34.05 2.33
C GLN G 100 25.72 -32.92 1.33
N LYS G 101 24.83 -32.85 0.34
CA LYS G 101 24.81 -31.74 -0.61
C LYS G 101 23.44 -31.09 -0.57
N LEU G 102 23.41 -29.79 -0.26
CA LEU G 102 22.18 -29.01 -0.32
C LEU G 102 21.85 -28.73 -1.79
N VAL G 103 20.77 -29.31 -2.29
CA VAL G 103 20.37 -29.12 -3.68
C VAL G 103 19.04 -28.37 -3.71
N PHE G 104 18.89 -27.49 -4.68
CA PHE G 104 17.72 -26.63 -4.78
C PHE G 104 16.88 -26.97 -6.00
N GLY G 105 15.56 -26.80 -5.86
CA GLY G 105 14.66 -26.90 -6.98
C GLY G 105 14.78 -25.69 -7.88
N GLN G 106 14.04 -25.74 -9.00
CA GLN G 106 14.13 -24.67 -9.99
C GLN G 106 13.61 -23.33 -9.48
N GLY G 107 12.80 -23.33 -8.43
CA GLY G 107 12.27 -22.11 -7.88
C GLY G 107 10.89 -21.79 -8.41
N THR G 108 10.10 -21.10 -7.58
CA THR G 108 8.74 -20.69 -7.92
C THR G 108 8.59 -19.21 -7.61
N ARG G 109 8.28 -18.41 -8.62
CA ARG G 109 8.10 -16.98 -8.45
C ARG G 109 6.70 -16.70 -7.93
N LEU G 110 6.60 -16.07 -6.76
CA LEU G 110 5.32 -15.82 -6.12
C LEU G 110 5.02 -14.32 -6.16
N THR G 111 3.87 -13.97 -6.72
CA THR G 111 3.38 -12.59 -6.76
C THR G 111 2.13 -12.48 -5.90
N ILE G 112 2.11 -11.45 -5.04
CA ILE G 112 1.00 -11.22 -4.13
C ILE G 112 0.18 -10.06 -4.69
N ASN G 113 -1.07 -10.32 -5.07
CA ASN G 113 -1.89 -9.25 -5.62
C ASN G 113 -2.59 -8.48 -4.49
N PRO G 114 -2.47 -7.16 -4.44
CA PRO G 114 -3.09 -6.41 -3.35
C PRO G 114 -4.60 -6.38 -3.45
N ASN G 115 -5.24 -6.17 -2.29
CA ASN G 115 -6.68 -5.96 -2.24
C ASN G 115 -6.97 -4.51 -2.63
N ILE G 116 -7.63 -4.33 -3.76
CA ILE G 116 -7.95 -3.00 -4.28
C ILE G 116 -9.44 -2.76 -4.06
N GLN G 117 -9.76 -1.86 -3.14
CA GLN G 117 -11.15 -1.67 -2.75
C GLN G 117 -11.93 -0.92 -3.83
N ASN G 118 -11.51 0.30 -4.15
CA ASN G 118 -12.19 1.17 -5.11
C ASN G 118 -11.26 1.43 -6.29
N PRO G 119 -11.20 0.52 -7.27
CA PRO G 119 -10.30 0.73 -8.40
C PRO G 119 -10.71 1.95 -9.21
N ASP G 120 -9.71 2.73 -9.62
CA ASP G 120 -9.93 3.99 -10.33
C ASP G 120 -8.87 4.11 -11.42
N PRO G 121 -8.90 3.21 -12.41
CA PRO G 121 -7.82 3.18 -13.40
C PRO G 121 -7.74 4.49 -14.18
N ALA G 122 -6.51 4.97 -14.36
CA ALA G 122 -6.30 6.26 -15.00
C ALA G 122 -4.88 6.31 -15.57
N VAL G 123 -4.71 7.15 -16.58
CA VAL G 123 -3.41 7.39 -17.20
C VAL G 123 -3.07 8.85 -17.00
N TYR G 124 -1.93 9.13 -16.38
CA TYR G 124 -1.47 10.48 -16.14
C TYR G 124 -0.15 10.72 -16.84
N GLN G 125 0.09 11.98 -17.18
CA GLN G 125 1.36 12.42 -17.75
C GLN G 125 2.06 13.31 -16.74
N LEU G 126 3.32 12.99 -16.44
CA LEU G 126 4.08 13.66 -15.40
C LEU G 126 5.24 14.42 -16.03
N ARG G 127 5.38 15.69 -15.70
CA ARG G 127 6.45 16.51 -16.26
C ARG G 127 7.72 16.38 -15.44
N ASP G 128 8.86 16.36 -16.12
CA ASP G 128 10.15 16.36 -15.45
C ASP G 128 10.32 17.63 -14.63
N SER G 129 10.82 17.48 -13.40
CA SER G 129 10.92 18.63 -12.51
C SER G 129 11.95 19.65 -12.98
N LYS G 130 12.86 19.27 -13.87
CA LYS G 130 13.89 20.17 -14.37
C LYS G 130 13.64 20.65 -15.79
N SER G 131 13.17 19.79 -16.67
CA SER G 131 12.89 20.15 -18.06
C SER G 131 11.41 19.89 -18.36
N SER G 132 10.68 20.96 -18.63
CA SER G 132 9.26 20.82 -18.96
C SER G 132 9.02 20.07 -20.26
N ASP G 133 10.06 19.84 -21.06
CA ASP G 133 9.91 19.10 -22.31
C ASP G 133 9.82 17.59 -22.10
N LYS G 134 10.42 17.07 -21.04
CA LYS G 134 10.44 15.64 -20.77
C LYS G 134 9.25 15.23 -19.90
N SER G 135 8.75 14.02 -20.14
CA SER G 135 7.61 13.53 -19.38
C SER G 135 7.61 12.00 -19.34
N VAL G 136 6.80 11.46 -18.42
CA VAL G 136 6.57 10.03 -18.33
C VAL G 136 5.06 9.80 -18.25
N CYS G 137 4.67 8.58 -18.58
CA CYS G 137 3.28 8.15 -18.55
C CYS G 137 3.08 7.23 -17.36
N LEU G 138 2.06 7.52 -16.55
CA LEU G 138 1.78 6.75 -15.33
C LEU G 138 0.40 6.11 -15.45
N PHE G 139 0.36 4.79 -15.45
CA PHE G 139 -0.88 4.02 -15.38
C PHE G 139 -1.04 3.52 -13.95
N THR G 140 -2.08 3.97 -13.26
CA THR G 140 -2.18 3.69 -11.83
C THR G 140 -3.61 3.40 -11.42
N ASP G 141 -3.74 2.79 -10.24
CA ASP G 141 -4.99 2.55 -9.53
C ASP G 141 -5.89 1.54 -10.23
N PHE G 142 -5.33 0.70 -11.11
CA PHE G 142 -6.09 -0.39 -11.70
C PHE G 142 -6.14 -1.58 -10.74
N ASP G 143 -7.09 -2.48 -10.98
CA ASP G 143 -7.28 -3.62 -10.09
C ASP G 143 -6.16 -4.63 -10.27
N SER G 144 -6.01 -5.51 -9.29
CA SER G 144 -4.88 -6.44 -9.25
C SER G 144 -4.94 -7.51 -10.33
N GLN G 145 -6.10 -7.71 -10.97
CA GLN G 145 -6.21 -8.69 -12.04
C GLN G 145 -5.75 -8.16 -13.39
N THR G 146 -5.22 -6.93 -13.44
CA THR G 146 -4.73 -6.34 -14.68
C THR G 146 -3.24 -6.56 -14.79
N ASN G 147 -2.79 -7.03 -15.95
CA ASN G 147 -1.37 -7.27 -16.18
C ASN G 147 -0.83 -6.26 -17.20
N VAL G 148 0.36 -5.72 -16.89
CA VAL G 148 1.07 -4.81 -17.77
C VAL G 148 2.34 -5.51 -18.25
N SER G 149 2.57 -5.49 -19.56
CA SER G 149 3.76 -6.14 -20.10
C SER G 149 4.93 -5.17 -20.16
N GLN G 150 6.13 -5.71 -19.94
CA GLN G 150 7.38 -4.94 -20.01
C GLN G 150 7.91 -5.05 -21.43
N SER G 151 7.51 -4.11 -22.28
CA SER G 151 7.78 -4.17 -23.70
C SER G 151 8.72 -3.05 -24.15
N LYS G 152 9.09 -3.10 -25.44
CA LYS G 152 9.80 -2.06 -26.18
C LYS G 152 9.32 -2.20 -27.63
N ASP G 153 8.10 -1.72 -27.89
CA ASP G 153 7.49 -1.95 -29.19
C ASP G 153 8.18 -1.14 -30.29
N SER G 154 8.37 0.15 -30.07
CA SER G 154 9.05 1.00 -31.05
C SER G 154 9.49 2.28 -30.33
N ASP G 155 10.69 2.24 -29.76
CA ASP G 155 11.22 3.35 -28.97
C ASP G 155 10.29 3.77 -27.83
N VAL G 156 9.45 2.84 -27.37
CA VAL G 156 8.54 3.10 -26.25
C VAL G 156 8.78 2.03 -25.20
N TYR G 157 9.08 2.46 -23.97
CA TYR G 157 9.44 1.59 -22.87
C TYR G 157 8.30 1.49 -21.88
N ILE G 158 8.00 0.27 -21.43
CA ILE G 158 6.93 0.02 -20.47
C ILE G 158 7.47 -0.88 -19.37
N THR G 159 7.26 -0.50 -18.12
CA THR G 159 7.68 -1.32 -16.98
C THR G 159 6.58 -2.30 -16.60
N ASP G 160 6.94 -3.24 -15.72
CA ASP G 160 5.95 -4.12 -15.13
C ASP G 160 5.15 -3.34 -14.07
N LYS G 161 4.05 -3.93 -13.63
CA LYS G 161 3.25 -3.24 -12.64
C LYS G 161 3.96 -3.26 -11.29
N CYS G 162 3.65 -2.27 -10.46
CA CYS G 162 4.30 -2.06 -9.17
C CYS G 162 3.24 -1.82 -8.11
N VAL G 163 3.46 -2.36 -6.92
CA VAL G 163 2.49 -2.32 -5.83
C VAL G 163 3.08 -1.49 -4.69
N LEU G 164 2.51 -0.31 -4.43
CA LEU G 164 2.94 0.51 -3.31
C LEU G 164 1.88 0.53 -2.23
N ASP G 165 2.28 0.99 -1.05
CA ASP G 165 1.42 0.97 0.14
C ASP G 165 1.69 2.23 0.94
N MET G 166 0.73 3.14 0.94
CA MET G 166 0.81 4.35 1.76
C MET G 166 0.31 3.99 3.16
N ARG G 167 1.23 3.67 4.06
CA ARG G 167 0.86 3.16 5.37
C ARG G 167 0.13 4.21 6.21
N SER G 168 0.32 5.50 5.92
CA SER G 168 -0.37 6.55 6.65
C SER G 168 -1.88 6.51 6.42
N MET G 169 -2.33 5.91 5.31
CA MET G 169 -3.73 5.73 5.02
C MET G 169 -4.09 4.29 4.67
N ASP G 170 -3.13 3.38 4.71
CA ASP G 170 -3.29 1.99 4.25
C ASP G 170 -4.01 1.94 2.90
N PHE G 171 -3.41 2.65 1.94
CA PHE G 171 -3.93 2.75 0.58
C PHE G 171 -2.92 2.08 -0.34
N LYS G 172 -3.19 0.83 -0.69
CA LYS G 172 -2.37 0.11 -1.65
C LYS G 172 -2.85 0.42 -3.06
N SER G 173 -1.91 0.49 -4.01
CA SER G 173 -2.28 0.81 -5.37
C SER G 173 -1.26 0.21 -6.34
N ASN G 174 -1.73 -0.14 -7.53
CA ASN G 174 -0.91 -0.65 -8.60
C ASN G 174 -0.48 0.49 -9.51
N SER G 175 0.67 0.34 -10.14
CA SER G 175 1.12 1.37 -11.06
C SER G 175 2.10 0.76 -12.05
N ALA G 176 2.10 1.32 -13.26
CA ALA G 176 3.08 1.03 -14.29
C ALA G 176 3.50 2.34 -14.92
N VAL G 177 4.73 2.36 -15.46
CA VAL G 177 5.34 3.56 -15.99
C VAL G 177 5.72 3.31 -17.44
N ALA G 178 5.56 4.32 -18.28
CA ALA G 178 5.96 4.26 -19.68
C ALA G 178 6.60 5.58 -20.08
N TRP G 179 7.53 5.51 -21.03
CA TRP G 179 8.18 6.72 -21.51
C TRP G 179 8.74 6.48 -22.90
N SER G 180 9.18 7.57 -23.53
CA SER G 180 9.79 7.52 -24.84
C SER G 180 10.73 8.71 -24.96
N ASN G 181 11.88 8.50 -25.61
CA ASN G 181 12.84 9.58 -25.76
C ASN G 181 12.62 10.40 -27.02
N LYS G 182 12.30 9.72 -28.12
CA LYS G 182 12.08 10.37 -29.40
C LYS G 182 10.65 10.87 -29.57
N SER G 183 9.67 10.04 -29.19
CA SER G 183 8.28 10.28 -29.54
C SER G 183 7.60 11.25 -28.58
N ASP G 184 6.60 11.96 -29.09
CA ASP G 184 5.68 12.77 -28.31
C ASP G 184 4.26 12.22 -28.46
N PHE G 185 4.08 10.94 -28.11
CA PHE G 185 2.82 10.25 -28.28
C PHE G 185 1.93 10.37 -27.04
N ALA G 186 0.65 10.07 -27.24
CA ALA G 186 -0.33 10.12 -26.16
C ALA G 186 -0.14 8.94 -25.21
N CYS G 187 -0.01 9.24 -23.92
CA CYS G 187 0.35 8.26 -22.91
C CYS G 187 -0.58 7.05 -22.87
N ALA G 188 -1.86 7.21 -23.22
CA ALA G 188 -2.77 6.08 -23.16
C ALA G 188 -2.38 4.98 -24.14
N ASN G 189 -1.74 5.32 -25.26
CA ASN G 189 -1.40 4.28 -26.23
C ASN G 189 -0.38 3.30 -25.68
N ALA G 190 0.35 3.69 -24.64
CA ALA G 190 1.38 2.82 -24.09
C ALA G 190 0.74 1.62 -23.39
N PHE G 191 -0.46 1.79 -22.85
CA PHE G 191 -1.13 0.77 -22.06
C PHE G 191 -2.39 0.24 -22.76
N ASN G 192 -2.32 0.12 -24.09
CA ASN G 192 -3.50 -0.28 -24.87
C ASN G 192 -4.01 -1.66 -24.48
N ASN G 193 -3.10 -2.60 -24.22
CA ASN G 193 -3.52 -3.98 -23.97
C ASN G 193 -4.20 -4.16 -22.62
N SER G 194 -3.86 -3.31 -21.63
CA SER G 194 -4.41 -3.42 -20.29
C SER G 194 -5.62 -2.54 -20.05
N ILE G 195 -5.75 -1.43 -20.78
CA ILE G 195 -6.77 -0.43 -20.54
C ILE G 195 -8.13 -0.89 -21.06
N ILE G 196 -9.12 -0.96 -20.17
CA ILE G 196 -10.52 -1.00 -20.58
C ILE G 196 -10.96 0.44 -20.77
N PRO G 197 -11.30 0.87 -21.99
CA PRO G 197 -11.51 2.31 -22.23
C PRO G 197 -12.66 2.92 -21.45
N GLU G 198 -13.82 2.24 -21.36
CA GLU G 198 -14.98 2.86 -20.75
C GLU G 198 -14.81 3.16 -19.27
N ASP G 199 -13.91 2.44 -18.58
CA ASP G 199 -13.76 2.63 -17.14
C ASP G 199 -12.49 3.39 -16.77
N THR G 200 -11.71 3.84 -17.74
CA THR G 200 -10.42 4.46 -17.49
C THR G 200 -10.50 5.99 -17.61
N PHE G 201 -9.87 6.67 -16.65
CA PHE G 201 -9.88 8.13 -16.62
C PHE G 201 -8.74 8.64 -17.52
N PHE G 202 -9.10 9.38 -18.57
CA PHE G 202 -8.14 9.91 -19.53
C PHE G 202 -8.18 11.43 -19.46
N PRO G 203 -7.46 12.05 -18.52
CA PRO G 203 -7.51 13.51 -18.42
C PRO G 203 -6.78 14.18 -19.58
N SER G 204 -7.18 15.42 -19.87
CA SER G 204 -6.52 16.18 -20.92
C SER G 204 -5.31 16.91 -20.36
N PRO G 205 -4.15 16.87 -21.04
CA PRO G 205 -2.95 17.59 -20.59
C PRO G 205 -3.12 19.10 -20.62
N GLY H 2 25.31 -12.45 11.73
CA GLY H 2 24.96 -13.21 10.54
C GLY H 2 26.12 -13.44 9.59
N VAL H 3 25.83 -14.00 8.43
CA VAL H 3 26.84 -14.26 7.40
C VAL H 3 27.07 -12.98 6.61
N THR H 4 28.33 -12.54 6.55
CA THR H 4 28.67 -11.32 5.86
C THR H 4 29.63 -11.62 4.70
N GLN H 5 29.51 -10.83 3.64
CA GLN H 5 30.32 -10.99 2.43
C GLN H 5 30.80 -9.64 1.93
N THR H 6 31.94 -9.66 1.23
CA THR H 6 32.46 -8.49 0.54
C THR H 6 33.32 -9.02 -0.59
N PRO H 7 33.31 -8.37 -1.77
CA PRO H 7 32.53 -7.18 -2.13
C PRO H 7 31.10 -7.49 -2.51
N ARG H 8 30.17 -6.55 -2.29
CA ARG H 8 28.78 -6.77 -2.67
C ARG H 8 28.62 -6.75 -4.19
N TYR H 9 29.31 -5.84 -4.86
CA TYR H 9 29.26 -5.71 -6.31
C TYR H 9 30.67 -5.68 -6.85
N LEU H 10 30.84 -6.22 -8.06
CA LEU H 10 32.18 -6.33 -8.64
C LEU H 10 32.05 -6.44 -10.15
N ILE H 11 32.86 -5.66 -10.86
CA ILE H 11 32.96 -5.74 -12.31
C ILE H 11 34.37 -6.21 -12.66
N LYS H 12 34.47 -7.18 -13.55
CA LYS H 12 35.75 -7.71 -13.97
C LYS H 12 35.71 -7.93 -15.48
N THR H 13 36.90 -8.03 -16.08
CA THR H 13 37.03 -8.32 -17.49
C THR H 13 37.54 -9.74 -17.70
N ARG H 14 37.29 -10.26 -18.90
CA ARG H 14 37.62 -11.64 -19.21
C ARG H 14 39.12 -11.88 -19.04
N GLY H 15 39.47 -12.90 -18.27
CA GLY H 15 40.85 -13.28 -18.05
C GLY H 15 41.40 -12.88 -16.69
N GLN H 16 40.74 -11.97 -15.99
N GLN H 16 40.75 -11.96 -15.99
CA GLN H 16 41.22 -11.53 -14.69
CA GLN H 16 41.23 -11.52 -14.68
C GLN H 16 40.83 -12.54 -13.60
C GLN H 16 40.84 -12.53 -13.61
N GLN H 17 41.17 -12.23 -12.36
CA GLN H 17 40.82 -13.08 -11.24
C GLN H 17 40.15 -12.25 -10.14
N VAL H 18 39.43 -12.94 -9.28
CA VAL H 18 38.69 -12.31 -8.19
C VAL H 18 38.88 -13.14 -6.93
N THR H 19 38.94 -12.46 -5.79
CA THR H 19 38.95 -13.11 -4.49
C THR H 19 37.75 -12.57 -3.71
N LEU H 20 36.88 -13.46 -3.27
CA LEU H 20 35.69 -13.09 -2.50
C LEU H 20 35.88 -13.50 -1.05
N SER H 21 35.39 -12.68 -0.14
CA SER H 21 35.54 -12.91 1.28
C SER H 21 34.19 -13.22 1.91
N CYS H 22 34.22 -14.06 2.95
CA CYS H 22 33.01 -14.41 3.68
C CYS H 22 33.34 -14.61 5.15
N SER H 23 32.51 -14.04 6.01
CA SER H 23 32.62 -14.26 7.46
C SER H 23 31.37 -14.98 7.94
N PRO H 24 31.49 -16.19 8.47
CA PRO H 24 30.30 -16.93 8.89
C PRO H 24 29.73 -16.43 10.22
N ILE H 25 28.58 -17.00 10.58
CA ILE H 25 27.99 -16.77 11.89
C ILE H 25 28.98 -17.20 12.97
N SER H 26 29.09 -16.39 14.02
CA SER H 26 30.00 -16.67 15.14
C SER H 26 29.80 -18.08 15.65
N GLY H 27 30.89 -18.85 15.69
CA GLY H 27 30.87 -20.21 16.15
C GLY H 27 30.65 -21.26 15.09
N HIS H 28 30.16 -20.88 13.91
CA HIS H 28 29.98 -21.85 12.84
C HIS H 28 31.34 -22.25 12.28
N ARG H 29 31.50 -23.56 12.04
CA ARG H 29 32.75 -24.10 11.54
C ARG H 29 32.73 -24.38 10.04
N SER H 30 31.56 -24.42 9.42
CA SER H 30 31.42 -24.81 8.03
C SER H 30 31.01 -23.63 7.18
N VAL H 31 31.67 -23.46 6.03
CA VAL H 31 31.32 -22.44 5.06
C VAL H 31 31.14 -23.12 3.70
N SER H 32 30.00 -22.88 3.07
CA SER H 32 29.69 -23.43 1.76
C SER H 32 29.56 -22.30 0.75
N TRP H 33 30.02 -22.54 -0.47
CA TRP H 33 29.94 -21.58 -1.56
C TRP H 33 29.05 -22.11 -2.67
N TYR H 34 28.23 -21.21 -3.24
CA TYR H 34 27.34 -21.56 -4.32
C TYR H 34 27.40 -20.48 -5.40
N GLN H 35 27.07 -20.87 -6.63
CA GLN H 35 26.92 -19.97 -7.75
C GLN H 35 25.47 -20.01 -8.24
N GLN H 36 24.84 -18.84 -8.31
CA GLN H 36 23.46 -18.72 -8.79
C GLN H 36 23.46 -17.95 -10.10
N THR H 37 23.00 -18.60 -11.16
CA THR H 37 22.86 -18.00 -12.48
C THR H 37 21.43 -18.19 -12.98
N PRO H 38 20.99 -17.34 -13.91
CA PRO H 38 19.74 -17.60 -14.64
C PRO H 38 19.98 -18.66 -15.70
N GLY H 39 19.50 -19.87 -15.46
CA GLY H 39 19.72 -20.95 -16.40
C GLY H 39 20.30 -22.18 -15.76
N GLN H 40 21.11 -22.00 -14.71
CA GLN H 40 21.67 -23.11 -13.96
C GLN H 40 21.23 -23.13 -12.51
N GLY H 41 20.61 -22.06 -12.00
CA GLY H 41 20.15 -22.05 -10.63
C GLY H 41 21.29 -22.01 -9.64
N LEU H 42 21.06 -22.61 -8.48
CA LEU H 42 22.07 -22.70 -7.43
C LEU H 42 22.97 -23.89 -7.69
N GLN H 43 24.26 -23.63 -7.90
CA GLN H 43 25.23 -24.68 -8.14
C GLN H 43 26.25 -24.69 -7.02
N PHE H 44 26.45 -25.85 -6.41
CA PHE H 44 27.38 -26.00 -5.30
C PHE H 44 28.82 -25.92 -5.79
N LEU H 45 29.62 -25.10 -5.11
CA LEU H 45 31.04 -25.00 -5.43
C LEU H 45 31.86 -25.92 -4.55
N PHE H 46 31.89 -25.64 -3.25
CA PHE H 46 32.67 -26.43 -2.29
C PHE H 46 32.30 -25.99 -0.88
N GLU H 47 32.65 -26.83 0.09
CA GLU H 47 32.43 -26.57 1.50
C GLU H 47 33.73 -26.77 2.27
N TYR H 48 34.00 -25.87 3.20
CA TYR H 48 35.25 -25.87 3.96
C TYR H 48 34.97 -26.05 5.44
N PHE H 49 35.84 -26.80 6.10
CA PHE H 49 35.74 -27.08 7.52
C PHE H 49 37.14 -27.29 8.06
N SER H 50 37.41 -26.71 9.23
CA SER H 50 38.70 -26.91 9.90
C SER H 50 39.86 -26.59 8.97
N GLU H 51 39.71 -25.50 8.20
CA GLU H 51 40.72 -24.95 7.29
C GLU H 51 40.99 -25.81 6.07
N THR H 52 40.15 -26.80 5.77
CA THR H 52 40.38 -27.67 4.62
C THR H 52 39.08 -27.90 3.87
N GLN H 53 39.20 -28.16 2.57
CA GLN H 53 38.04 -28.49 1.75
C GLN H 53 37.54 -29.89 2.08
N ARG H 54 36.30 -29.99 2.55
CA ARG H 54 35.72 -31.26 2.95
C ARG H 54 34.75 -31.83 1.92
N ASN H 55 34.06 -30.98 1.16
CA ASN H 55 33.04 -31.39 0.21
C ASN H 55 33.20 -30.54 -1.05
N LYS H 56 33.09 -31.18 -2.21
CA LYS H 56 33.38 -30.48 -3.45
C LYS H 56 32.23 -30.65 -4.45
N GLY H 57 32.01 -29.62 -5.26
CA GLY H 57 31.09 -29.64 -6.37
C GLY H 57 31.75 -30.05 -7.66
N ASN H 58 31.20 -29.60 -8.78
CA ASN H 58 31.69 -30.00 -10.09
C ASN H 58 32.23 -28.82 -10.91
N PHE H 59 32.75 -27.80 -10.24
CA PHE H 59 33.33 -26.69 -10.98
C PHE H 59 34.78 -26.96 -11.33
N PRO H 60 35.29 -26.36 -12.41
CA PRO H 60 36.67 -26.62 -12.82
C PRO H 60 37.66 -26.07 -11.80
N GLY H 61 38.92 -26.48 -11.97
CA GLY H 61 39.96 -26.17 -11.02
C GLY H 61 40.26 -24.70 -10.85
N ARG H 62 39.94 -23.88 -11.85
CA ARG H 62 40.15 -22.44 -11.70
C ARG H 62 39.26 -21.82 -10.63
N PHE H 63 38.22 -22.54 -10.19
CA PHE H 63 37.45 -22.17 -9.01
C PHE H 63 38.06 -22.85 -7.79
N SER H 64 38.56 -22.06 -6.85
CA SER H 64 39.20 -22.60 -5.66
C SER H 64 38.78 -21.77 -4.46
N GLY H 65 39.04 -22.31 -3.27
CA GLY H 65 38.69 -21.62 -2.04
C GLY H 65 39.66 -21.98 -0.93
N ARG H 66 39.45 -21.36 0.23
CA ARG H 66 40.21 -21.72 1.42
C ARG H 66 39.48 -21.15 2.64
N GLN H 67 39.92 -21.61 3.81
CA GLN H 67 39.32 -21.22 5.08
C GLN H 67 40.43 -21.06 6.11
N PHE H 68 40.30 -20.04 6.96
CA PHE H 68 41.33 -19.69 7.91
C PHE H 68 40.93 -20.20 9.30
N SER H 69 41.81 -19.95 10.28
CA SER H 69 41.68 -20.57 11.59
C SER H 69 40.41 -20.13 12.30
N ASN H 70 39.94 -18.91 12.05
CA ASN H 70 38.72 -18.43 12.67
C ASN H 70 37.48 -18.76 11.84
N SER H 71 37.62 -19.65 10.86
CA SER H 71 36.57 -20.20 10.00
C SER H 71 36.12 -19.23 8.91
N ARG H 72 36.66 -18.02 8.84
CA ARG H 72 36.36 -17.17 7.70
C ARG H 72 36.92 -17.81 6.44
N SER H 73 36.27 -17.55 5.31
CA SER H 73 36.57 -18.24 4.08
C SER H 73 36.73 -17.25 2.94
N GLU H 74 37.56 -17.64 1.97
CA GLU H 74 37.71 -16.91 0.72
C GLU H 74 37.56 -17.89 -0.42
N MET H 75 37.05 -17.41 -1.55
CA MET H 75 37.06 -18.18 -2.78
C MET H 75 37.64 -17.32 -3.90
N ASN H 76 38.19 -17.99 -4.90
CA ASN H 76 38.90 -17.32 -5.97
C ASN H 76 38.53 -17.96 -7.29
N VAL H 77 38.40 -17.13 -8.33
CA VAL H 77 38.19 -17.58 -9.70
C VAL H 77 39.28 -16.96 -10.56
N SER H 78 40.12 -17.80 -11.14
CA SER H 78 41.15 -17.35 -12.06
C SER H 78 40.68 -17.55 -13.49
N THR H 79 41.22 -16.74 -14.40
CA THR H 79 40.87 -16.77 -15.82
C THR H 79 39.35 -16.68 -15.99
N LEU H 80 38.83 -15.51 -15.63
CA LEU H 80 37.38 -15.30 -15.63
C LEU H 80 36.83 -15.36 -17.04
N GLU H 81 35.71 -16.06 -17.19
CA GLU H 81 34.97 -16.15 -18.44
C GLU H 81 33.67 -15.37 -18.32
N LEU H 82 33.09 -15.04 -19.47
CA LEU H 82 31.82 -14.31 -19.49
C LEU H 82 30.73 -15.09 -18.77
N GLY H 83 30.74 -16.41 -18.91
CA GLY H 83 29.78 -17.27 -18.23
C GLY H 83 29.94 -17.31 -16.72
N ASP H 84 31.02 -16.77 -16.19
CA ASP H 84 31.19 -16.72 -14.73
C ASP H 84 30.38 -15.62 -14.08
N SER H 85 29.77 -14.73 -14.85
CA SER H 85 28.88 -13.71 -14.29
C SER H 85 27.76 -14.39 -13.52
N ALA H 86 27.63 -14.05 -12.24
CA ALA H 86 26.70 -14.74 -11.37
C ALA H 86 26.63 -14.04 -10.01
N LEU H 87 25.72 -14.52 -9.17
CA LEU H 87 25.69 -14.19 -7.76
C LEU H 87 26.45 -15.30 -7.01
N TYR H 88 27.50 -14.93 -6.30
CA TYR H 88 28.33 -15.90 -5.57
C TYR H 88 27.95 -15.83 -4.11
N LEU H 89 27.38 -16.91 -3.61
CA LEU H 89 26.73 -16.95 -2.31
C LEU H 89 27.58 -17.73 -1.31
N CYS H 90 27.58 -17.24 -0.08
CA CYS H 90 28.24 -17.89 1.04
C CYS H 90 27.18 -18.36 2.02
N ALA H 91 27.31 -19.59 2.50
CA ALA H 91 26.37 -20.14 3.47
C ALA H 91 27.14 -20.77 4.61
N SER H 92 26.62 -20.60 5.83
CA SER H 92 27.29 -20.99 7.06
C SER H 92 26.48 -22.07 7.80
N SER H 93 27.19 -23.01 8.42
CA SER H 93 26.57 -24.05 9.24
C SER H 93 27.42 -24.25 10.48
N LEU H 94 26.74 -24.60 11.59
CA LEU H 94 27.45 -24.82 12.85
C LEU H 94 28.46 -25.95 12.71
N SER H 95 28.03 -27.10 12.18
CA SER H 95 28.89 -28.25 11.93
C SER H 95 29.61 -28.68 13.21
N ALA H 96 28.83 -28.79 14.30
CA ALA H 96 29.41 -29.23 15.56
C ALA H 96 29.63 -30.74 15.62
N SER H 97 29.21 -31.47 14.60
CA SER H 97 29.49 -32.90 14.53
C SER H 97 29.47 -33.31 13.07
N GLY H 98 30.10 -34.45 12.78
CA GLY H 98 30.19 -34.92 11.41
C GLY H 98 28.86 -35.10 10.73
N GLY H 99 28.65 -34.39 9.63
CA GLY H 99 27.43 -34.47 8.85
C GLY H 99 26.45 -33.34 9.09
N ALA H 100 26.60 -32.58 10.18
CA ALA H 100 25.62 -31.56 10.54
C ALA H 100 25.92 -30.24 9.82
N THR H 101 25.81 -30.29 8.49
CA THR H 101 25.82 -29.11 7.64
C THR H 101 24.52 -28.99 6.87
N ASP H 102 23.44 -29.59 7.38
CA ASP H 102 22.17 -29.60 6.66
C ASP H 102 21.53 -28.22 6.62
N THR H 103 21.64 -27.46 7.71
CA THR H 103 21.01 -26.15 7.82
C THR H 103 22.04 -25.07 7.52
N GLN H 104 21.92 -24.43 6.36
CA GLN H 104 22.89 -23.46 5.89
C GLN H 104 22.25 -22.09 5.80
N TYR H 105 22.88 -21.09 6.41
CA TYR H 105 22.42 -19.71 6.44
C TYR H 105 23.26 -18.89 5.47
N PHE H 106 22.61 -18.21 4.53
CA PHE H 106 23.29 -17.54 3.43
C PHE H 106 23.65 -16.10 3.74
N GLY H 107 24.74 -15.65 3.13
CA GLY H 107 25.12 -14.24 3.17
C GLY H 107 24.43 -13.45 2.08
N PRO H 108 24.76 -12.17 1.96
CA PRO H 108 24.09 -11.34 0.94
C PRO H 108 24.50 -11.71 -0.47
N GLY H 109 25.68 -12.29 -0.65
CA GLY H 109 26.14 -12.68 -1.97
C GLY H 109 26.97 -11.60 -2.63
N THR H 110 27.71 -12.01 -3.65
CA THR H 110 28.53 -11.11 -4.45
C THR H 110 28.02 -11.13 -5.88
N ARG H 111 27.57 -9.99 -6.37
CA ARG H 111 27.16 -9.85 -7.77
C ARG H 111 28.39 -9.58 -8.61
N LEU H 112 28.82 -10.57 -9.37
CA LEU H 112 29.99 -10.47 -10.23
C LEU H 112 29.54 -10.41 -11.69
N THR H 113 29.91 -9.35 -12.38
CA THR H 113 29.66 -9.20 -13.81
C THR H 113 31.00 -9.24 -14.54
N VAL H 114 31.13 -10.20 -15.47
CA VAL H 114 32.33 -10.36 -16.28
C VAL H 114 32.03 -9.86 -17.68
N LEU H 115 32.82 -8.91 -18.16
CA LEU H 115 32.64 -8.29 -19.46
C LEU H 115 33.86 -8.56 -20.33
N GLU H 116 33.66 -8.41 -21.65
CA GLU H 116 34.79 -8.47 -22.57
C GLU H 116 35.72 -7.27 -22.38
N ASP H 117 35.13 -6.10 -22.16
CA ASP H 117 35.87 -4.88 -21.86
C ASP H 117 34.95 -3.96 -21.06
N LEU H 118 35.48 -2.80 -20.68
CA LEU H 118 34.75 -1.84 -19.87
C LEU H 118 34.15 -0.70 -20.69
N LYS H 119 34.07 -0.85 -22.01
CA LYS H 119 33.64 0.25 -22.87
C LYS H 119 32.16 0.56 -22.73
N ASN H 120 31.34 -0.39 -22.30
CA ASN H 120 29.90 -0.19 -22.20
C ASN H 120 29.44 0.08 -20.77
N VAL H 121 30.35 0.39 -19.86
CA VAL H 121 30.00 0.67 -18.48
C VAL H 121 29.65 2.15 -18.36
N PHE H 122 28.40 2.43 -17.98
CA PHE H 122 27.88 3.79 -17.87
C PHE H 122 27.10 3.95 -16.57
N PRO H 123 27.28 5.06 -15.87
CA PRO H 123 26.43 5.39 -14.71
C PRO H 123 25.03 5.79 -15.18
N PRO H 124 24.06 5.86 -14.28
CA PRO H 124 22.70 6.23 -14.71
C PRO H 124 22.50 7.73 -14.79
N GLU H 125 21.57 8.11 -15.66
CA GLU H 125 20.96 9.43 -15.63
C GLU H 125 19.64 9.30 -14.86
N VAL H 126 19.41 10.21 -13.93
CA VAL H 126 18.28 10.12 -13.02
C VAL H 126 17.45 11.39 -13.12
N ALA H 127 16.13 11.23 -13.25
CA ALA H 127 15.20 12.34 -13.31
C ALA H 127 13.99 12.02 -12.45
N VAL H 128 13.41 13.07 -11.87
CA VAL H 128 12.19 12.96 -11.08
C VAL H 128 11.07 13.69 -11.82
N PHE H 129 9.90 13.07 -11.87
CA PHE H 129 8.75 13.62 -12.56
C PHE H 129 7.66 13.93 -11.53
N GLU H 130 7.16 15.16 -11.56
CA GLU H 130 6.23 15.67 -10.58
C GLU H 130 4.82 15.10 -10.81
N PRO H 131 4.01 14.98 -9.76
CA PRO H 131 2.65 14.44 -9.93
C PRO H 131 1.81 15.34 -10.82
N SER H 132 0.91 14.72 -11.58
CA SER H 132 0.06 15.47 -12.47
C SER H 132 -1.00 16.22 -11.67
N GLU H 133 -1.41 17.37 -12.20
CA GLU H 133 -2.52 18.09 -11.59
C GLU H 133 -3.79 17.27 -11.64
N ALA H 134 -3.95 16.45 -12.68
CA ALA H 134 -5.16 15.64 -12.83
C ALA H 134 -5.24 14.57 -11.77
N GLU H 135 -4.13 13.91 -11.45
CA GLU H 135 -4.15 12.89 -10.40
C GLU H 135 -4.54 13.51 -9.06
N ILE H 136 -4.03 14.71 -8.77
CA ILE H 136 -4.33 15.37 -7.52
C ILE H 136 -5.82 15.72 -7.44
N SER H 137 -6.37 16.24 -8.53
CA SER H 137 -7.79 16.55 -8.56
C SER H 137 -8.64 15.29 -8.50
N HIS H 138 -8.22 14.24 -9.19
CA HIS H 138 -9.04 13.04 -9.28
C HIS H 138 -8.99 12.20 -8.02
N THR H 139 -7.85 12.19 -7.31
CA THR H 139 -7.66 11.28 -6.18
C THR H 139 -7.21 11.94 -4.88
N GLN H 140 -6.78 13.20 -4.91
CA GLN H 140 -6.16 13.87 -3.75
C GLN H 140 -4.92 13.11 -3.28
N LYS H 141 -4.29 12.37 -4.20
CA LYS H 141 -2.99 11.76 -3.98
C LYS H 141 -2.04 12.25 -5.07
N ALA H 142 -0.75 12.16 -4.79
CA ALA H 142 0.28 12.71 -5.66
C ALA H 142 1.40 11.68 -5.81
N THR H 143 1.60 11.21 -7.04
CA THR H 143 2.63 10.21 -7.31
C THR H 143 3.83 10.88 -7.98
N LEU H 144 4.99 10.78 -7.35
CA LEU H 144 6.25 11.16 -7.98
C LEU H 144 6.87 9.93 -8.62
N VAL H 145 7.45 10.10 -9.79
CA VAL H 145 8.11 9.01 -10.51
C VAL H 145 9.58 9.36 -10.69
N CYS H 146 10.44 8.41 -10.38
CA CYS H 146 11.87 8.53 -10.61
C CYS H 146 12.30 7.56 -11.71
N LEU H 147 13.10 8.05 -12.65
CA LEU H 147 13.53 7.26 -13.79
C LEU H 147 15.05 7.28 -13.85
N ALA H 148 15.66 6.09 -13.83
CA ALA H 148 17.09 5.92 -14.00
C ALA H 148 17.33 5.20 -15.32
N THR H 149 18.12 5.81 -16.20
CA THR H 149 18.27 5.31 -17.56
C THR H 149 19.73 5.25 -17.96
N GLY H 150 20.02 4.37 -18.91
CA GLY H 150 21.32 4.33 -19.53
C GLY H 150 22.45 3.81 -18.66
N PHE H 151 22.15 2.98 -17.67
CA PHE H 151 23.22 2.45 -16.83
C PHE H 151 23.55 1.02 -17.22
N PHE H 152 24.83 0.67 -17.07
CA PHE H 152 25.31 -0.69 -17.34
C PHE H 152 26.58 -0.92 -16.54
N PRO H 153 26.70 -2.05 -15.81
CA PRO H 153 25.63 -3.06 -15.66
C PRO H 153 24.56 -2.62 -14.67
N ASP H 154 23.64 -3.52 -14.34
CA ASP H 154 22.52 -3.19 -13.45
C ASP H 154 22.90 -3.32 -11.99
N HIS H 155 24.00 -2.71 -11.60
CA HIS H 155 24.43 -2.69 -10.20
C HIS H 155 24.00 -1.36 -9.56
N VAL H 156 22.70 -1.25 -9.31
CA VAL H 156 22.13 0.00 -8.83
C VAL H 156 21.25 -0.26 -7.61
N GLU H 157 21.19 0.74 -6.73
CA GLU H 157 20.28 0.74 -5.59
C GLU H 157 19.59 2.10 -5.55
N LEU H 158 18.27 2.08 -5.61
CA LEU H 158 17.46 3.28 -5.62
C LEU H 158 16.82 3.47 -4.25
N SER H 159 16.82 4.71 -3.77
CA SER H 159 16.13 5.05 -2.53
C SER H 159 15.48 6.43 -2.70
N TRP H 160 14.45 6.69 -1.90
CA TRP H 160 13.74 7.96 -1.87
C TRP H 160 14.03 8.67 -0.55
N TRP H 161 14.22 9.98 -0.62
CA TRP H 161 14.50 10.80 0.55
C TRP H 161 13.55 11.98 0.59
N VAL H 162 12.90 12.18 1.74
CA VAL H 162 11.95 13.27 1.94
C VAL H 162 12.42 14.09 3.13
N ASN H 163 12.74 15.37 2.88
CA ASN H 163 13.25 16.28 3.91
C ASN H 163 14.44 15.67 4.64
N GLY H 164 15.36 15.09 3.87
CA GLY H 164 16.60 14.56 4.43
C GLY H 164 16.46 13.26 5.19
N LYS H 165 15.36 12.54 5.02
CA LYS H 165 15.13 11.27 5.69
C LYS H 165 14.66 10.25 4.67
N GLU H 166 15.27 9.07 4.65
CA GLU H 166 14.88 8.03 3.72
C GLU H 166 13.49 7.52 4.09
N VAL H 167 12.66 7.30 3.07
CA VAL H 167 11.29 6.89 3.25
C VAL H 167 11.07 5.55 2.57
N HIS H 168 10.15 4.76 3.10
CA HIS H 168 9.74 3.49 2.53
C HIS H 168 8.24 3.43 2.28
N SER H 169 7.45 4.04 3.16
CA SER H 169 6.01 4.06 2.99
C SER H 169 5.63 4.80 1.71
N GLY H 170 4.81 4.16 0.88
CA GLY H 170 4.37 4.79 -0.35
C GLY H 170 5.32 4.66 -1.51
N VAL H 171 6.35 3.82 -1.39
CA VAL H 171 7.37 3.65 -2.40
C VAL H 171 7.17 2.31 -3.09
N CYS H 172 7.33 2.31 -4.42
CA CYS H 172 7.36 1.08 -5.20
C CYS H 172 8.43 1.23 -6.27
N THR H 173 9.37 0.28 -6.30
CA THR H 173 10.45 0.28 -7.28
C THR H 173 10.35 -0.98 -8.13
N ASP H 174 10.59 -0.84 -9.42
CA ASP H 174 10.54 -1.97 -10.34
C ASP H 174 11.37 -3.12 -9.80
N PRO H 175 10.86 -4.35 -9.81
CA PRO H 175 11.63 -5.47 -9.25
C PRO H 175 12.88 -5.79 -10.05
N GLN H 176 12.88 -5.54 -11.35
CA GLN H 176 14.02 -5.80 -12.20
C GLN H 176 14.20 -4.65 -13.19
N PRO H 177 15.43 -4.29 -13.50
CA PRO H 177 15.66 -3.22 -14.48
C PRO H 177 15.17 -3.62 -15.86
N LEU H 178 14.88 -2.62 -16.68
CA LEU H 178 14.40 -2.81 -18.03
C LEU H 178 15.55 -2.71 -19.02
N LYS H 179 15.60 -3.64 -19.97
CA LYS H 179 16.61 -3.61 -21.02
C LYS H 179 16.19 -2.58 -22.08
N GLU H 180 17.04 -1.57 -22.29
CA GLU H 180 16.69 -0.53 -23.27
C GLU H 180 16.79 -1.04 -24.69
N GLN H 181 17.77 -1.91 -24.98
CA GLN H 181 17.97 -2.51 -26.30
C GLN H 181 17.97 -4.02 -26.15
N PRO H 182 16.79 -4.65 -26.08
CA PRO H 182 16.72 -6.09 -25.78
C PRO H 182 17.50 -6.98 -26.75
N ALA H 183 17.70 -6.54 -27.99
CA ALA H 183 18.37 -7.38 -28.98
C ALA H 183 19.87 -7.46 -28.74
N LEU H 184 20.50 -6.34 -28.35
CA LEU H 184 21.96 -6.27 -28.31
C LEU H 184 22.57 -7.13 -27.21
N ASN H 185 21.80 -7.51 -26.20
CA ASN H 185 22.27 -8.34 -25.08
C ASN H 185 23.36 -7.66 -24.27
N ASP H 186 23.85 -6.50 -24.72
CA ASP H 186 24.77 -5.66 -23.97
C ASP H 186 24.14 -4.29 -23.71
N SER H 187 22.80 -4.25 -23.69
CA SER H 187 22.05 -3.02 -23.57
C SER H 187 22.24 -2.37 -22.21
N ARG H 188 22.23 -1.04 -22.20
CA ARG H 188 22.13 -0.33 -20.95
C ARG H 188 20.71 -0.49 -20.39
N TYR H 189 20.56 -0.27 -19.10
CA TYR H 189 19.32 -0.59 -18.41
C TYR H 189 18.57 0.67 -17.98
N ALA H 190 17.28 0.49 -17.70
CA ALA H 190 16.45 1.54 -17.14
C ALA H 190 15.70 1.00 -15.93
N LEU H 191 15.47 1.88 -14.97
CA LEU H 191 14.78 1.53 -13.73
C LEU H 191 13.89 2.69 -13.30
N SER H 192 12.65 2.39 -12.91
CA SER H 192 11.72 3.40 -12.47
C SER H 192 11.23 3.07 -11.06
N SER H 193 10.78 4.10 -10.37
CA SER H 193 10.25 3.96 -9.02
C SER H 193 9.22 5.05 -8.80
N ARG H 194 8.33 4.80 -7.85
CA ARG H 194 7.23 5.70 -7.56
C ARG H 194 7.23 6.04 -6.08
N LEU H 195 6.88 7.27 -5.76
CA LEU H 195 6.62 7.68 -4.39
C LEU H 195 5.28 8.40 -4.39
N ARG H 196 4.33 7.89 -3.60
CA ARG H 196 2.99 8.46 -3.58
C ARG H 196 2.71 9.00 -2.18
N VAL H 197 2.33 10.27 -2.13
CA VAL H 197 1.99 10.97 -0.90
C VAL H 197 0.62 11.62 -1.09
N SER H 198 0.08 12.14 0.00
CA SER H 198 -1.20 12.84 -0.05
C SER H 198 -1.04 14.17 -0.77
N ALA H 199 -2.18 14.72 -1.21
CA ALA H 199 -2.15 16.02 -1.89
C ALA H 199 -1.63 17.11 -0.96
N THR H 200 -2.03 17.06 0.31
CA THR H 200 -1.58 18.08 1.25
C THR H 200 -0.06 18.05 1.42
N PHE H 201 0.55 16.87 1.38
CA PHE H 201 1.99 16.80 1.54
C PHE H 201 2.70 17.35 0.31
N TRP H 202 2.17 17.06 -0.89
CA TRP H 202 2.78 17.62 -2.10
C TRP H 202 2.53 19.13 -2.20
N GLN H 203 1.41 19.62 -1.68
CA GLN H 203 1.07 21.02 -1.80
C GLN H 203 1.74 21.90 -0.75
N ASN H 204 2.71 21.37 -0.01
CA ASN H 204 3.53 22.17 0.90
C ASN H 204 4.86 22.45 0.24
N PRO H 205 5.12 23.69 -0.20
CA PRO H 205 6.38 23.97 -0.94
C PRO H 205 7.63 23.80 -0.10
N ARG H 206 7.50 23.59 1.21
CA ARG H 206 8.66 23.34 2.05
C ARG H 206 9.12 21.88 2.02
N ASN H 207 8.35 21.00 1.39
CA ASN H 207 8.69 19.59 1.35
C ASN H 207 9.63 19.33 0.17
N HIS H 208 10.74 18.63 0.46
CA HIS H 208 11.78 18.35 -0.52
C HIS H 208 11.82 16.85 -0.78
N PHE H 209 11.67 16.46 -2.05
CA PHE H 209 11.67 15.06 -2.44
C PHE H 209 12.93 14.76 -3.25
N ARG H 210 13.53 13.61 -2.98
CA ARG H 210 14.81 13.27 -3.61
C ARG H 210 14.83 11.78 -3.96
N CYS H 211 15.15 11.50 -5.22
CA CYS H 211 15.42 10.14 -5.67
C CYS H 211 16.93 9.95 -5.80
N GLN H 212 17.46 8.91 -5.15
CA GLN H 212 18.89 8.68 -5.08
C GLN H 212 19.19 7.29 -5.62
N VAL H 213 20.08 7.22 -6.61
CA VAL H 213 20.46 5.96 -7.22
C VAL H 213 21.95 5.76 -6.99
N GLN H 214 22.29 4.75 -6.21
CA GLN H 214 23.68 4.36 -5.99
C GLN H 214 24.11 3.44 -7.12
N PHE H 215 25.19 3.80 -7.82
CA PHE H 215 25.72 3.01 -8.91
C PHE H 215 27.06 2.42 -8.50
N TYR H 216 27.24 1.12 -8.74
CA TYR H 216 28.49 0.42 -8.43
C TYR H 216 29.19 0.12 -9.74
N GLY H 217 30.26 0.87 -10.02
CA GLY H 217 31.01 0.68 -11.24
C GLY H 217 32.49 0.45 -10.98
N LEU H 218 33.34 1.20 -11.66
CA LEU H 218 34.78 1.02 -11.51
C LEU H 218 35.27 1.71 -10.24
N SER H 219 36.40 1.23 -9.73
CA SER H 219 37.00 1.86 -8.57
C SER H 219 37.83 3.07 -8.99
N GLU H 220 38.14 3.92 -8.01
CA GLU H 220 39.02 5.06 -8.27
C GLU H 220 40.39 4.60 -8.74
N ASN H 221 40.86 3.47 -8.22
CA ASN H 221 42.13 2.87 -8.65
C ASN H 221 41.87 1.76 -9.67
N ASP H 222 41.20 2.10 -10.76
CA ASP H 222 40.95 1.17 -11.85
C ASP H 222 41.45 1.78 -13.15
N GLU H 223 42.03 0.94 -14.01
CA GLU H 223 42.56 1.40 -15.29
C GLU H 223 41.43 1.79 -16.24
N TRP H 224 41.58 2.95 -16.89
CA TRP H 224 40.56 3.45 -17.80
C TRP H 224 41.25 4.21 -18.92
N THR H 225 41.14 3.70 -20.14
CA THR H 225 41.76 4.30 -21.33
C THR H 225 40.70 4.54 -22.40
N GLN H 226 39.73 5.38 -22.07
CA GLN H 226 38.64 5.72 -22.98
C GLN H 226 38.48 7.23 -23.02
N ASP H 227 37.80 7.71 -24.06
CA ASP H 227 37.68 9.15 -24.31
C ASP H 227 36.58 9.82 -23.49
N ARG H 228 35.94 9.11 -22.57
CA ARG H 228 34.89 9.68 -21.73
C ARG H 228 35.30 9.57 -20.25
N ALA H 229 34.47 10.14 -19.39
CA ALA H 229 34.74 10.09 -17.95
C ALA H 229 34.63 8.66 -17.44
N LYS H 230 35.54 8.30 -16.54
CA LYS H 230 35.59 6.96 -15.95
C LYS H 230 34.32 6.65 -15.17
N PRO H 231 33.57 5.61 -15.55
CA PRO H 231 32.29 5.33 -14.86
C PRO H 231 32.49 4.78 -13.47
N VAL H 232 32.92 5.64 -12.55
CA VAL H 232 33.26 5.23 -11.20
C VAL H 232 31.98 4.97 -10.41
N THR H 233 32.12 4.22 -9.31
CA THR H 233 31.05 4.09 -8.35
C THR H 233 30.63 5.46 -7.84
N GLN H 234 29.34 5.75 -7.92
CA GLN H 234 28.86 7.11 -7.66
C GLN H 234 27.38 7.07 -7.31
N ILE H 235 26.92 8.18 -6.74
CA ILE H 235 25.52 8.39 -6.41
C ILE H 235 24.97 9.45 -7.35
N VAL H 236 23.94 9.09 -8.11
CA VAL H 236 23.26 10.01 -9.02
C VAL H 236 21.86 10.27 -8.47
N SER H 237 21.52 11.55 -8.32
CA SER H 237 20.30 11.94 -7.64
C SER H 237 19.52 12.96 -8.47
N ALA H 238 18.22 13.01 -8.21
CA ALA H 238 17.32 14.00 -8.80
C ALA H 238 16.29 14.38 -7.74
N GLU H 239 15.75 15.59 -7.87
CA GLU H 239 14.96 16.18 -6.80
C GLU H 239 13.68 16.81 -7.33
N ALA H 240 12.81 17.17 -6.39
CA ALA H 240 11.62 17.95 -6.67
C ALA H 240 11.16 18.60 -5.37
N TRP H 241 10.51 19.74 -5.50
CA TRP H 241 9.96 20.46 -4.36
C TRP H 241 8.45 20.51 -4.50
N GLY H 242 7.76 20.53 -3.36
CA GLY H 242 6.32 20.69 -3.38
C GLY H 242 5.90 22.01 -4.00
N ARG H 243 4.67 22.03 -4.52
CA ARG H 243 4.14 23.20 -5.22
C ARG H 243 2.78 23.57 -4.63
N ALA H 244 2.59 24.87 -4.36
CA ALA H 244 1.30 25.41 -3.94
C ALA H 244 0.62 26.03 -5.15
N ASP H 245 -0.03 25.17 -5.94
CA ASP H 245 -0.76 25.62 -7.12
C ASP H 245 -2.17 25.03 -7.16
C1 NAG I . -7.46 64.02 -5.25
C2 NAG I . -6.41 63.77 -6.36
C3 NAG I . -5.19 63.03 -5.79
C4 NAG I . -4.69 63.68 -4.51
C5 NAG I . -5.85 63.82 -3.52
C6 NAG I . -5.48 64.49 -2.23
C7 NAG I . -7.06 63.38 -8.71
C8 NAG I . -6.39 64.69 -9.03
N2 NAG I . -7.02 63.00 -7.43
O3 NAG I . -4.15 63.05 -6.75
O4 NAG I . -3.66 62.91 -3.92
O5 NAG I . -6.85 64.63 -4.14
O6 NAG I . -4.88 65.77 -2.42
O7 NAG I . -7.60 62.70 -9.57
C1 NAG I . -2.50 63.63 -3.74
C2 NAG I . -1.81 62.83 -2.64
C3 NAG I . -0.48 63.47 -2.27
C4 NAG I . 0.38 63.69 -3.51
C5 NAG I . -0.41 64.42 -4.60
C6 NAG I . 0.35 64.49 -5.92
C7 NAG I . -2.94 61.58 -0.83
C8 NAG I . -2.25 60.35 -1.35
N2 NAG I . -2.67 62.73 -1.48
O3 NAG I . 0.20 62.62 -1.36
O4 NAG I . 1.50 64.50 -3.19
O5 NAG I . -1.64 63.73 -4.87
O6 NAG I . -0.51 64.60 -7.04
O7 NAG I . -3.69 61.55 0.14
C1 MAN I . 2.50 63.55 -3.23
C2 MAN I . 3.35 62.71 -2.28
C3 MAN I . 4.83 63.11 -2.42
C4 MAN I . 5.12 63.69 -3.83
C5 MAN I . 4.27 64.95 -4.09
C6 MAN I . 4.00 65.22 -5.56
O2 MAN I . 3.30 61.32 -2.61
O3 MAN I . 5.67 62.01 -2.15
O4 MAN I . 6.49 64.04 -3.94
O5 MAN I . 2.99 64.85 -3.41
O6 MAN I . 3.06 66.28 -5.67
C1 NAG J . 15.46 -61.30 24.59
C2 NAG J . 16.07 -60.61 25.78
C3 NAG J . 15.03 -60.05 26.76
C4 NAG J . 13.62 -60.63 26.68
C5 NAG J . 13.32 -61.66 25.60
C6 NAG J . 12.45 -61.13 24.48
C7 NAG J . 18.07 -60.96 27.16
C8 NAG J . 18.97 -61.97 27.80
N2 NAG J . 17.03 -61.46 26.47
O3 NAG J . 14.96 -58.63 26.62
O4 NAG J . 13.28 -61.23 27.93
O5 NAG J . 14.50 -62.22 25.02
O6 NAG J . 11.47 -62.06 24.07
O7 NAG J . 18.26 -59.75 27.27
C1 NAG J . 13.76 -60.87 29.16
C2 NAG J . 12.44 -61.56 29.49
C3 NAG J . 12.57 -62.37 30.79
C4 NAG J . 13.80 -61.98 31.60
C5 NAG J . 15.09 -61.96 30.78
C6 NAG J . 15.87 -63.25 30.88
C7 NAG J . 10.10 -60.87 29.22
C8 NAG J . 9.84 -62.24 28.67
N2 NAG J . 11.35 -60.60 29.59
O3 NAG J . 12.61 -63.76 30.47
O4 NAG J . 13.60 -60.71 32.22
O5 NAG J . 14.82 -61.75 29.38
O6 NAG J . 16.91 -63.31 29.91
O7 NAG J . 9.20 -60.04 29.33
C1 FUC J . 10.63 -60.97 23.94
C2 FUC J . 10.33 -60.51 22.51
C3 FUC J . 8.85 -60.10 22.32
C4 FUC J . 8.11 -59.82 23.64
C5 FUC J . 8.25 -61.04 24.58
C6 FUC J . 7.98 -60.72 26.05
O2 FUC J . 10.72 -61.49 21.54
O3 FUC J . 8.76 -58.90 21.54
O4 FUC J . 8.58 -58.62 24.25
O5 FUC J . 9.56 -61.70 24.52
C1 NAG K . 1.78 44.75 -27.24
C2 NAG K . 2.47 43.50 -27.79
C3 NAG K . 3.92 43.80 -28.16
C4 NAG K . 4.00 45.00 -29.09
C5 NAG K . 3.28 46.20 -28.47
C6 NAG K . 3.22 47.39 -29.41
C7 NAG K . 2.55 41.11 -27.18
C8 NAG K . 2.46 40.12 -26.06
N2 NAG K . 2.40 42.40 -26.84
O3 NAG K . 4.52 42.67 -28.77
O4 NAG K . 5.35 45.35 -29.34
O5 NAG K . 1.92 45.84 -28.18
O6 NAG K . 2.35 48.40 -28.92
O7 NAG K . 2.77 40.77 -28.34
C1 GOL L . -36.41 64.84 -2.07
O1 GOL L . -35.98 64.41 -3.31
C2 GOL L . -37.06 63.64 -1.33
O2 GOL L . -38.08 63.06 -2.08
C3 GOL L . -37.56 64.23 0.01
O3 GOL L . -37.87 63.15 0.83
C1 NAG M . -49.99 48.68 -25.11
C2 NAG M . -50.73 49.01 -26.42
C3 NAG M . -52.21 48.65 -26.28
C4 NAG M . -52.38 47.21 -25.81
C5 NAG M . -51.55 46.95 -24.55
C6 NAG M . -51.55 45.49 -24.15
C7 NAG M . -49.70 50.86 -27.66
C8 NAG M . -49.66 52.35 -27.86
N2 NAG M . -50.57 50.41 -26.75
O3 NAG M . -52.89 48.82 -27.53
O4 NAG M . -53.75 46.95 -25.52
O5 NAG M . -50.18 47.31 -24.78
O6 NAG M . -50.62 45.24 -23.09
O7 NAG M . -48.97 50.10 -28.30
C1 GOL N . -25.73 -13.82 -0.21
O1 GOL N . -24.42 -13.68 0.22
C2 GOL N . -25.71 -14.31 -1.67
O2 GOL N . -26.38 -15.51 -1.83
C3 GOL N . -26.37 -13.17 -2.46
O3 GOL N . -25.69 -13.08 -3.68
C1 GOL O . 40.88 -62.50 17.01
O1 GOL O . 41.44 -61.25 17.23
C2 GOL O . 40.30 -62.47 15.59
O2 GOL O . 41.28 -62.19 14.65
C3 GOL O . 39.71 -63.87 15.36
O3 GOL O . 39.63 -64.02 13.99
C1 GOL P . 39.13 -60.32 0.24
O1 GOL P . 39.78 -59.20 -0.29
C2 GOL P . 37.65 -59.91 0.42
O2 GOL P . 37.54 -58.68 1.04
C3 GOL P . 37.00 -61.06 1.23
O3 GOL P . 35.65 -60.74 1.39
C1 NAG Q . 56.78 -51.38 4.70
C2 NAG Q . 57.49 -50.82 5.93
C3 NAG Q . 58.16 -49.48 5.61
C4 NAG Q . 59.05 -49.62 4.38
C5 NAG Q . 58.24 -50.19 3.22
C6 NAG Q . 59.05 -50.43 1.97
C7 NAG Q . 56.75 -51.23 8.24
C8 NAG Q . 55.68 -50.96 9.26
N2 NAG Q . 56.56 -50.67 7.04
O3 NAG Q . 58.95 -49.07 6.72
O4 NAG Q . 59.59 -48.35 4.01
O5 NAG Q . 57.68 -51.45 3.60
O6 NAG Q . 58.23 -50.44 0.82
O7 NAG Q . 57.73 -51.92 8.48
C1 NAG R . 55.37 -32.07 27.97
C2 NAG R . 55.95 -32.42 29.35
C3 NAG R . 57.36 -31.86 29.50
C4 NAG R . 58.24 -32.31 28.34
C5 NAG R . 57.58 -31.95 27.02
C6 NAG R . 58.35 -32.47 25.82
C7 NAG R . 54.76 -30.67 30.64
C8 NAG R . 53.85 -30.41 31.81
N2 NAG R . 55.09 -31.95 30.43
O3 NAG R . 57.92 -32.29 30.73
O4 NAG R . 59.52 -31.70 28.42
O5 NAG R . 56.27 -32.53 26.95
O6 NAG R . 57.84 -31.93 24.61
O7 NAG R . 55.17 -29.76 29.92
C1 GOL S . 34.14 -77.06 19.60
O1 GOL S . 34.92 -77.37 20.70
C2 GOL S . 32.81 -77.80 19.79
O2 GOL S . 33.01 -79.17 19.93
C3 GOL S . 32.01 -77.48 18.54
O3 GOL S . 30.83 -78.21 18.64
C1 GOL T . 6.53 9.91 -22.45
O1 GOL T . 7.90 9.91 -22.18
C2 GOL T . 6.28 10.94 -23.57
O2 GOL T . 6.77 10.51 -24.80
C3 GOL T . 4.74 11.14 -23.60
O3 GOL T . 4.48 12.21 -24.45
C1 GOL U . 22.33 -36.33 -4.65
O1 GOL U . 23.10 -35.19 -4.90
C2 GOL U . 21.27 -35.95 -3.59
O2 GOL U . 21.85 -35.30 -2.51
C3 GOL U . 20.59 -37.28 -3.16
O3 GOL U . 21.49 -37.95 -2.32
#